data_7JRF
#
_entry.id   7JRF
#
_cell.length_a   77.052
_cell.length_b   129.974
_cell.length_c   107.223
_cell.angle_alpha   90.000
_cell.angle_beta   109.110
_cell.angle_gamma   90.000
#
_symmetry.space_group_name_H-M   'P 1 21 1'
#
loop_
_entity.id
_entity.type
_entity.pdbx_description
1 polymer 'Nitrogenase molybdenum-iron protein alpha chain'
2 polymer 'Nitrogenase molybdenum-iron protein beta chain'
3 non-polymer '3-HYDROXY-3-CARBOXY-ADIPIC ACID'
4 non-polymer 'iron-sulfur-molybdenum cluster with interstitial carbon'
5 non-polymer IMIDAZOLE
6 non-polymer 'HYDROSULFURIC ACID'
7 non-polymer 'CARBON MONOXIDE'
8 non-polymer 'FE(8)-S(7) CLUSTER'
9 non-polymer 'CALCIUM ION'
10 non-polymer 'MAGNESIUM ION'
11 water water
#
loop_
_entity_poly.entity_id
_entity_poly.type
_entity_poly.pdbx_seq_one_letter_code
_entity_poly.pdbx_strand_id
1 'polypeptide(L)'
;MTGMSREEVESLIQEVLEVYPEKARKDRNKHLAVNDPAVTQSKKCIISNKKSQPGLMTIRGCAYAGSKGVVWGPIKDMIH
ISHGPVGCGQYSRAGRRNYYIGTTGVNAFVTMNFTSDFQEKDIVFGGDKKLAKLIDEVETLFPLNKGISVQSECPIGLIG
DDIESVSKVKGAELSKTIVPVRCEGFRGVSQSLGHHIANDAVRDWVLGKRDEDTTFASTPYDVAIIGDYNIGGDAWSSRI
LLEEMGLRCVAQWSGDGSISEIELTPKVKLNLVHCYRSMNYISRHMEEKYGIPWMEYNFFGPTKTIESLRAIAAKFDESI
QKKCEEVIAKYKPEWEAVVAKYRPRLEGKRVMLYIGGLRPRHVIGAYEDLGMEVVGTGYEFAHNDDYDRTMKEMGDSTLL
YDDVTGYEFEEFVKRIKPDLIGSGIKEKFIFQKMGIPFREMHSWDYSGPYHGFDGFAIFARDMDMTLNNPCWKKLQAPWE
ASEGAEKVAASA
;
A,C
2 'polypeptide(L)'
;MSQQVDKIKASYPLFLDQDYKDMLAKKRDGFEEKYPQDKIDEVFQWTTTKEYQELNFQREALTVNPAKACQPLGAVLCAL
GFEKTMPYVHGSQGCVAYFRSYFNRHFREPVSCVSDSMTEDAAVFGGQQNMKDGLQNCKATYKPDMIAVSTTCMAEVIGD
DLNAFINNSKKEGFIPDEFPVPFAHTPSFVGSHVTGWDNMFEGIARYFTLKSMDDKVVGSNKKINIVPGFETYLGNFRVI
KRMLSEMGVGYSLLSDPEEVLDTPADGQFRMYAGGTTQEEMKDAPNALNTVLLQPWHLEKTKKFVEGTWKHEVPKLNIPM
GLDWTDEFLMKVSEISGQPIPASLTKERGRLVDMMTDSHTWLHGKRFALWGDPDFVMGLVKFLLELGCEPVHILCHNGNK
RWKKAVDAILAASPYGKNATVYIGKDLWHLRSLVFTDKPDFMIGNSYGKFIQRDTLHKGKEFEVPLIRIGFPIFDRHHLH
RSTTLGYEGAMQILTTLVNSILERLDEETRGMQATDYNHDLVR
;
B,D
#
# COMPACT_ATOMS: atom_id res chain seq x y z
N MET A 4 45.44 3.24 16.44
CA MET A 4 46.38 2.19 15.96
C MET A 4 47.67 2.88 15.51
N SER A 5 48.81 2.31 15.94
CA SER A 5 50.18 2.72 15.58
C SER A 5 50.48 2.26 14.15
N ARG A 6 51.50 2.87 13.54
CA ARG A 6 52.08 2.42 12.26
C ARG A 6 52.43 0.94 12.35
N GLU A 7 52.95 0.47 13.49
CA GLU A 7 53.44 -0.93 13.59
C GLU A 7 52.23 -1.90 13.60
N GLU A 8 51.14 -1.51 14.26
CA GLU A 8 49.87 -2.28 14.33
C GLU A 8 49.20 -2.31 12.95
N VAL A 9 49.21 -1.19 12.22
CA VAL A 9 48.64 -1.22 10.85
C VAL A 9 49.45 -2.15 9.94
N GLU A 10 50.76 -2.09 9.98
CA GLU A 10 51.64 -3.00 9.20
C GLU A 10 51.37 -4.46 9.58
N SER A 11 51.22 -4.76 10.90
CA SER A 11 50.93 -6.12 11.37
C SER A 11 49.57 -6.56 10.84
N LEU A 12 48.57 -5.67 10.83
CA LEU A 12 47.21 -6.01 10.35
C LEU A 12 47.30 -6.37 8.87
N ILE A 13 48.05 -5.59 8.09
CA ILE A 13 48.17 -5.90 6.63
C ILE A 13 48.75 -7.31 6.48
N GLN A 14 49.86 -7.62 7.16
CA GLN A 14 50.50 -8.97 7.01
C GLN A 14 49.53 -10.08 7.46
N GLU A 15 48.82 -9.89 8.57
CA GLU A 15 47.86 -10.90 9.10
C GLU A 15 46.79 -11.23 8.03
N VAL A 16 46.21 -10.19 7.45
CA VAL A 16 45.13 -10.33 6.45
C VAL A 16 45.64 -11.07 5.21
N LEU A 17 46.86 -10.74 4.78
CA LEU A 17 47.46 -11.32 3.55
C LEU A 17 47.81 -12.82 3.73
N GLU A 18 47.79 -13.34 4.96
CA GLU A 18 48.14 -14.75 5.23
C GLU A 18 47.12 -15.70 4.59
N VAL A 19 45.90 -15.26 4.30
CA VAL A 19 44.83 -16.15 3.76
C VAL A 19 45.19 -16.54 2.32
N TYR A 20 45.95 -15.70 1.62
CA TYR A 20 46.04 -15.80 0.14
C TYR A 20 47.07 -16.85 -0.27
N PRO A 21 46.87 -17.48 -1.46
CA PRO A 21 47.93 -18.18 -2.19
C PRO A 21 49.07 -17.19 -2.47
N GLU A 22 50.25 -17.71 -2.73
CA GLU A 22 51.46 -16.88 -2.76
C GLU A 22 51.35 -15.81 -3.87
N LYS A 23 50.88 -16.11 -5.07
CA LYS A 23 50.87 -15.10 -6.17
C LYS A 23 49.96 -13.95 -5.76
N ALA A 24 48.77 -14.24 -5.26
CA ALA A 24 47.85 -13.18 -4.79
C ALA A 24 48.45 -12.39 -3.63
N ARG A 25 49.07 -13.04 -2.64
CA ARG A 25 49.65 -12.36 -1.47
C ARG A 25 50.69 -11.35 -1.97
N LYS A 26 51.60 -11.80 -2.84
CA LYS A 26 52.71 -10.94 -3.33
C LYS A 26 52.12 -9.73 -4.06
N ASP A 27 51.04 -9.95 -4.80
CA ASP A 27 50.44 -8.82 -5.54
C ASP A 27 49.74 -7.87 -4.56
N ARG A 28 48.89 -8.40 -3.70
CA ARG A 28 48.06 -7.54 -2.84
C ARG A 28 48.92 -6.72 -1.90
N ASN A 29 50.07 -7.24 -1.46
CA ASN A 29 51.00 -6.52 -0.59
C ASN A 29 51.34 -5.16 -1.23
N LYS A 30 51.47 -5.14 -2.54
CA LYS A 30 51.94 -3.89 -3.23
C LYS A 30 50.83 -2.82 -3.24
N HIS A 31 49.58 -3.21 -3.00
CA HIS A 31 48.39 -2.32 -3.15
C HIS A 31 47.90 -1.83 -1.79
N LEU A 32 48.64 -2.02 -0.71
CA LEU A 32 48.22 -1.70 0.65
C LEU A 32 49.38 -0.97 1.29
N ALA A 33 49.13 0.16 1.92
CA ALA A 33 50.23 0.99 2.45
C ALA A 33 49.77 1.75 3.70
N VAL A 34 50.72 2.14 4.50
CA VAL A 34 50.48 2.99 5.69
C VAL A 34 50.99 4.35 5.32
N ASN A 35 50.11 5.32 5.44
CA ASN A 35 50.35 6.67 4.93
C ASN A 35 51.55 7.26 5.64
N ASP A 36 52.32 7.91 4.82
CA ASP A 36 53.36 8.86 5.25
C ASP A 36 53.10 10.13 4.41
N PRO A 37 52.51 11.19 5.05
CA PRO A 37 52.12 12.43 4.36
C PRO A 37 53.29 13.23 3.74
N ALA A 38 54.52 12.89 4.06
CA ALA A 38 55.72 13.57 3.50
C ALA A 38 56.02 13.01 2.09
N VAL A 39 55.64 11.76 1.80
CA VAL A 39 55.99 11.19 0.48
C VAL A 39 55.27 11.99 -0.61
N THR A 40 55.93 12.38 -1.72
CA THR A 40 55.29 13.06 -2.87
C THR A 40 55.32 12.14 -4.08
N GLN A 41 56.10 11.04 -3.95
CA GLN A 41 56.12 10.00 -4.96
C GLN A 41 55.46 8.74 -4.38
N SER A 42 54.16 8.65 -4.59
CA SER A 42 53.42 7.45 -4.14
C SER A 42 53.92 6.22 -4.87
N LYS A 43 54.68 6.32 -5.97
CA LYS A 43 55.23 5.10 -6.63
C LYS A 43 56.33 4.49 -5.77
N LYS A 44 56.73 5.10 -4.66
CA LYS A 44 57.60 4.45 -3.63
C LYS A 44 56.82 3.66 -2.61
N CYS A 45 55.49 3.81 -2.54
CA CYS A 45 54.80 3.07 -1.44
CA CYS A 45 54.65 3.31 -1.41
C CYS A 45 53.54 2.35 -1.87
N ILE A 46 52.98 2.60 -3.04
CA ILE A 46 51.79 1.83 -3.46
C ILE A 46 51.74 1.71 -4.96
N ILE A 47 51.29 0.56 -5.43
CA ILE A 47 51.07 0.29 -6.86
C ILE A 47 49.57 0.50 -7.14
N SER A 48 49.22 0.97 -8.33
CA SER A 48 47.80 1.20 -8.67
C SER A 48 47.59 1.01 -10.17
N ASN A 49 46.32 0.96 -10.59
CA ASN A 49 45.98 0.92 -12.01
C ASN A 49 46.61 -0.30 -12.67
N LYS A 50 46.55 -1.42 -11.97
CA LYS A 50 46.96 -2.77 -12.48
C LYS A 50 45.74 -3.66 -12.57
N LYS A 51 45.88 -4.80 -13.21
CA LYS A 51 44.77 -5.79 -13.32
C LYS A 51 44.36 -6.23 -11.92
N SER A 52 43.09 -6.63 -11.77
CA SER A 52 42.60 -7.27 -10.53
C SER A 52 43.05 -8.74 -10.53
N GLN A 53 43.31 -9.26 -9.35
CA GLN A 53 43.60 -10.70 -9.18
C GLN A 53 42.32 -11.49 -9.32
N PRO A 54 42.33 -12.56 -10.12
CA PRO A 54 41.15 -13.39 -10.32
C PRO A 54 40.64 -13.99 -9.00
N GLY A 55 39.31 -13.98 -8.85
CA GLY A 55 38.66 -14.69 -7.75
C GLY A 55 38.58 -13.96 -6.44
N LEU A 56 39.08 -12.72 -6.28
CA LEU A 56 39.20 -12.09 -4.94
C LEU A 56 38.06 -11.08 -4.67
N MET A 57 37.09 -10.97 -5.55
CA MET A 57 35.88 -10.11 -5.31
C MET A 57 36.30 -8.64 -5.25
N THR A 58 37.00 -8.20 -6.30
CA THR A 58 37.14 -6.76 -6.58
C THR A 58 35.76 -6.09 -6.57
N ILE A 59 35.76 -4.81 -6.21
CA ILE A 59 34.57 -3.93 -6.28
C ILE A 59 34.48 -3.22 -7.62
N ARG A 60 35.51 -3.29 -8.43
CA ARG A 60 35.64 -2.59 -9.72
C ARG A 60 34.59 -2.99 -10.72
N GLY A 61 34.25 -2.03 -11.57
CA GLY A 61 33.54 -2.25 -12.82
C GLY A 61 34.44 -2.28 -14.04
N CYS A 62 33.93 -1.86 -15.17
CA CYS A 62 34.59 -2.02 -16.48
C CYS A 62 34.63 -0.70 -17.27
N ALA A 63 35.32 -0.70 -18.39
CA ALA A 63 35.44 0.49 -19.24
C ALA A 63 34.08 1.01 -19.69
N TYR A 64 33.13 0.14 -19.96
CA TYR A 64 31.78 0.56 -20.42
C TYR A 64 31.12 1.36 -19.27
N ALA A 65 31.27 0.93 -18.03
CA ALA A 65 30.81 1.73 -16.87
C ALA A 65 31.45 3.10 -16.91
N GLY A 66 32.75 3.17 -17.14
CA GLY A 66 33.48 4.45 -17.13
C GLY A 66 33.06 5.34 -18.29
N SER A 67 32.70 4.79 -19.45
CA SER A 67 32.35 5.60 -20.61
C SER A 67 30.86 5.88 -20.62
N LYS A 68 30.05 4.83 -20.68
CA LYS A 68 28.59 5.02 -20.76
C LYS A 68 28.01 5.47 -19.42
N GLY A 69 28.34 4.75 -18.37
CA GLY A 69 27.75 5.06 -17.05
C GLY A 69 28.17 6.40 -16.53
N VAL A 70 29.41 6.78 -16.80
CA VAL A 70 30.02 7.93 -16.09
C VAL A 70 30.07 9.15 -17.02
N VAL A 71 30.78 9.09 -18.15
CA VAL A 71 31.07 10.30 -18.94
C VAL A 71 29.90 10.62 -19.89
N TRP A 72 29.48 9.68 -20.75
CA TRP A 72 28.53 9.96 -21.87
C TRP A 72 27.06 9.95 -21.38
N GLY A 73 26.71 8.99 -20.57
CA GLY A 73 25.32 8.76 -20.16
C GLY A 73 24.62 10.02 -19.66
N PRO A 74 25.29 10.87 -18.86
CA PRO A 74 24.65 12.07 -18.33
C PRO A 74 24.26 13.10 -19.39
N ILE A 75 24.90 13.11 -20.57
CA ILE A 75 24.62 14.15 -21.59
C ILE A 75 23.17 13.98 -22.03
N LYS A 76 22.37 15.01 -21.79
CA LYS A 76 20.93 14.76 -21.64
C LYS A 76 20.17 14.78 -22.95
N ASP A 77 20.65 15.55 -23.96
CA ASP A 77 19.92 15.71 -25.21
C ASP A 77 20.50 14.88 -26.34
N MET A 78 21.37 13.95 -26.00
CA MET A 78 21.81 12.87 -26.90
C MET A 78 21.16 11.54 -26.54
N ILE A 79 21.13 10.60 -27.49
CA ILE A 79 20.74 9.21 -27.26
C ILE A 79 21.99 8.35 -27.25
N HIS A 80 22.21 7.66 -26.15
CA HIS A 80 23.39 6.76 -25.94
C HIS A 80 22.94 5.32 -26.17
N ILE A 81 23.52 4.64 -27.13
CA ILE A 81 23.15 3.23 -27.43
C ILE A 81 24.06 2.27 -26.71
N SER A 82 23.52 1.40 -25.88
CA SER A 82 24.31 0.30 -25.29
C SER A 82 24.36 -0.78 -26.33
N HIS A 83 25.50 -0.88 -27.00
CA HIS A 83 25.61 -1.66 -28.26
C HIS A 83 26.25 -3.02 -28.02
N GLY A 84 25.41 -4.06 -28.05
CA GLY A 84 25.82 -5.42 -27.68
C GLY A 84 24.61 -6.08 -27.01
N PRO A 85 24.84 -7.12 -26.22
CA PRO A 85 23.72 -7.84 -25.62
C PRO A 85 23.06 -6.99 -24.52
N VAL A 86 21.94 -7.49 -24.02
CA VAL A 86 20.98 -6.69 -23.21
C VAL A 86 21.49 -6.41 -21.81
N GLY A 87 22.44 -7.13 -21.22
CA GLY A 87 22.68 -6.96 -19.78
C GLY A 87 23.13 -5.55 -19.46
N CYS A 88 24.16 -5.08 -20.14
CA CYS A 88 24.99 -3.97 -19.56
C CYS A 88 24.07 -2.72 -19.45
N GLY A 89 23.28 -2.43 -20.46
CA GLY A 89 22.37 -1.28 -20.48
C GLY A 89 21.29 -1.42 -19.43
N GLN A 90 20.87 -2.64 -19.14
CA GLN A 90 19.78 -2.82 -18.14
C GLN A 90 20.31 -2.62 -16.73
N TYR A 91 21.43 -3.21 -16.36
CA TYR A 91 21.98 -3.02 -15.02
C TYR A 91 22.37 -1.56 -14.79
N SER A 92 22.79 -0.86 -15.83
CA SER A 92 23.23 0.56 -15.68
C SER A 92 22.09 1.55 -15.97
N ARG A 93 20.87 1.07 -16.16
CA ARG A 93 19.75 2.00 -16.41
C ARG A 93 19.33 2.72 -15.12
N ALA A 94 19.57 4.03 -15.10
CA ALA A 94 19.15 4.92 -13.99
C ALA A 94 19.76 4.52 -12.65
N GLY A 95 20.90 3.80 -12.62
CA GLY A 95 21.55 3.51 -11.34
C GLY A 95 22.35 4.67 -10.80
N ARG A 96 22.83 5.55 -11.69
CA ARG A 96 23.67 6.69 -11.28
C ARG A 96 22.81 7.96 -11.36
N ARG A 97 22.85 8.72 -10.28
CA ARG A 97 21.96 9.86 -10.05
C ARG A 97 22.51 11.16 -10.66
N ASN A 98 22.81 11.09 -11.95
CA ASN A 98 23.33 12.25 -12.71
C ASN A 98 22.17 13.12 -13.17
N TYR A 99 21.81 14.07 -12.31
CA TYR A 99 20.53 14.77 -12.43
C TYR A 99 20.53 15.71 -13.62
N TYR A 100 19.33 15.95 -14.13
CA TYR A 100 19.12 16.81 -15.31
C TYR A 100 17.72 17.39 -15.36
N ILE A 101 17.59 18.49 -16.07
CA ILE A 101 16.30 19.13 -16.43
C ILE A 101 16.00 18.77 -17.87
N GLY A 102 14.88 18.14 -18.09
CA GLY A 102 14.42 17.85 -19.43
C GLY A 102 13.09 17.13 -19.47
N THR A 103 12.63 16.83 -20.69
CA THR A 103 11.36 16.11 -20.93
C THR A 103 11.73 14.74 -21.46
N THR A 104 11.72 13.76 -20.54
CA THR A 104 12.36 12.46 -20.83
C THR A 104 11.54 11.71 -21.88
N GLY A 105 12.21 11.19 -22.88
CA GLY A 105 11.57 10.49 -24.00
C GLY A 105 11.26 11.45 -25.14
N VAL A 106 11.45 12.75 -24.92
CA VAL A 106 11.06 13.76 -25.95
C VAL A 106 12.30 14.58 -26.29
N ASN A 107 12.85 15.38 -25.37
CA ASN A 107 14.09 16.14 -25.68
C ASN A 107 15.30 15.66 -24.89
N ALA A 108 15.07 14.83 -23.87
CA ALA A 108 16.15 14.34 -23.01
C ALA A 108 15.97 12.85 -22.81
N PHE A 109 17.03 12.09 -22.50
CA PHE A 109 16.95 10.63 -22.66
C PHE A 109 17.74 9.88 -21.60
N VAL A 110 18.12 10.56 -20.52
CA VAL A 110 19.19 10.03 -19.62
C VAL A 110 18.79 8.74 -18.93
N THR A 111 17.57 8.62 -18.41
CA THR A 111 17.16 7.45 -17.60
C THR A 111 16.54 6.36 -18.49
N MET A 112 16.58 6.49 -19.81
CA MET A 112 16.11 5.46 -20.75
C MET A 112 17.26 4.48 -21.07
N ASN A 113 16.92 3.27 -21.46
CA ASN A 113 17.92 2.28 -21.90
C ASN A 113 17.69 1.93 -23.36
N PHE A 114 18.46 2.53 -24.26
CA PHE A 114 18.51 2.21 -25.69
C PHE A 114 19.57 1.16 -25.94
N THR A 115 19.18 0.08 -26.64
CA THR A 115 20.12 -1.06 -26.85
C THR A 115 19.87 -1.70 -28.21
N SER A 116 20.95 -2.30 -28.72
CA SER A 116 20.84 -3.16 -29.92
C SER A 116 20.52 -4.63 -29.52
N ASP A 117 20.46 -5.01 -28.25
CA ASP A 117 19.98 -6.35 -27.80
C ASP A 117 20.54 -7.49 -28.66
N PHE A 118 21.84 -7.61 -28.71
CA PHE A 118 22.49 -8.59 -29.58
C PHE A 118 21.91 -9.98 -29.28
N GLN A 119 21.62 -10.66 -30.39
CA GLN A 119 21.28 -12.09 -30.43
C GLN A 119 22.40 -12.88 -31.10
N GLU A 120 22.26 -14.19 -31.19
CA GLU A 120 23.35 -15.02 -31.73
C GLU A 120 23.64 -14.61 -33.18
N LYS A 121 22.64 -14.30 -33.99
CA LYS A 121 22.92 -13.91 -35.37
C LYS A 121 23.84 -12.70 -35.42
N ASP A 122 23.68 -11.76 -34.50
CA ASP A 122 24.49 -10.51 -34.48
C ASP A 122 25.94 -10.86 -34.13
N ILE A 123 26.15 -11.77 -33.19
CA ILE A 123 27.52 -12.23 -32.80
C ILE A 123 28.21 -12.91 -33.99
N VAL A 124 27.49 -13.81 -34.68
CA VAL A 124 28.01 -14.71 -35.75
C VAL A 124 28.26 -13.91 -37.00
N PHE A 125 27.39 -12.98 -37.35
CA PHE A 125 27.47 -12.26 -38.63
C PHE A 125 27.76 -10.77 -38.51
N GLY A 126 27.84 -10.23 -37.30
CA GLY A 126 28.16 -8.81 -37.07
C GLY A 126 26.93 -7.97 -36.80
N GLY A 127 27.11 -6.87 -36.07
CA GLY A 127 26.05 -5.94 -35.71
C GLY A 127 25.99 -4.65 -36.49
N ASP A 128 26.83 -4.46 -37.51
CA ASP A 128 26.89 -3.15 -38.20
C ASP A 128 25.61 -2.83 -38.97
N LYS A 129 25.02 -3.81 -39.66
CA LYS A 129 23.73 -3.59 -40.37
C LYS A 129 22.64 -3.27 -39.35
N LYS A 130 22.64 -3.99 -38.26
CA LYS A 130 21.66 -3.76 -37.18
C LYS A 130 21.84 -2.34 -36.62
N LEU A 131 23.08 -1.90 -36.44
CA LEU A 131 23.37 -0.54 -35.89
C LEU A 131 22.83 0.51 -36.88
N ALA A 132 23.05 0.36 -38.18
CA ALA A 132 22.58 1.39 -39.12
C ALA A 132 21.06 1.48 -39.09
N LYS A 133 20.39 0.34 -39.04
CA LYS A 133 18.90 0.30 -39.01
C LYS A 133 18.45 0.94 -37.69
N LEU A 134 19.12 0.60 -36.60
CA LEU A 134 18.76 1.14 -35.26
C LEU A 134 18.81 2.65 -35.30
N ILE A 135 19.83 3.23 -35.90
CA ILE A 135 19.99 4.70 -36.02
C ILE A 135 18.79 5.28 -36.75
N ASP A 136 18.35 4.67 -37.86
CA ASP A 136 17.16 5.20 -38.56
C ASP A 136 15.91 5.11 -37.67
N GLU A 137 15.78 4.06 -36.91
CA GLU A 137 14.63 3.89 -36.01
C GLU A 137 14.65 4.96 -34.92
N VAL A 138 15.80 5.24 -34.37
CA VAL A 138 15.98 6.30 -33.36
C VAL A 138 15.54 7.61 -34.00
N GLU A 139 16.02 7.94 -35.18
CA GLU A 139 15.67 9.23 -35.81
C GLU A 139 14.17 9.37 -35.99
N THR A 140 13.49 8.32 -36.39
CA THR A 140 12.03 8.35 -36.59
C THR A 140 11.33 8.62 -35.26
N LEU A 141 11.67 7.86 -34.25
CA LEU A 141 10.86 7.75 -33.00
C LEU A 141 11.30 8.79 -31.97
N PHE A 142 12.46 9.38 -32.13
CA PHE A 142 13.02 10.36 -31.17
C PHE A 142 13.59 11.54 -31.96
N PRO A 143 12.74 12.26 -32.71
CA PRO A 143 13.25 13.26 -33.67
C PRO A 143 13.98 14.46 -33.03
N LEU A 144 13.74 14.75 -31.75
CA LEU A 144 14.41 15.88 -31.08
C LEU A 144 15.76 15.51 -30.49
N ASN A 145 16.23 14.28 -30.65
CA ASN A 145 17.61 13.98 -30.21
C ASN A 145 18.57 14.89 -30.99
N LYS A 146 19.61 15.32 -30.31
CA LYS A 146 20.59 16.27 -30.88
C LYS A 146 21.94 15.55 -31.14
N GLY A 147 21.95 14.22 -31.19
CA GLY A 147 23.15 13.43 -31.44
C GLY A 147 23.05 12.05 -30.83
N ILE A 148 23.81 11.09 -31.33
CA ILE A 148 23.78 9.69 -30.88
C ILE A 148 25.19 9.30 -30.51
N SER A 149 25.37 8.57 -29.43
CA SER A 149 26.64 7.89 -29.14
C SER A 149 26.41 6.38 -29.21
N VAL A 150 27.46 5.63 -29.53
CA VAL A 150 27.43 4.15 -29.66
C VAL A 150 28.39 3.64 -28.60
N GLN A 151 27.87 3.12 -27.49
CA GLN A 151 28.67 2.67 -26.37
C GLN A 151 28.94 1.17 -26.48
N SER A 152 30.12 0.81 -26.94
CA SER A 152 30.44 -0.59 -27.24
C SER A 152 30.51 -1.44 -26.00
N GLU A 153 29.82 -2.60 -26.03
CA GLU A 153 29.98 -3.65 -24.98
C GLU A 153 30.92 -4.75 -25.49
N CYS A 154 31.32 -5.63 -24.56
CA CYS A 154 32.39 -6.60 -24.83
C CYS A 154 32.38 -7.14 -26.27
N PRO A 155 31.26 -7.65 -26.87
CA PRO A 155 31.41 -8.40 -28.12
C PRO A 155 31.86 -7.58 -29.35
N ILE A 156 31.66 -6.26 -29.36
CA ILE A 156 31.80 -5.45 -30.60
C ILE A 156 33.24 -5.57 -31.16
N GLY A 157 34.28 -5.31 -30.38
CA GLY A 157 35.66 -5.45 -30.88
C GLY A 157 36.03 -6.89 -31.05
N LEU A 158 35.50 -7.77 -30.23
CA LEU A 158 35.89 -9.20 -30.32
C LEU A 158 35.40 -9.80 -31.62
N ILE A 159 34.31 -9.34 -32.20
CA ILE A 159 33.71 -9.90 -33.42
C ILE A 159 34.16 -9.10 -34.65
N GLY A 160 34.88 -8.01 -34.45
CA GLY A 160 35.46 -7.23 -35.54
C GLY A 160 34.49 -6.30 -36.25
N ASP A 161 33.45 -5.82 -35.55
CA ASP A 161 32.52 -4.85 -36.17
C ASP A 161 33.25 -3.51 -36.39
N ASP A 162 32.73 -2.70 -37.26
CA ASP A 162 33.34 -1.40 -37.66
C ASP A 162 32.35 -0.26 -37.36
N ILE A 163 32.17 0.06 -36.06
CA ILE A 163 31.15 1.07 -35.68
C ILE A 163 31.58 2.46 -36.12
N GLU A 164 32.89 2.67 -36.37
CA GLU A 164 33.40 3.96 -36.85
C GLU A 164 32.86 4.19 -38.26
N SER A 165 32.97 3.19 -39.13
CA SER A 165 32.41 3.33 -40.48
C SER A 165 30.91 3.65 -40.43
N VAL A 166 30.17 2.91 -39.62
CA VAL A 166 28.68 3.16 -39.56
C VAL A 166 28.45 4.58 -39.07
N SER A 167 29.23 5.02 -38.08
CA SER A 167 29.02 6.37 -37.51
C SER A 167 29.27 7.43 -38.59
N LYS A 168 30.34 7.27 -39.36
CA LYS A 168 30.73 8.27 -40.39
C LYS A 168 29.66 8.30 -41.48
N VAL A 169 29.27 7.13 -41.99
CA VAL A 169 28.34 7.02 -43.14
C VAL A 169 26.96 7.53 -42.70
N LYS A 170 26.44 7.05 -41.55
CA LYS A 170 25.11 7.48 -41.08
C LYS A 170 25.17 8.96 -40.69
N GLY A 171 26.24 9.41 -40.01
CA GLY A 171 26.32 10.83 -39.63
C GLY A 171 26.31 11.73 -40.84
N ALA A 172 26.97 11.33 -41.93
CA ALA A 172 26.95 12.15 -43.16
C ALA A 172 25.54 12.13 -43.78
N GLU A 173 24.90 10.96 -43.82
CA GLU A 173 23.56 10.79 -44.44
C GLU A 173 22.57 11.68 -43.70
N LEU A 174 22.62 11.70 -42.36
CA LEU A 174 21.57 12.35 -41.53
C LEU A 174 21.96 13.76 -41.07
N SER A 175 23.15 14.25 -41.43
CA SER A 175 23.72 15.53 -40.93
C SER A 175 23.60 15.54 -39.41
N LYS A 176 24.16 14.53 -38.78
CA LYS A 176 23.99 14.26 -37.33
C LYS A 176 25.33 13.91 -36.71
N THR A 177 25.56 14.36 -35.50
CA THR A 177 26.72 13.87 -34.73
C THR A 177 26.42 12.46 -34.24
N ILE A 178 27.19 11.49 -34.72
CA ILE A 178 27.10 10.08 -34.26
C ILE A 178 28.50 9.70 -33.77
N VAL A 179 28.59 9.33 -32.50
CA VAL A 179 29.91 9.18 -31.86
C VAL A 179 30.18 7.70 -31.55
N PRO A 180 31.14 7.07 -32.24
CA PRO A 180 31.52 5.69 -31.90
C PRO A 180 32.45 5.68 -30.70
N VAL A 181 32.12 4.87 -29.69
CA VAL A 181 32.96 4.77 -28.46
C VAL A 181 33.36 3.33 -28.24
N ARG A 182 34.66 3.08 -28.29
CA ARG A 182 35.23 1.73 -28.11
C ARG A 182 35.54 1.49 -26.65
N CYS A 183 34.48 1.43 -25.83
CA CYS A 183 34.59 1.26 -24.38
C CYS A 183 34.25 -0.17 -23.97
N GLU A 184 34.55 -1.15 -24.86
CA GLU A 184 34.32 -2.56 -24.49
C GLU A 184 34.94 -2.91 -23.15
N GLY A 185 34.22 -3.67 -22.30
CA GLY A 185 34.64 -3.97 -20.93
C GLY A 185 35.90 -4.81 -20.86
N PHE A 186 36.33 -5.44 -21.97
CA PHE A 186 37.58 -6.22 -21.98
C PHE A 186 38.79 -5.26 -22.04
N ARG A 187 38.59 -3.98 -22.33
CA ARG A 187 39.69 -2.98 -22.41
C ARG A 187 40.08 -2.48 -21.02
N GLY A 188 41.37 -2.25 -20.81
CA GLY A 188 41.84 -1.76 -19.52
C GLY A 188 41.57 -2.74 -18.39
N VAL A 189 41.42 -2.19 -17.19
CA VAL A 189 41.39 -3.00 -15.94
C VAL A 189 40.22 -2.59 -15.04
N SER A 190 39.47 -1.57 -15.42
CA SER A 190 38.55 -0.85 -14.51
C SER A 190 37.74 0.14 -15.31
N GLN A 191 36.99 0.96 -14.59
CA GLN A 191 36.25 2.12 -15.15
C GLN A 191 37.23 3.12 -15.77
N SER A 192 38.45 3.20 -15.27
CA SER A 192 39.37 4.31 -15.59
C SER A 192 39.60 4.38 -17.07
N LEU A 193 39.92 3.29 -17.77
CA LEU A 193 40.25 3.43 -19.20
C LEU A 193 39.01 3.90 -19.97
N GLY A 194 37.83 3.52 -19.49
CA GLY A 194 36.56 4.05 -20.06
C GLY A 194 36.51 5.57 -20.05
N HIS A 195 36.97 6.20 -18.98
CA HIS A 195 37.07 7.68 -18.91
C HIS A 195 37.92 8.19 -20.08
N HIS A 196 39.09 7.61 -20.23
CA HIS A 196 40.07 8.10 -21.22
C HIS A 196 39.56 7.89 -22.65
N ILE A 197 39.02 6.73 -22.93
CA ILE A 197 38.38 6.43 -24.22
C ILE A 197 37.27 7.44 -24.45
N ALA A 198 36.45 7.68 -23.44
CA ALA A 198 35.33 8.61 -23.62
C ALA A 198 35.82 10.03 -23.90
N ASN A 199 36.84 10.48 -23.17
CA ASN A 199 37.38 11.85 -23.37
C ASN A 199 37.90 11.97 -24.80
N ASP A 200 38.61 10.94 -25.28
CA ASP A 200 39.17 11.02 -26.65
C ASP A 200 38.04 11.00 -27.68
N ALA A 201 36.92 10.32 -27.41
CA ALA A 201 35.77 10.35 -28.33
C ALA A 201 35.11 11.73 -28.37
N VAL A 202 35.01 12.40 -27.22
CA VAL A 202 34.49 13.79 -27.21
C VAL A 202 35.43 14.65 -28.07
N ARG A 203 36.74 14.54 -27.83
CA ARG A 203 37.75 15.32 -28.61
C ARG A 203 37.53 15.06 -30.11
N ASP A 204 37.45 13.79 -30.50
CA ASP A 204 37.55 13.40 -31.93
C ASP A 204 36.24 13.65 -32.68
N TRP A 205 35.08 13.67 -32.02
CA TRP A 205 33.81 13.64 -32.75
C TRP A 205 32.91 14.83 -32.41
N VAL A 206 33.14 15.54 -31.33
CA VAL A 206 32.19 16.61 -30.86
C VAL A 206 32.88 17.96 -30.69
N LEU A 207 34.04 17.97 -30.01
CA LEU A 207 34.56 19.22 -29.40
C LEU A 207 34.97 20.25 -30.45
N GLY A 208 35.39 19.82 -31.62
CA GLY A 208 35.86 20.71 -32.68
C GLY A 208 34.80 21.30 -33.58
N LYS A 209 33.52 21.02 -33.32
CA LYS A 209 32.46 21.36 -34.29
C LYS A 209 32.44 22.88 -34.52
N ARG A 210 32.68 23.70 -33.49
CA ARG A 210 32.53 25.17 -33.63
C ARG A 210 33.90 25.87 -33.77
N ASP A 211 34.93 25.12 -34.12
CA ASP A 211 36.31 25.68 -34.23
C ASP A 211 36.37 26.91 -35.17
N GLU A 212 35.57 26.93 -36.22
CA GLU A 212 35.56 28.09 -37.19
C GLU A 212 34.45 29.09 -36.89
N ASP A 213 33.69 28.89 -35.84
CA ASP A 213 32.47 29.71 -35.61
C ASP A 213 32.79 30.88 -34.68
N THR A 214 32.39 32.11 -35.02
CA THR A 214 32.71 33.32 -34.22
C THR A 214 31.44 33.95 -33.66
N THR A 215 30.33 33.23 -33.60
CA THR A 215 29.02 33.84 -33.22
C THR A 215 28.82 33.78 -31.71
N PHE A 216 29.68 33.13 -30.92
CA PHE A 216 29.47 33.09 -29.47
C PHE A 216 29.86 34.43 -28.85
N ALA A 217 28.98 34.99 -28.05
CA ALA A 217 29.23 36.24 -27.28
C ALA A 217 29.97 35.90 -26.00
N SER A 218 31.27 35.91 -26.07
CA SER A 218 32.18 35.61 -24.93
C SER A 218 32.26 36.78 -23.94
N THR A 219 32.63 36.48 -22.71
CA THR A 219 32.89 37.43 -21.61
C THR A 219 34.19 37.03 -20.96
N PRO A 220 34.79 37.94 -20.17
CA PRO A 220 36.06 37.65 -19.49
C PRO A 220 35.85 36.61 -18.37
N TYR A 221 34.60 36.35 -18.00
CA TYR A 221 34.27 35.55 -16.80
C TYR A 221 33.71 34.19 -17.15
N ASP A 222 33.92 33.73 -18.37
CA ASP A 222 33.36 32.44 -18.84
C ASP A 222 34.22 31.28 -18.35
N VAL A 223 33.55 30.33 -17.70
CA VAL A 223 34.20 29.11 -17.21
C VAL A 223 33.38 27.89 -17.58
N ALA A 224 34.01 26.72 -17.48
CA ALA A 224 33.29 25.44 -17.56
C ALA A 224 33.58 24.67 -16.29
N ILE A 225 32.58 23.96 -15.80
CA ILE A 225 32.75 22.97 -14.73
C ILE A 225 33.04 21.63 -15.40
N ILE A 226 34.24 21.15 -15.17
CA ILE A 226 34.77 19.94 -15.85
C ILE A 226 34.80 18.80 -14.82
N GLY A 227 34.07 17.73 -15.03
CA GLY A 227 34.14 16.58 -14.11
C GLY A 227 33.26 16.77 -12.90
N ASP A 228 32.01 17.19 -13.12
CA ASP A 228 30.95 17.12 -12.08
C ASP A 228 29.74 16.53 -12.79
N TYR A 229 29.30 15.39 -12.25
CA TYR A 229 28.25 14.62 -12.91
C TYR A 229 26.90 14.86 -12.21
N ASN A 230 26.88 15.88 -11.38
CA ASN A 230 25.63 16.43 -10.83
C ASN A 230 24.85 15.36 -10.04
N ILE A 231 25.57 14.59 -9.24
CA ILE A 231 24.93 13.53 -8.42
C ILE A 231 24.02 14.22 -7.38
N GLY A 232 22.73 13.91 -7.46
CA GLY A 232 21.76 14.56 -6.60
C GLY A 232 21.75 16.09 -6.72
N GLY A 233 22.24 16.64 -7.81
CA GLY A 233 22.27 18.08 -8.03
C GLY A 233 23.55 18.77 -7.62
N ASP A 234 24.60 18.01 -7.37
CA ASP A 234 25.93 18.55 -6.92
C ASP A 234 26.43 19.69 -7.81
N ALA A 235 26.28 19.57 -9.12
CA ALA A 235 26.82 20.60 -10.04
C ALA A 235 26.00 21.88 -9.93
N TRP A 236 24.70 21.77 -9.73
CA TRP A 236 23.83 22.96 -9.56
C TRP A 236 24.18 23.71 -8.29
N SER A 237 24.47 23.01 -7.19
CA SER A 237 24.87 23.67 -5.92
CA SER A 237 24.86 23.68 -5.91
C SER A 237 26.31 24.18 -5.93
N SER A 238 27.02 23.88 -7.01
CA SER A 238 28.38 24.44 -7.31
C SER A 238 28.20 25.67 -8.21
N ARG A 239 27.50 25.46 -9.32
CA ARG A 239 27.24 26.53 -10.31
C ARG A 239 26.71 27.77 -9.64
N ILE A 240 25.78 27.61 -8.71
CA ILE A 240 25.13 28.81 -8.10
C ILE A 240 26.21 29.68 -7.46
N LEU A 241 27.18 29.10 -6.77
CA LEU A 241 28.22 29.90 -6.09
C LEU A 241 29.14 30.57 -7.13
N LEU A 242 29.51 29.86 -8.19
CA LEU A 242 30.44 30.44 -9.22
C LEU A 242 29.72 31.65 -9.84
N GLU A 243 28.43 31.56 -10.08
CA GLU A 243 27.70 32.65 -10.70
C GLU A 243 27.38 33.75 -9.68
N GLU A 244 27.20 33.47 -8.42
CA GLU A 244 27.08 34.54 -7.41
C GLU A 244 28.40 35.30 -7.33
N MET A 245 29.54 34.65 -7.57
CA MET A 245 30.88 35.25 -7.57
C MET A 245 31.12 36.06 -8.88
N GLY A 246 30.18 36.06 -9.83
CA GLY A 246 30.29 36.90 -11.03
C GLY A 246 30.75 36.16 -12.27
N LEU A 247 31.02 34.85 -12.14
CA LEU A 247 31.43 34.07 -13.31
C LEU A 247 30.19 33.63 -14.10
N ARG A 248 30.45 33.16 -15.29
CA ARG A 248 29.41 32.70 -16.22
C ARG A 248 29.76 31.25 -16.57
N CYS A 249 28.93 30.31 -16.10
CA CYS A 249 29.23 28.87 -16.34
CA CYS A 249 29.22 28.88 -16.33
C CYS A 249 28.67 28.43 -17.68
N VAL A 250 29.48 28.44 -18.70
CA VAL A 250 29.10 28.11 -20.07
C VAL A 250 28.70 26.64 -20.18
N ALA A 251 29.41 25.75 -19.49
CA ALA A 251 29.23 24.30 -19.64
C ALA A 251 29.45 23.57 -18.32
N GLN A 252 28.74 22.46 -18.22
CA GLN A 252 28.88 21.42 -17.16
C GLN A 252 29.19 20.07 -17.83
N TRP A 253 30.36 19.54 -17.54
CA TRP A 253 30.77 18.22 -18.09
C TRP A 253 30.71 17.18 -17.00
N SER A 254 29.73 16.25 -17.04
CA SER A 254 28.62 16.17 -17.99
C SER A 254 27.26 16.12 -17.27
N GLY A 255 27.23 16.39 -15.96
CA GLY A 255 25.95 16.33 -15.24
C GLY A 255 25.05 17.46 -15.71
N ASP A 256 23.84 17.16 -16.10
CA ASP A 256 22.90 18.14 -16.69
C ASP A 256 23.51 18.76 -17.94
N GLY A 257 24.40 18.04 -18.61
CA GLY A 257 25.09 18.62 -19.76
C GLY A 257 24.33 18.43 -21.03
N SER A 258 24.47 19.40 -21.90
CA SER A 258 23.92 19.38 -23.26
C SER A 258 25.05 19.30 -24.30
N ILE A 259 24.76 18.77 -25.48
CA ILE A 259 25.81 18.71 -26.54
C ILE A 259 26.25 20.14 -26.88
N SER A 260 25.36 21.12 -26.92
CA SER A 260 25.77 22.49 -27.32
C SER A 260 26.74 23.02 -26.28
N GLU A 261 26.51 22.78 -24.98
CA GLU A 261 27.42 23.41 -24.01
C GLU A 261 28.80 22.75 -24.13
N ILE A 262 28.86 21.46 -24.47
CA ILE A 262 30.15 20.79 -24.73
C ILE A 262 30.83 21.50 -25.93
N GLU A 263 30.09 21.71 -27.01
CA GLU A 263 30.64 22.36 -28.21
C GLU A 263 31.07 23.81 -27.95
N LEU A 264 30.46 24.49 -26.98
CA LEU A 264 30.85 25.88 -26.64
C LEU A 264 32.05 25.95 -25.69
N THR A 265 32.48 24.82 -25.11
CA THR A 265 33.48 24.85 -24.06
C THR A 265 34.79 25.44 -24.59
N PRO A 266 35.23 25.17 -25.84
CA PRO A 266 36.49 25.76 -26.31
C PRO A 266 36.52 27.28 -26.28
N LYS A 267 35.38 27.93 -26.06
CA LYS A 267 35.27 29.39 -26.07
C LYS A 267 35.47 29.99 -24.67
N VAL A 268 35.61 29.16 -23.62
CA VAL A 268 35.72 29.66 -22.24
C VAL A 268 37.13 30.20 -21.91
N LYS A 269 37.24 30.89 -20.78
CA LYS A 269 38.51 31.45 -20.30
C LYS A 269 39.27 30.47 -19.38
N LEU A 270 38.54 29.61 -18.68
CA LEU A 270 39.13 28.76 -17.61
C LEU A 270 38.29 27.51 -17.41
N ASN A 271 38.95 26.37 -17.43
CA ASN A 271 38.35 25.05 -17.11
C ASN A 271 38.56 24.74 -15.64
N LEU A 272 37.45 24.53 -14.93
CA LEU A 272 37.45 24.25 -13.47
C LEU A 272 37.28 22.74 -13.34
N VAL A 273 38.30 22.04 -12.91
CA VAL A 273 38.32 20.55 -12.87
C VAL A 273 38.03 20.11 -11.43
N HIS A 274 36.89 19.44 -11.26
CA HIS A 274 36.56 18.78 -9.99
C HIS A 274 37.08 17.35 -10.06
N CYS A 275 36.50 16.50 -10.86
CA CYS A 275 37.02 15.14 -11.05
C CYS A 275 38.24 15.12 -11.99
N TYR A 276 39.41 15.17 -11.35
CA TYR A 276 40.69 15.08 -12.06
C TYR A 276 40.80 13.74 -12.80
N ARG A 277 40.47 12.65 -12.11
CA ARG A 277 40.70 11.32 -12.70
C ARG A 277 39.99 11.24 -14.02
N SER A 278 38.70 11.58 -14.06
CA SER A 278 37.89 11.27 -15.25
C SER A 278 38.05 12.27 -16.39
N MET A 279 38.49 13.50 -16.12
CA MET A 279 38.45 14.63 -17.09
CA MET A 279 38.50 14.53 -17.20
C MET A 279 39.79 15.37 -17.24
N ASN A 280 40.84 14.91 -16.61
CA ASN A 280 42.14 15.59 -16.81
C ASN A 280 42.53 15.50 -18.28
N TYR A 281 42.17 14.41 -18.96
CA TYR A 281 42.60 14.13 -20.38
C TYR A 281 42.12 15.26 -21.30
N ILE A 282 40.82 15.52 -21.28
CA ILE A 282 40.26 16.54 -22.18
C ILE A 282 40.69 17.94 -21.69
N SER A 283 40.99 18.11 -20.40
CA SER A 283 41.45 19.41 -19.91
C SER A 283 42.82 19.73 -20.47
N ARG A 284 43.70 18.75 -20.45
CA ARG A 284 45.03 18.92 -21.08
C ARG A 284 44.88 19.17 -22.59
N HIS A 285 44.00 18.45 -23.28
CA HIS A 285 43.77 18.69 -24.71
C HIS A 285 43.37 20.15 -24.92
N MET A 286 42.42 20.66 -24.16
CA MET A 286 41.92 22.03 -24.36
C MET A 286 43.02 23.04 -24.11
N GLU A 287 43.89 22.81 -23.16
CA GLU A 287 45.01 23.74 -22.95
C GLU A 287 45.89 23.70 -24.20
N GLU A 288 46.22 22.52 -24.66
CA GLU A 288 47.10 22.28 -25.83
CA GLU A 288 47.17 22.40 -25.79
C GLU A 288 46.57 23.01 -27.07
N LYS A 289 45.33 22.71 -27.42
CA LYS A 289 44.75 23.14 -28.71
C LYS A 289 44.20 24.56 -28.63
N TYR A 290 43.54 24.94 -27.55
CA TYR A 290 42.82 26.24 -27.47
C TYR A 290 43.49 27.22 -26.52
N GLY A 291 44.50 26.80 -25.78
CA GLY A 291 45.19 27.68 -24.83
C GLY A 291 44.38 27.96 -23.58
N ILE A 292 43.38 27.13 -23.30
CA ILE A 292 42.54 27.33 -22.07
C ILE A 292 43.25 26.74 -20.86
N PRO A 293 43.56 27.53 -19.83
CA PRO A 293 44.14 26.98 -18.63
C PRO A 293 43.09 26.17 -17.84
N TRP A 294 43.57 25.25 -17.02
CA TRP A 294 42.67 24.49 -16.16
C TRP A 294 43.24 24.44 -14.76
N MET A 295 42.36 24.21 -13.79
CA MET A 295 42.77 24.16 -12.37
C MET A 295 41.88 23.20 -11.62
N GLU A 296 42.47 22.46 -10.72
CA GLU A 296 41.75 21.56 -9.81
C GLU A 296 41.13 22.37 -8.68
N TYR A 297 39.91 21.97 -8.26
CA TYR A 297 39.25 22.59 -7.12
C TYR A 297 38.47 21.52 -6.33
N ASN A 298 37.88 21.94 -5.23
CA ASN A 298 37.25 21.01 -4.26
C ASN A 298 36.09 21.78 -3.62
N PHE A 299 34.85 21.32 -3.88
CA PHE A 299 33.65 21.92 -3.25
C PHE A 299 33.03 21.02 -2.18
N PHE A 300 33.84 20.23 -1.50
CA PHE A 300 33.32 19.46 -0.36
C PHE A 300 33.64 20.14 0.96
N GLY A 301 32.61 20.66 1.58
CA GLY A 301 32.69 21.27 2.90
C GLY A 301 33.09 22.75 2.81
N PRO A 302 32.88 23.50 3.88
CA PRO A 302 33.14 24.94 3.82
C PRO A 302 34.64 25.32 3.68
N THR A 303 35.52 24.59 4.36
CA THR A 303 36.95 24.94 4.30
C THR A 303 37.44 24.83 2.84
N LYS A 304 37.18 23.72 2.21
CA LYS A 304 37.61 23.52 0.82
C LYS A 304 36.87 24.47 -0.11
N THR A 305 35.59 24.69 0.11
CA THR A 305 34.76 25.50 -0.84
C THR A 305 35.30 26.93 -0.81
N ILE A 306 35.59 27.45 0.39
CA ILE A 306 36.10 28.82 0.56
C ILE A 306 37.48 28.93 -0.09
N GLU A 307 38.33 27.94 0.13
CA GLU A 307 39.69 27.95 -0.45
C GLU A 307 39.60 27.95 -2.00
N SER A 308 38.68 27.13 -2.53
CA SER A 308 38.47 26.98 -3.98
C SER A 308 37.92 28.29 -4.58
N LEU A 309 36.90 28.87 -3.96
CA LEU A 309 36.32 30.14 -4.48
C LEU A 309 37.44 31.19 -4.56
N ARG A 310 38.26 31.31 -3.51
CA ARG A 310 39.34 32.32 -3.50
C ARG A 310 40.37 32.03 -4.59
N ALA A 311 40.76 30.77 -4.79
CA ALA A 311 41.77 30.41 -5.78
C ALA A 311 41.25 30.66 -7.20
N ILE A 312 39.97 30.37 -7.43
CA ILE A 312 39.34 30.59 -8.74
C ILE A 312 39.24 32.10 -8.96
N ALA A 313 38.76 32.87 -7.99
CA ALA A 313 38.62 34.32 -8.17
C ALA A 313 39.96 34.99 -8.46
N ALA A 314 41.04 34.47 -7.91
CA ALA A 314 42.39 35.05 -8.12
C ALA A 314 42.80 34.97 -9.56
N LYS A 315 42.19 34.12 -10.36
CA LYS A 315 42.49 34.01 -11.82
C LYS A 315 41.84 35.19 -12.62
N PHE A 316 40.96 35.96 -12.01
CA PHE A 316 40.18 37.02 -12.68
C PHE A 316 40.58 38.34 -12.04
N ASP A 317 39.76 39.33 -12.13
CA ASP A 317 40.10 40.69 -11.75
C ASP A 317 39.54 41.02 -10.37
N GLU A 318 39.77 42.26 -9.92
CA GLU A 318 39.39 42.70 -8.55
C GLU A 318 37.88 42.57 -8.38
N SER A 319 37.09 42.76 -9.42
CA SER A 319 35.59 42.74 -9.32
C SER A 319 35.15 41.32 -8.90
N ILE A 320 35.81 40.29 -9.42
CA ILE A 320 35.46 38.89 -9.07
C ILE A 320 36.02 38.61 -7.68
N GLN A 321 37.19 39.11 -7.31
CA GLN A 321 37.73 38.87 -5.97
C GLN A 321 36.83 39.52 -4.91
N LYS A 322 36.25 40.67 -5.20
CA LYS A 322 35.32 41.36 -4.29
C LYS A 322 34.03 40.53 -4.17
N LYS A 323 33.47 40.11 -5.27
CA LYS A 323 32.27 39.27 -5.20
C LYS A 323 32.56 37.96 -4.50
N CYS A 324 33.73 37.38 -4.66
CA CYS A 324 34.11 36.16 -3.90
C CYS A 324 33.89 36.44 -2.42
N GLU A 325 34.46 37.51 -1.93
CA GLU A 325 34.35 37.77 -0.47
C GLU A 325 32.91 38.03 -0.10
N GLU A 326 32.12 38.62 -0.96
CA GLU A 326 30.67 38.79 -0.65
C GLU A 326 29.96 37.43 -0.58
N VAL A 327 30.26 36.50 -1.46
CA VAL A 327 29.68 35.13 -1.40
C VAL A 327 30.10 34.46 -0.09
N ILE A 328 31.39 34.53 0.26
CA ILE A 328 31.87 33.90 1.51
C ILE A 328 31.15 34.52 2.73
N ALA A 329 30.91 35.83 2.74
CA ALA A 329 30.23 36.50 3.86
C ALA A 329 28.75 36.11 3.91
N LYS A 330 28.12 35.94 2.75
CA LYS A 330 26.70 35.53 2.65
C LYS A 330 26.54 34.17 3.33
N TYR A 331 27.38 33.19 2.97
CA TYR A 331 27.16 31.81 3.44
C TYR A 331 27.75 31.52 4.81
N LYS A 332 28.62 32.39 5.32
CA LYS A 332 29.27 32.18 6.65
C LYS A 332 28.24 31.78 7.70
N PRO A 333 27.18 32.56 7.96
CA PRO A 333 26.27 32.15 9.02
C PRO A 333 25.54 30.81 8.75
N GLU A 334 25.39 30.45 7.49
CA GLU A 334 24.65 29.22 7.12
C GLU A 334 25.55 28.03 7.49
N TRP A 335 26.80 27.98 7.00
CA TRP A 335 27.61 26.78 7.32
C TRP A 335 28.02 26.83 8.79
N GLU A 336 28.16 28.02 9.40
CA GLU A 336 28.51 28.05 10.82
C GLU A 336 27.38 27.43 11.66
N ALA A 337 26.13 27.67 11.28
CA ALA A 337 24.97 27.05 11.95
C ALA A 337 25.00 25.53 11.77
N VAL A 338 25.38 25.04 10.60
CA VAL A 338 25.48 23.58 10.38
C VAL A 338 26.53 23.01 11.30
N VAL A 339 27.71 23.59 11.34
CA VAL A 339 28.81 23.10 12.22
C VAL A 339 28.35 23.19 13.68
N ALA A 340 27.70 24.27 14.12
CA ALA A 340 27.29 24.42 15.53
C ALA A 340 26.33 23.30 15.92
N LYS A 341 25.44 22.90 15.01
CA LYS A 341 24.43 21.86 15.31
C LYS A 341 25.10 20.48 15.26
N TYR A 342 25.86 20.19 14.19
CA TYR A 342 26.25 18.78 13.92
C TYR A 342 27.66 18.40 14.45
N ARG A 343 28.59 19.33 14.48
CA ARG A 343 29.96 18.98 14.90
C ARG A 343 29.90 18.35 16.31
N PRO A 344 29.20 18.93 17.32
CA PRO A 344 29.20 18.29 18.63
C PRO A 344 28.63 16.87 18.61
N ARG A 345 27.83 16.53 17.57
CA ARG A 345 27.20 15.21 17.47
C ARG A 345 28.15 14.21 16.80
N LEU A 346 29.23 14.67 16.20
CA LEU A 346 30.12 13.83 15.35
C LEU A 346 31.58 13.95 15.77
N GLU A 347 31.95 14.91 16.61
CA GLU A 347 33.37 15.12 16.93
C GLU A 347 34.04 13.85 17.43
N GLY A 348 35.22 13.61 16.89
CA GLY A 348 36.05 12.46 17.27
C GLY A 348 35.69 11.17 16.57
N LYS A 349 34.56 11.11 15.86
CA LYS A 349 34.16 9.85 15.20
C LYS A 349 35.09 9.55 14.02
N ARG A 350 35.32 8.28 13.82
CA ARG A 350 36.31 7.75 12.85
C ARG A 350 35.61 7.09 11.66
N VAL A 351 36.08 7.39 10.46
CA VAL A 351 35.43 7.00 9.20
C VAL A 351 36.46 6.22 8.37
N MET A 352 36.03 5.14 7.73
CA MET A 352 36.79 4.52 6.65
C MET A 352 36.01 4.71 5.36
N LEU A 353 36.68 5.09 4.29
CA LEU A 353 36.10 5.29 2.98
C LEU A 353 36.63 4.30 1.95
N TYR A 354 35.80 3.98 0.95
CA TYR A 354 36.27 3.23 -0.20
C TYR A 354 35.39 3.63 -1.36
N ILE A 355 35.94 4.32 -2.38
CA ILE A 355 35.11 4.88 -3.47
C ILE A 355 35.95 4.72 -4.76
N GLY A 356 35.77 5.55 -5.77
CA GLY A 356 36.24 5.26 -7.13
C GLY A 356 37.59 5.85 -7.47
N GLY A 357 37.62 7.14 -7.73
CA GLY A 357 38.73 7.85 -8.35
C GLY A 357 38.95 9.26 -7.80
N LEU A 358 38.06 9.80 -6.99
CA LEU A 358 38.18 11.20 -6.52
C LEU A 358 37.77 11.36 -5.07
N ARG A 359 36.53 10.96 -4.80
CA ARG A 359 35.91 11.16 -3.51
C ARG A 359 36.73 10.63 -2.32
N PRO A 360 37.51 9.53 -2.44
CA PRO A 360 38.26 9.00 -1.30
C PRO A 360 39.25 9.98 -0.69
N ARG A 361 39.71 10.96 -1.50
CA ARG A 361 40.48 12.07 -0.91
C ARG A 361 39.65 13.36 -0.79
N HIS A 362 38.70 13.53 -1.72
CA HIS A 362 38.11 14.87 -1.85
C HIS A 362 37.15 15.19 -0.72
N VAL A 363 36.57 14.17 -0.07
CA VAL A 363 35.56 14.43 0.99
C VAL A 363 36.23 14.55 2.37
N ILE A 364 37.56 14.32 2.49
CA ILE A 364 38.19 14.31 3.83
C ILE A 364 38.01 15.65 4.55
N GLY A 365 38.21 16.76 3.84
CA GLY A 365 38.01 18.10 4.40
C GLY A 365 36.63 18.29 5.04
N ALA A 366 35.58 17.88 4.35
CA ALA A 366 34.20 18.00 4.85
C ALA A 366 34.03 17.17 6.13
N TYR A 367 34.58 15.96 6.20
CA TYR A 367 34.53 15.19 7.46
C TYR A 367 35.25 15.99 8.57
N GLU A 368 36.42 16.54 8.24
CA GLU A 368 37.18 17.27 9.27
C GLU A 368 36.45 18.53 9.70
N ASP A 369 35.62 19.14 8.84
CA ASP A 369 34.83 20.32 9.24
C ASP A 369 33.72 19.95 10.26
N LEU A 370 33.45 18.64 10.43
CA LEU A 370 32.50 18.13 11.44
C LEU A 370 33.28 17.44 12.58
N GLY A 371 34.59 17.64 12.65
CA GLY A 371 35.42 17.04 13.69
C GLY A 371 35.67 15.55 13.55
N MET A 372 35.44 15.00 12.39
CA MET A 372 35.61 13.54 12.16
C MET A 372 37.00 13.28 11.59
N GLU A 373 37.46 12.04 11.76
CA GLU A 373 38.79 11.60 11.35
C GLU A 373 38.65 10.49 10.31
N VAL A 374 39.26 10.63 9.14
CA VAL A 374 39.27 9.56 8.14
C VAL A 374 40.52 8.71 8.44
N VAL A 375 40.30 7.50 8.91
CA VAL A 375 41.39 6.67 9.43
C VAL A 375 41.82 5.65 8.38
N GLY A 376 41.02 5.42 7.35
CA GLY A 376 41.38 4.59 6.19
C GLY A 376 40.69 5.07 4.94
N THR A 377 41.35 5.02 3.82
CA THR A 377 40.74 5.39 2.54
C THR A 377 41.35 4.57 1.42
N GLY A 378 40.65 4.52 0.31
CA GLY A 378 41.17 3.86 -0.87
C GLY A 378 40.25 4.00 -2.04
N TYR A 379 40.73 3.52 -3.16
CA TYR A 379 40.08 3.71 -4.46
C TYR A 379 39.98 2.43 -5.24
N GLU A 380 38.91 2.30 -5.99
CA GLU A 380 38.73 1.24 -6.97
C GLU A 380 39.77 1.33 -8.07
N PHE A 381 39.97 2.51 -8.65
CA PHE A 381 40.62 2.59 -9.98
C PHE A 381 41.56 3.81 -10.13
N ALA A 382 41.91 4.48 -9.05
CA ALA A 382 42.85 5.61 -9.03
C ALA A 382 44.21 5.22 -9.59
N HIS A 383 44.91 6.23 -10.10
CA HIS A 383 46.32 6.06 -10.53
C HIS A 383 47.25 6.72 -9.50
N ASN A 384 48.57 6.61 -9.69
CA ASN A 384 49.52 7.08 -8.68
C ASN A 384 49.44 8.60 -8.53
N ASP A 385 49.04 9.34 -9.58
CA ASP A 385 48.85 10.81 -9.39
C ASP A 385 47.72 11.09 -8.41
N ASP A 386 46.66 10.28 -8.38
CA ASP A 386 45.64 10.40 -7.32
C ASP A 386 46.22 10.08 -5.95
N TYR A 387 47.02 9.02 -5.85
CA TYR A 387 47.61 8.65 -4.53
C TYR A 387 48.57 9.74 -4.05
N ASP A 388 49.26 10.40 -4.98
CA ASP A 388 50.15 11.53 -4.58
C ASP A 388 49.34 12.64 -3.89
N ARG A 389 48.16 12.92 -4.44
CA ARG A 389 47.22 13.93 -3.85
C ARG A 389 46.63 13.46 -2.52
N THR A 390 46.55 12.17 -2.32
CA THR A 390 45.85 11.57 -1.16
C THR A 390 46.76 11.62 0.06
N MET A 391 48.03 11.36 -0.15
CA MET A 391 48.96 11.17 0.98
C MET A 391 49.06 12.50 1.76
N LYS A 392 48.95 13.70 1.16
CA LYS A 392 49.03 14.92 2.00
C LYS A 392 47.65 15.21 2.63
N GLU A 393 46.53 14.65 2.10
CA GLU A 393 45.18 14.89 2.65
C GLU A 393 44.94 13.96 3.85
N MET A 394 45.53 12.78 3.90
CA MET A 394 45.32 11.76 4.95
C MET A 394 46.33 11.97 6.09
N GLY A 395 45.95 11.55 7.31
CA GLY A 395 46.83 11.70 8.46
C GLY A 395 47.97 10.71 8.39
N ASP A 396 49.02 10.99 9.15
CA ASP A 396 50.10 10.03 9.31
C ASP A 396 49.54 8.73 9.86
N SER A 397 50.14 7.65 9.41
CA SER A 397 49.96 6.25 9.86
C SER A 397 48.52 5.75 9.55
N THR A 398 47.76 6.42 8.70
CA THR A 398 46.43 5.90 8.26
C THR A 398 46.57 4.84 7.17
N LEU A 399 45.53 4.04 6.96
CA LEU A 399 45.59 2.85 6.05
C LEU A 399 45.11 3.25 4.67
N LEU A 400 45.86 2.91 3.64
CA LEU A 400 45.49 3.18 2.25
C LEU A 400 45.34 1.86 1.52
N TYR A 401 44.31 1.69 0.67
CA TYR A 401 44.07 0.40 -0.02
C TYR A 401 43.64 0.71 -1.43
N ASP A 402 44.34 0.12 -2.38
CA ASP A 402 44.05 0.21 -3.81
C ASP A 402 43.38 -1.06 -4.28
N ASP A 403 42.26 -0.95 -4.94
CA ASP A 403 41.51 -2.10 -5.51
C ASP A 403 41.33 -3.14 -4.39
N VAL A 404 40.79 -2.69 -3.27
CA VAL A 404 40.63 -3.57 -2.08
C VAL A 404 39.74 -4.76 -2.40
N THR A 405 40.08 -5.91 -1.84
CA THR A 405 39.24 -7.13 -1.97
C THR A 405 38.13 -7.07 -0.93
N GLY A 406 37.07 -7.81 -1.19
CA GLY A 406 36.01 -7.88 -0.17
C GLY A 406 36.52 -8.40 1.12
N TYR A 407 37.33 -9.46 1.07
CA TYR A 407 37.95 -10.03 2.29
C TYR A 407 38.74 -8.97 3.06
N GLU A 408 39.67 -8.27 2.37
CA GLU A 408 40.50 -7.26 3.02
C GLU A 408 39.64 -6.22 3.71
N PHE A 409 38.65 -5.70 2.98
CA PHE A 409 37.85 -4.58 3.53
C PHE A 409 37.14 -5.06 4.80
N GLU A 410 36.57 -6.26 4.77
CA GLU A 410 35.90 -6.79 6.00
C GLU A 410 36.90 -6.94 7.14
N GLU A 411 38.08 -7.51 6.87
CA GLU A 411 39.06 -7.77 7.96
C GLU A 411 39.65 -6.47 8.46
N PHE A 412 39.91 -5.49 7.55
CA PHE A 412 40.40 -4.20 8.05
C PHE A 412 39.38 -3.53 8.98
N VAL A 413 38.10 -3.57 8.57
CA VAL A 413 37.02 -2.96 9.37
C VAL A 413 36.90 -3.67 10.73
N LYS A 414 37.00 -5.01 10.76
CA LYS A 414 36.89 -5.78 12.00
C LYS A 414 37.94 -5.35 13.01
N ARG A 415 39.15 -5.03 12.54
CA ARG A 415 40.25 -4.63 13.45
C ARG A 415 40.17 -3.14 13.82
N ILE A 416 39.92 -2.30 12.84
CA ILE A 416 39.98 -0.82 13.03
C ILE A 416 38.72 -0.31 13.76
N LYS A 417 37.59 -0.98 13.57
CA LYS A 417 36.31 -0.65 14.23
C LYS A 417 35.99 0.84 14.03
N PRO A 418 35.89 1.29 12.76
CA PRO A 418 35.43 2.65 12.50
C PRO A 418 34.00 2.86 13.01
N ASP A 419 33.70 4.12 13.30
CA ASP A 419 32.33 4.53 13.68
C ASP A 419 31.39 4.60 12.48
N LEU A 420 31.94 4.80 11.29
CA LEU A 420 31.17 5.01 10.06
C LEU A 420 31.99 4.54 8.88
N ILE A 421 31.31 3.97 7.92
CA ILE A 421 31.94 3.56 6.65
C ILE A 421 31.21 4.31 5.52
N GLY A 422 31.98 4.80 4.55
CA GLY A 422 31.44 5.46 3.37
C GLY A 422 31.90 4.73 2.15
N SER A 423 31.01 4.04 1.44
CA SER A 423 31.39 3.24 0.28
C SER A 423 30.17 3.03 -0.63
N GLY A 424 30.12 1.95 -1.39
CA GLY A 424 29.05 1.75 -2.37
C GLY A 424 28.04 0.68 -2.05
N ILE A 425 27.16 0.43 -3.01
CA ILE A 425 25.95 -0.41 -2.80
C ILE A 425 26.36 -1.85 -2.53
N LYS A 426 27.47 -2.31 -3.09
CA LYS A 426 27.89 -3.70 -2.86
C LYS A 426 28.48 -3.88 -1.46
N GLU A 427 28.85 -2.82 -0.81
CA GLU A 427 29.44 -2.79 0.53
C GLU A 427 28.40 -2.54 1.63
N LYS A 428 27.40 -1.72 1.35
CA LYS A 428 26.49 -1.16 2.39
C LYS A 428 25.98 -2.23 3.35
N PHE A 429 25.38 -3.27 2.79
CA PHE A 429 24.57 -4.17 3.64
C PHE A 429 25.46 -5.10 4.46
N ILE A 430 26.68 -5.33 4.01
CA ILE A 430 27.69 -6.10 4.76
C ILE A 430 27.90 -5.40 6.10
N PHE A 431 28.25 -4.11 6.04
CA PHE A 431 28.75 -3.37 7.21
C PHE A 431 27.58 -3.12 8.16
N GLN A 432 26.39 -2.84 7.60
CA GLN A 432 25.23 -2.61 8.50
C GLN A 432 24.99 -3.86 9.34
N LYS A 433 25.14 -5.03 8.77
CA LYS A 433 24.92 -6.25 9.58
C LYS A 433 25.93 -6.40 10.71
N MET A 434 27.12 -5.90 10.45
CA MET A 434 28.17 -5.83 11.48
C MET A 434 27.90 -4.77 12.56
N GLY A 435 26.85 -3.94 12.43
CA GLY A 435 26.56 -2.90 13.43
C GLY A 435 27.31 -1.60 13.18
N ILE A 436 27.84 -1.43 11.96
CA ILE A 436 28.61 -0.21 11.65
C ILE A 436 27.79 0.67 10.73
N PRO A 437 27.44 1.87 11.23
CA PRO A 437 26.77 2.83 10.38
C PRO A 437 27.46 3.03 9.04
N PHE A 438 26.63 3.08 8.00
CA PHE A 438 27.13 3.10 6.61
C PHE A 438 26.43 4.21 5.85
N ARG A 439 27.18 4.99 5.07
CA ARG A 439 26.61 5.94 4.11
C ARG A 439 27.16 5.64 2.74
N GLU A 440 26.26 5.56 1.77
CA GLU A 440 26.65 5.46 0.36
C GLU A 440 27.35 6.75 -0.10
N MET A 441 28.60 6.65 -0.52
CA MET A 441 29.35 7.84 -1.00
C MET A 441 29.54 7.86 -2.52
N HIS A 442 28.75 7.08 -3.23
CA HIS A 442 28.54 7.29 -4.66
C HIS A 442 27.18 7.97 -4.84
N SER A 443 26.09 7.25 -4.48
CA SER A 443 24.70 7.69 -4.75
C SER A 443 24.24 8.66 -3.68
N TRP A 444 25.02 8.96 -2.66
CA TRP A 444 24.64 9.79 -1.49
C TRP A 444 23.43 9.16 -0.81
N ASP A 445 23.21 7.84 -0.95
CA ASP A 445 22.09 7.17 -0.27
C ASP A 445 20.79 7.90 -0.61
N TYR A 446 20.67 8.37 -1.85
CA TYR A 446 19.43 8.92 -2.43
C TYR A 446 19.13 10.29 -1.82
N SER A 447 20.17 10.92 -1.33
CA SER A 447 20.15 12.24 -0.71
C SER A 447 21.04 13.20 -1.54
N GLY A 448 21.58 14.20 -0.90
CA GLY A 448 22.36 15.22 -1.58
C GLY A 448 21.51 16.32 -2.18
N PRO A 449 22.17 17.33 -2.77
CA PRO A 449 23.59 17.37 -3.10
C PRO A 449 24.51 17.44 -1.87
N TYR A 450 25.78 17.07 -2.08
CA TYR A 450 26.83 17.29 -1.08
C TYR A 450 27.80 18.40 -1.48
N HIS A 451 27.85 18.82 -2.74
CA HIS A 451 28.79 19.90 -3.10
C HIS A 451 28.30 21.26 -2.57
N GLY A 452 29.26 22.15 -2.32
CA GLY A 452 28.97 23.53 -2.02
C GLY A 452 28.49 23.75 -0.61
N PHE A 453 28.08 24.99 -0.32
CA PHE A 453 27.55 25.29 1.03
C PHE A 453 26.20 24.61 1.27
N ASP A 454 25.33 24.65 0.25
CA ASP A 454 24.00 24.02 0.42
C ASP A 454 24.18 22.50 0.56
N GLY A 455 25.14 21.90 -0.14
CA GLY A 455 25.41 20.47 0.01
C GLY A 455 25.99 20.10 1.35
N PHE A 456 26.81 20.98 1.93
CA PHE A 456 27.40 20.65 3.24
C PHE A 456 26.32 20.44 4.30
N ALA A 457 25.25 21.24 4.25
CA ALA A 457 24.19 21.10 5.25
C ALA A 457 23.58 19.68 5.16
N ILE A 458 23.35 19.24 3.95
CA ILE A 458 22.73 17.92 3.70
C ILE A 458 23.72 16.80 4.08
N PHE A 459 24.99 16.95 3.74
CA PHE A 459 26.04 16.01 4.14
C PHE A 459 26.05 15.84 5.67
N ALA A 460 26.06 16.94 6.40
CA ALA A 460 26.15 16.92 7.87
C ALA A 460 24.91 16.22 8.42
N ARG A 461 23.73 16.63 7.96
CA ARG A 461 22.45 16.02 8.39
C ARG A 461 22.54 14.51 8.22
N ASP A 462 23.02 14.07 7.07
CA ASP A 462 23.06 12.66 6.69
C ASP A 462 24.08 11.87 7.51
N MET A 463 25.29 12.39 7.70
CA MET A 463 26.25 11.65 8.53
C MET A 463 25.69 11.50 9.95
N ASP A 464 25.05 12.53 10.50
CA ASP A 464 24.49 12.47 11.83
C ASP A 464 23.30 11.51 11.89
N MET A 465 22.40 11.60 10.95
CA MET A 465 21.19 10.75 11.05
C MET A 465 21.58 9.28 11.12
N THR A 466 22.60 8.90 10.38
CA THR A 466 23.02 7.49 10.26
C THR A 466 23.95 7.11 11.41
N LEU A 467 25.00 7.89 11.66
CA LEU A 467 25.94 7.51 12.75
C LEU A 467 25.18 7.43 14.08
N ASN A 468 24.30 8.36 14.40
CA ASN A 468 23.65 8.47 15.73
C ASN A 468 22.25 7.83 15.72
N ASN A 469 21.95 7.04 14.69
CA ASN A 469 20.58 6.50 14.63
C ASN A 469 20.30 5.57 15.81
N PRO A 470 19.05 5.53 16.33
CA PRO A 470 18.71 4.57 17.38
C PRO A 470 18.81 3.11 16.94
N CYS A 471 18.85 2.78 15.65
CA CYS A 471 18.89 1.36 15.30
C CYS A 471 20.17 0.67 15.78
N TRP A 472 21.28 1.40 15.84
CA TRP A 472 22.58 0.74 16.06
C TRP A 472 22.70 0.16 17.47
N LYS A 473 21.94 0.61 18.45
CA LYS A 473 22.00 0.06 19.83
CA LYS A 473 22.05 0.04 19.81
C LYS A 473 21.18 -1.22 19.92
N LYS A 474 20.49 -1.62 18.85
CA LYS A 474 19.49 -2.70 18.98
C LYS A 474 19.94 -4.00 18.33
N LEU A 475 21.14 -4.08 17.77
CA LEU A 475 21.55 -5.33 17.09
C LEU A 475 21.74 -6.47 18.09
N GLN A 476 22.24 -6.24 19.30
CA GLN A 476 22.53 -7.35 20.23
C GLN A 476 21.22 -7.64 20.96
N ALA A 477 20.67 -8.84 20.85
CA ALA A 477 19.49 -9.18 21.66
C ALA A 477 19.85 -9.16 23.14
N PRO A 478 18.96 -8.68 24.03
CA PRO A 478 19.34 -8.53 25.42
C PRO A 478 19.56 -9.85 26.14
N TRP A 479 19.15 -10.97 25.56
CA TRP A 479 19.36 -12.30 26.18
C TRP A 479 20.64 -12.95 25.67
N GLU A 480 21.39 -12.29 24.79
CA GLU A 480 22.73 -12.77 24.34
C GLU A 480 23.86 -11.95 24.99
N SER B 2 20.67 28.57 -0.65
CA SER B 2 20.69 28.82 0.81
C SER B 2 20.04 27.65 1.52
N GLN B 3 20.34 27.48 2.81
CA GLN B 3 19.65 26.56 3.70
C GLN B 3 19.32 27.24 5.01
N GLN B 4 18.23 26.80 5.60
CA GLN B 4 17.83 27.10 7.00
C GLN B 4 18.14 25.86 7.82
N VAL B 5 19.01 25.99 8.81
CA VAL B 5 19.60 24.82 9.49
C VAL B 5 18.53 23.94 10.15
N ASP B 6 17.40 24.51 10.62
CA ASP B 6 16.27 23.78 11.28
C ASP B 6 15.45 22.97 10.27
N LYS B 7 15.56 23.24 8.97
CA LYS B 7 14.75 22.51 7.95
C LYS B 7 15.55 22.48 6.64
N ILE B 8 16.54 21.64 6.65
CA ILE B 8 17.47 21.47 5.50
C ILE B 8 16.67 20.84 4.37
N LYS B 9 16.93 21.33 3.18
CA LYS B 9 16.28 20.81 1.94
C LYS B 9 17.28 20.00 1.13
N ALA B 10 16.92 18.79 0.83
CA ALA B 10 17.63 18.00 -0.17
C ALA B 10 17.20 18.44 -1.58
N SER B 11 17.79 17.84 -2.62
CA SER B 11 17.60 18.25 -4.02
C SER B 11 16.14 18.61 -4.26
N TYR B 12 15.19 17.77 -3.89
CA TYR B 12 13.77 18.13 -3.80
C TYR B 12 13.52 18.42 -2.35
N PRO B 13 13.09 19.65 -1.97
CA PRO B 13 12.69 20.75 -2.86
C PRO B 13 13.70 21.90 -2.96
N LEU B 14 14.97 21.69 -2.64
CA LEU B 14 15.97 22.78 -2.72
C LEU B 14 15.97 23.48 -4.07
N PHE B 15 15.93 22.73 -5.18
CA PHE B 15 16.14 23.33 -6.51
C PHE B 15 14.87 24.06 -7.01
N LEU B 16 13.77 24.01 -6.23
CA LEU B 16 12.58 24.85 -6.50
C LEU B 16 12.72 26.25 -5.89
N ASP B 17 13.75 26.53 -5.10
CA ASP B 17 13.98 27.90 -4.60
C ASP B 17 14.18 28.82 -5.83
N GLN B 18 13.73 30.05 -5.68
CA GLN B 18 13.73 31.00 -6.81
C GLN B 18 15.16 31.18 -7.38
N ASP B 19 16.16 31.24 -6.52
CA ASP B 19 17.52 31.49 -7.05
C ASP B 19 17.98 30.33 -7.92
N TYR B 20 17.71 29.12 -7.52
CA TYR B 20 18.03 27.93 -8.33
C TYR B 20 17.20 27.96 -9.64
N LYS B 21 15.92 28.24 -9.53
CA LYS B 21 15.06 28.25 -10.73
C LYS B 21 15.60 29.27 -11.73
N ASP B 22 15.96 30.44 -11.26
CA ASP B 22 16.46 31.51 -12.16
C ASP B 22 17.77 31.05 -12.79
N MET B 23 18.63 30.42 -12.01
CA MET B 23 19.94 29.96 -12.49
C MET B 23 19.72 28.93 -13.59
N LEU B 24 18.79 28.00 -13.37
CA LEU B 24 18.58 26.94 -14.37
C LEU B 24 17.93 27.50 -15.65
N ALA B 25 17.12 28.54 -15.52
CA ALA B 25 16.56 29.22 -16.71
C ALA B 25 17.70 29.84 -17.51
N LYS B 26 18.65 30.46 -16.82
CA LYS B 26 19.77 31.15 -17.48
C LYS B 26 20.66 30.10 -18.15
N LYS B 27 20.84 28.93 -17.51
CA LYS B 27 21.67 27.89 -18.14
C LYS B 27 21.04 27.43 -19.45
N ARG B 28 19.77 27.10 -19.38
CA ARG B 28 19.03 26.67 -20.56
C ARG B 28 19.17 27.73 -21.68
N ASP B 29 18.75 28.94 -21.39
CA ASP B 29 18.64 30.00 -22.43
C ASP B 29 20.02 30.34 -23.00
N GLY B 30 21.03 30.31 -22.15
CA GLY B 30 22.36 30.75 -22.57
C GLY B 30 23.09 29.68 -23.39
N PHE B 31 23.03 28.41 -22.98
CA PHE B 31 24.00 27.41 -23.44
C PHE B 31 23.41 26.10 -23.95
N GLU B 32 22.16 25.77 -23.71
CA GLU B 32 21.60 24.45 -24.07
C GLU B 32 20.98 24.36 -25.46
N GLU B 33 20.75 25.51 -26.12
CA GLU B 33 20.18 25.48 -27.48
C GLU B 33 18.98 24.53 -27.51
N LYS B 34 18.11 24.70 -26.53
CA LYS B 34 16.99 23.79 -26.29
C LYS B 34 15.86 23.97 -27.31
N TYR B 35 15.24 22.86 -27.72
CA TYR B 35 14.02 22.95 -28.57
C TYR B 35 13.03 23.80 -27.81
N PRO B 36 12.28 24.68 -28.51
CA PRO B 36 11.25 25.49 -27.87
C PRO B 36 10.19 24.58 -27.21
N GLN B 37 9.65 25.07 -26.12
CA GLN B 37 8.65 24.31 -25.37
C GLN B 37 7.49 23.90 -26.26
N ASP B 38 7.04 24.73 -27.19
CA ASP B 38 5.91 24.31 -28.06
C ASP B 38 6.26 23.08 -28.90
N LYS B 39 7.49 22.97 -29.38
CA LYS B 39 7.98 21.80 -30.16
C LYS B 39 8.07 20.56 -29.25
N ILE B 40 8.56 20.74 -28.03
CA ILE B 40 8.61 19.62 -27.05
C ILE B 40 7.19 19.13 -26.81
N ASP B 41 6.25 20.05 -26.58
CA ASP B 41 4.83 19.66 -26.37
C ASP B 41 4.25 18.95 -27.58
N GLU B 42 4.50 19.44 -28.79
CA GLU B 42 4.01 18.80 -30.02
C GLU B 42 4.55 17.39 -30.17
N VAL B 43 5.86 17.21 -29.96
CA VAL B 43 6.46 15.86 -30.09
C VAL B 43 5.88 14.96 -29.00
N PHE B 44 5.80 15.43 -27.76
CA PHE B 44 5.20 14.61 -26.69
C PHE B 44 3.82 14.12 -27.09
N GLN B 45 2.98 15.04 -27.55
CA GLN B 45 1.61 14.69 -27.93
CA GLN B 45 1.60 14.67 -27.92
C GLN B 45 1.67 13.60 -29.04
N TRP B 46 2.54 13.75 -30.02
CA TRP B 46 2.65 12.75 -31.10
C TRP B 46 3.02 11.38 -30.56
N THR B 47 3.93 11.34 -29.57
CA THR B 47 4.36 10.04 -29.02
C THR B 47 3.22 9.31 -28.29
N THR B 48 2.08 9.95 -28.10
CA THR B 48 0.91 9.33 -27.41
C THR B 48 -0.07 8.77 -28.43
N THR B 49 0.18 8.94 -29.72
CA THR B 49 -0.83 8.67 -30.78
C THR B 49 -0.76 7.24 -31.33
N LYS B 50 -1.88 6.82 -31.95
CA LYS B 50 -1.89 5.56 -32.71
C LYS B 50 -0.87 5.60 -33.85
N GLU B 51 -0.69 6.73 -34.51
CA GLU B 51 0.26 6.84 -35.66
C GLU B 51 1.66 6.51 -35.12
N TYR B 52 2.02 7.09 -33.97
CA TYR B 52 3.33 6.81 -33.38
C TYR B 52 3.42 5.32 -32.98
N GLN B 53 2.36 4.79 -32.37
CA GLN B 53 2.37 3.38 -31.95
C GLN B 53 2.67 2.49 -33.15
N GLU B 54 2.09 2.79 -34.29
CA GLU B 54 2.30 1.94 -35.51
C GLU B 54 3.78 1.98 -35.95
N LEU B 55 4.42 3.14 -35.91
CA LEU B 55 5.86 3.23 -36.21
C LEU B 55 6.67 2.48 -35.15
N ASN B 56 6.27 2.66 -33.90
CA ASN B 56 7.00 2.05 -32.73
C ASN B 56 7.01 0.51 -32.89
N PHE B 57 5.86 -0.07 -33.24
CA PHE B 57 5.68 -1.55 -33.39
C PHE B 57 6.36 -2.08 -34.67
N GLN B 58 6.81 -1.22 -35.58
CA GLN B 58 7.56 -1.63 -36.80
C GLN B 58 9.06 -1.75 -36.49
N ARG B 59 9.53 -1.42 -35.29
CA ARG B 59 10.97 -1.51 -35.00
C ARG B 59 11.48 -2.93 -35.25
N GLU B 60 12.67 -3.05 -35.83
CA GLU B 60 13.36 -4.36 -35.98
C GLU B 60 14.72 -4.40 -35.29
N ALA B 61 15.39 -3.27 -35.17
CA ALA B 61 16.79 -3.19 -34.73
C ALA B 61 16.92 -2.55 -33.36
N LEU B 62 16.10 -1.51 -33.07
CA LEU B 62 16.19 -0.77 -31.80
C LEU B 62 15.33 -1.37 -30.69
N THR B 63 15.90 -1.59 -29.53
CA THR B 63 15.16 -1.93 -28.29
C THR B 63 15.26 -0.73 -27.34
N VAL B 64 14.16 -0.39 -26.71
CA VAL B 64 14.07 0.77 -25.77
C VAL B 64 13.40 0.30 -24.48
N ASN B 65 14.10 0.43 -23.37
CA ASN B 65 13.50 0.08 -22.05
C ASN B 65 13.11 -1.39 -22.03
N PRO B 66 14.07 -2.31 -22.20
CA PRO B 66 13.77 -3.72 -22.14
C PRO B 66 13.18 -4.14 -20.79
N ALA B 67 12.50 -5.29 -20.84
CA ALA B 67 11.93 -5.94 -19.64
C ALA B 67 12.53 -7.36 -19.53
N LYS B 68 13.85 -7.44 -19.56
CA LYS B 68 14.63 -8.68 -19.39
C LYS B 68 16.07 -8.28 -19.09
N ALA B 69 16.81 -9.25 -18.57
CA ALA B 69 18.25 -9.09 -18.31
C ALA B 69 18.99 -10.26 -18.98
N CYS B 70 20.28 -10.42 -18.67
CA CYS B 70 21.14 -11.41 -19.40
C CYS B 70 21.34 -12.68 -18.55
N GLN B 71 21.65 -13.78 -19.27
CA GLN B 71 21.80 -15.11 -18.65
C GLN B 71 22.55 -15.14 -17.34
N PRO B 72 23.81 -14.66 -17.23
CA PRO B 72 24.56 -14.94 -16.03
C PRO B 72 23.89 -14.40 -14.76
N LEU B 73 23.05 -13.33 -14.87
CA LEU B 73 22.34 -12.88 -13.64
C LEU B 73 21.52 -14.03 -13.04
N GLY B 74 20.88 -14.82 -13.89
CA GLY B 74 20.07 -15.96 -13.44
C GLY B 74 20.96 -17.08 -12.94
N ALA B 75 22.11 -17.32 -13.55
CA ALA B 75 23.07 -18.33 -13.05
C ALA B 75 23.51 -18.02 -11.64
N VAL B 76 23.79 -16.71 -11.38
CA VAL B 76 24.21 -16.26 -10.04
C VAL B 76 23.10 -16.59 -9.04
N LEU B 77 21.87 -16.16 -9.36
CA LEU B 77 20.78 -16.38 -8.39
C LEU B 77 20.58 -17.85 -8.07
N CYS B 78 20.69 -18.68 -9.11
CA CYS B 78 20.58 -20.13 -8.92
C CYS B 78 21.68 -20.65 -7.99
N ALA B 79 22.95 -20.27 -8.24
CA ALA B 79 24.09 -20.69 -7.42
C ALA B 79 23.94 -20.27 -5.99
N LEU B 80 23.38 -19.06 -5.74
CA LEU B 80 23.23 -18.57 -4.35
C LEU B 80 22.35 -19.50 -3.51
N GLY B 81 21.51 -20.33 -4.17
CA GLY B 81 20.61 -21.27 -3.48
C GLY B 81 21.26 -22.56 -3.01
N PHE B 82 22.59 -22.71 -3.10
CA PHE B 82 23.27 -23.94 -2.65
C PHE B 82 24.13 -23.60 -1.44
N GLU B 83 24.24 -24.54 -0.52
CA GLU B 83 24.91 -24.39 0.76
C GLU B 83 26.37 -23.97 0.50
N LYS B 84 26.81 -22.98 1.23
CA LYS B 84 28.19 -22.49 1.18
C LYS B 84 28.70 -22.48 -0.25
N THR B 85 27.92 -21.97 -1.20
CA THR B 85 28.30 -21.91 -2.61
C THR B 85 28.64 -20.50 -3.03
N MET B 86 29.77 -20.36 -3.69
CA MET B 86 30.18 -19.07 -4.28
C MET B 86 29.83 -19.09 -5.75
N PRO B 87 28.98 -18.15 -6.23
CA PRO B 87 28.78 -17.94 -7.65
C PRO B 87 30.07 -17.35 -8.24
N TYR B 88 30.49 -17.88 -9.34
CA TYR B 88 31.74 -17.51 -9.99
C TYR B 88 31.44 -17.33 -11.45
N VAL B 89 31.78 -16.14 -12.00
CA VAL B 89 31.46 -15.88 -13.40
C VAL B 89 32.78 -15.74 -14.16
N HIS B 90 33.07 -16.70 -15.01
CA HIS B 90 34.29 -16.73 -15.85
C HIS B 90 34.14 -15.67 -16.93
N GLY B 91 35.09 -14.75 -16.96
CA GLY B 91 35.01 -13.66 -17.95
C GLY B 91 35.36 -12.32 -17.32
N SER B 92 34.59 -11.30 -17.71
CA SER B 92 34.88 -9.89 -17.47
C SER B 92 34.29 -9.43 -16.14
N GLN B 93 35.06 -8.71 -15.34
CA GLN B 93 34.65 -8.34 -13.96
C GLN B 93 33.53 -7.31 -14.00
N GLY B 94 33.43 -6.44 -15.00
CA GLY B 94 32.36 -5.41 -14.98
C GLY B 94 31.01 -6.05 -14.78
N CYS B 95 30.80 -7.18 -15.42
CA CYS B 95 29.52 -7.94 -15.33
C CYS B 95 29.17 -8.23 -13.87
N VAL B 96 30.10 -8.73 -13.08
CA VAL B 96 29.84 -9.13 -11.70
C VAL B 96 29.50 -7.91 -10.86
N ALA B 97 30.14 -6.77 -11.05
CA ALA B 97 29.78 -5.54 -10.31
C ALA B 97 28.28 -5.26 -10.57
N TYR B 98 27.87 -5.35 -11.80
CA TYR B 98 26.47 -5.10 -12.17
C TYR B 98 25.55 -6.14 -11.56
N PHE B 99 25.85 -7.42 -11.67
CA PHE B 99 24.95 -8.46 -11.14
C PHE B 99 24.75 -8.23 -9.65
N ARG B 100 25.82 -8.02 -8.91
CA ARG B 100 25.75 -7.86 -7.45
C ARG B 100 24.89 -6.64 -7.15
N SER B 101 25.14 -5.50 -7.79
CA SER B 101 24.43 -4.22 -7.52
CA SER B 101 24.41 -4.25 -7.44
C SER B 101 22.93 -4.38 -7.83
N TYR B 102 22.62 -5.08 -8.90
CA TYR B 102 21.21 -5.24 -9.35
C TYR B 102 20.48 -6.01 -8.25
N PHE B 103 21.00 -7.12 -7.78
CA PHE B 103 20.38 -7.84 -6.65
C PHE B 103 20.49 -7.09 -5.32
N ASN B 104 21.59 -6.40 -5.05
CA ASN B 104 21.73 -5.63 -3.80
C ASN B 104 20.49 -4.71 -3.70
N ARG B 105 20.17 -4.01 -4.76
CA ARG B 105 19.15 -2.95 -4.73
C ARG B 105 17.77 -3.59 -4.57
N HIS B 106 17.53 -4.80 -5.06
CA HIS B 106 16.19 -5.43 -4.95
C HIS B 106 16.00 -6.06 -3.58
N PHE B 107 17.02 -6.75 -3.07
CA PHE B 107 16.88 -7.47 -1.77
C PHE B 107 17.33 -6.64 -0.58
N ARG B 108 18.07 -5.52 -0.84
CA ARG B 108 18.70 -4.74 0.26
C ARG B 108 19.51 -5.68 1.18
N GLU B 109 20.35 -6.48 0.53
CA GLU B 109 21.18 -7.51 1.15
C GLU B 109 22.51 -7.54 0.44
N PRO B 110 23.54 -8.07 1.11
CA PRO B 110 24.77 -8.44 0.40
C PRO B 110 24.48 -9.48 -0.66
N VAL B 111 25.28 -9.46 -1.72
CA VAL B 111 25.24 -10.45 -2.81
C VAL B 111 26.66 -10.77 -3.14
N SER B 112 27.06 -11.99 -2.81
CA SER B 112 28.47 -12.45 -2.93
C SER B 112 28.59 -13.14 -4.30
N CYS B 113 29.64 -12.76 -5.08
CA CYS B 113 29.86 -13.34 -6.42
C CYS B 113 31.28 -12.91 -6.81
N VAL B 114 32.04 -13.79 -7.42
CA VAL B 114 33.37 -13.39 -7.92
C VAL B 114 33.42 -13.49 -9.45
N SER B 115 34.45 -12.84 -10.01
CA SER B 115 34.91 -12.88 -11.41
C SER B 115 36.29 -13.54 -11.41
N ASP B 116 36.75 -13.96 -12.55
CA ASP B 116 38.21 -14.23 -12.69
C ASP B 116 38.91 -13.18 -13.57
N SER B 117 38.28 -12.05 -13.84
CA SER B 117 38.94 -10.81 -14.33
C SER B 117 39.76 -11.12 -15.57
N MET B 118 39.10 -11.65 -16.59
CA MET B 118 39.70 -11.77 -17.93
C MET B 118 39.80 -10.38 -18.52
N THR B 119 40.91 -10.11 -19.17
CA THR B 119 41.17 -8.82 -19.85
C THR B 119 41.43 -9.08 -21.34
N GLU B 120 41.82 -8.02 -22.03
CA GLU B 120 42.02 -8.05 -23.47
C GLU B 120 43.06 -9.09 -23.87
N ASP B 121 44.03 -9.31 -22.99
CA ASP B 121 45.18 -10.21 -23.24
C ASP B 121 44.65 -11.62 -23.47
N ALA B 122 43.60 -12.00 -22.76
CA ALA B 122 43.01 -13.36 -22.85
C ALA B 122 42.45 -13.69 -24.26
N ALA B 123 42.29 -12.72 -25.19
CA ALA B 123 41.76 -12.94 -26.57
C ALA B 123 42.75 -13.76 -27.40
N VAL B 124 44.02 -13.79 -27.00
CA VAL B 124 45.10 -14.43 -27.79
C VAL B 124 45.04 -15.90 -27.40
N PHE B 125 45.00 -16.14 -26.10
CA PHE B 125 45.37 -17.40 -25.49
C PHE B 125 44.15 -17.97 -24.74
N GLY B 126 43.04 -17.23 -24.56
CA GLY B 126 41.89 -17.61 -23.70
C GLY B 126 42.12 -17.52 -22.20
N GLY B 127 41.12 -17.88 -21.38
CA GLY B 127 41.12 -17.60 -19.94
C GLY B 127 41.45 -18.79 -19.08
N GLN B 128 42.29 -19.71 -19.56
CA GLN B 128 42.68 -20.90 -18.72
C GLN B 128 43.40 -20.48 -17.46
N GLN B 129 44.34 -19.51 -17.55
CA GLN B 129 45.12 -19.18 -16.36
C GLN B 129 44.18 -18.47 -15.36
N ASN B 130 43.30 -17.62 -15.91
CA ASN B 130 42.33 -16.91 -15.05
C ASN B 130 41.48 -17.93 -14.25
N MET B 131 41.09 -19.02 -14.88
CA MET B 131 40.32 -20.09 -14.19
C MET B 131 41.17 -20.75 -13.13
N LYS B 132 42.45 -21.04 -13.43
CA LYS B 132 43.32 -21.71 -12.43
C LYS B 132 43.49 -20.84 -11.18
N ASP B 133 44.02 -19.59 -11.41
CA ASP B 133 44.30 -18.73 -10.23
C ASP B 133 42.98 -18.32 -9.55
N GLY B 134 41.94 -18.16 -10.34
CA GLY B 134 40.64 -17.68 -9.85
C GLY B 134 39.97 -18.69 -8.93
N LEU B 135 40.00 -19.96 -9.33
CA LEU B 135 39.46 -21.04 -8.44
C LEU B 135 40.30 -21.16 -7.18
N GLN B 136 41.65 -21.20 -7.33
CA GLN B 136 42.50 -21.31 -6.12
C GLN B 136 42.23 -20.14 -5.16
N ASN B 137 42.27 -18.92 -5.70
CA ASN B 137 42.12 -17.68 -4.90
C ASN B 137 40.74 -17.62 -4.23
N CYS B 138 39.72 -18.01 -4.95
CA CYS B 138 38.34 -17.94 -4.41
C CYS B 138 38.16 -18.95 -3.27
N LYS B 139 38.66 -20.17 -3.49
CA LYS B 139 38.56 -21.23 -2.44
C LYS B 139 39.31 -20.77 -1.20
N ALA B 140 40.56 -20.29 -1.33
CA ALA B 140 41.40 -19.94 -0.18
C ALA B 140 40.76 -18.79 0.57
N THR B 141 40.29 -17.78 -0.19
CA THR B 141 39.94 -16.49 0.46
C THR B 141 38.53 -16.51 1.09
N TYR B 142 37.59 -17.08 0.37
CA TYR B 142 36.16 -17.04 0.78
C TYR B 142 35.67 -18.39 1.35
N LYS B 143 36.48 -19.44 1.30
CA LYS B 143 36.20 -20.74 1.93
C LYS B 143 34.79 -21.23 1.61
N PRO B 144 34.37 -21.20 0.34
CA PRO B 144 33.17 -21.90 -0.04
C PRO B 144 33.36 -23.41 0.00
N ASP B 145 32.24 -24.16 0.11
CA ASP B 145 32.26 -25.64 -0.02
C ASP B 145 31.99 -26.04 -1.48
N MET B 146 31.59 -25.10 -2.32
CA MET B 146 31.30 -25.33 -3.75
C MET B 146 31.50 -24.04 -4.53
N ILE B 147 32.01 -24.12 -5.76
CA ILE B 147 32.11 -22.92 -6.63
C ILE B 147 31.30 -23.26 -7.86
N ALA B 148 30.28 -22.46 -8.16
CA ALA B 148 29.42 -22.72 -9.32
C ALA B 148 29.73 -21.73 -10.43
N VAL B 149 30.22 -22.21 -11.54
CA VAL B 149 30.83 -21.43 -12.62
C VAL B 149 29.88 -21.17 -13.76
N SER B 150 29.72 -19.90 -14.14
CA SER B 150 29.01 -19.44 -15.35
C SER B 150 29.94 -18.55 -16.19
N THR B 151 29.42 -17.90 -17.24
CA THR B 151 30.24 -17.11 -18.17
C THR B 151 29.66 -15.74 -18.48
N THR B 152 30.57 -14.84 -18.80
CA THR B 152 30.20 -13.57 -19.45
C THR B 152 30.37 -13.66 -20.94
N CYS B 153 29.93 -12.66 -21.67
CA CYS B 153 29.83 -12.76 -23.13
C CYS B 153 31.24 -12.77 -23.76
N MET B 154 32.21 -12.11 -23.15
CA MET B 154 33.55 -12.14 -23.80
CA MET B 154 33.64 -12.13 -23.61
C MET B 154 34.07 -13.59 -23.75
N ALA B 155 33.84 -14.33 -22.68
CA ALA B 155 34.31 -15.72 -22.55
C ALA B 155 33.61 -16.61 -23.59
N GLU B 156 32.35 -16.36 -23.85
CA GLU B 156 31.54 -17.10 -24.85
C GLU B 156 32.03 -16.77 -26.26
N VAL B 157 32.32 -15.50 -26.55
CA VAL B 157 32.76 -15.13 -27.92
C VAL B 157 34.18 -15.69 -28.19
N ILE B 158 35.09 -15.63 -27.22
CA ILE B 158 36.47 -16.21 -27.38
C ILE B 158 36.38 -17.74 -27.43
N GLY B 159 35.38 -18.37 -26.84
CA GLY B 159 35.16 -19.83 -26.97
C GLY B 159 35.85 -20.66 -25.91
N ASP B 160 36.06 -20.17 -24.71
CA ASP B 160 36.68 -20.88 -23.59
C ASP B 160 35.87 -22.13 -23.20
N ASP B 161 36.56 -23.25 -23.09
CA ASP B 161 35.93 -24.54 -22.74
C ASP B 161 35.98 -24.66 -21.22
N LEU B 162 34.86 -24.34 -20.58
CA LEU B 162 34.81 -24.40 -19.10
C LEU B 162 35.24 -25.79 -18.62
N ASN B 163 34.64 -26.83 -19.21
CA ASN B 163 34.89 -28.21 -18.72
C ASN B 163 36.40 -28.50 -18.76
N ALA B 164 37.05 -28.19 -19.88
CA ALA B 164 38.50 -28.44 -20.02
C ALA B 164 39.26 -27.57 -19.03
N PHE B 165 38.86 -26.31 -18.86
CA PHE B 165 39.63 -25.43 -17.97
C PHE B 165 39.55 -25.85 -16.51
N ILE B 166 38.35 -26.28 -16.05
CA ILE B 166 38.15 -26.72 -14.65
C ILE B 166 38.95 -28.03 -14.47
N ASN B 167 38.79 -28.96 -15.40
CA ASN B 167 39.54 -30.25 -15.35
C ASN B 167 41.06 -30.04 -15.25
N ASN B 168 41.56 -29.05 -16.00
CA ASN B 168 43.02 -28.67 -15.96
C ASN B 168 43.39 -28.00 -14.63
N SER B 169 42.49 -27.21 -14.04
CA SER B 169 42.74 -26.60 -12.72
C SER B 169 42.96 -27.73 -11.70
N LYS B 170 42.10 -28.76 -11.74
CA LYS B 170 42.25 -29.90 -10.79
C LYS B 170 43.52 -30.70 -11.14
N LYS B 171 43.72 -30.95 -12.43
CA LYS B 171 44.89 -31.78 -12.91
C LYS B 171 46.17 -31.11 -12.35
N GLU B 172 46.27 -29.76 -12.43
CA GLU B 172 47.48 -28.99 -12.08
C GLU B 172 47.51 -28.55 -10.60
N GLY B 173 46.53 -28.97 -9.76
CA GLY B 173 46.64 -28.82 -8.28
C GLY B 173 46.15 -27.46 -7.79
N PHE B 174 45.42 -26.71 -8.61
CA PHE B 174 44.90 -25.38 -8.17
C PHE B 174 43.75 -25.52 -7.16
N ILE B 175 42.95 -26.57 -7.31
CA ILE B 175 41.89 -26.93 -6.32
C ILE B 175 41.83 -28.45 -6.21
N PRO B 176 41.37 -28.98 -5.07
CA PRO B 176 41.34 -30.43 -4.86
C PRO B 176 40.49 -31.13 -5.91
N ASP B 177 40.86 -32.36 -6.25
CA ASP B 177 40.08 -33.13 -7.26
C ASP B 177 38.64 -33.29 -6.75
N GLU B 178 38.42 -33.43 -5.45
CA GLU B 178 37.06 -33.77 -4.91
C GLU B 178 36.26 -32.49 -4.71
N PHE B 179 36.86 -31.32 -4.86
CA PHE B 179 36.12 -30.06 -4.61
C PHE B 179 35.09 -29.83 -5.71
N PRO B 180 33.80 -29.59 -5.39
CA PRO B 180 32.79 -29.47 -6.44
C PRO B 180 32.86 -28.14 -7.20
N VAL B 181 32.89 -28.24 -8.52
CA VAL B 181 32.98 -27.08 -9.45
C VAL B 181 32.04 -27.35 -10.59
N PRO B 182 30.70 -27.35 -10.33
CA PRO B 182 29.78 -27.46 -11.43
C PRO B 182 29.80 -26.19 -12.29
N PHE B 183 29.36 -26.31 -13.55
CA PHE B 183 29.52 -25.20 -14.51
C PHE B 183 28.39 -25.22 -15.51
N ALA B 184 28.20 -24.05 -16.14
CA ALA B 184 27.30 -23.85 -17.25
C ALA B 184 27.75 -22.67 -18.11
N HIS B 185 27.65 -22.87 -19.40
CA HIS B 185 27.82 -21.80 -20.40
C HIS B 185 26.53 -20.94 -20.36
N THR B 186 26.71 -19.62 -20.22
CA THR B 186 25.55 -18.70 -20.06
C THR B 186 25.71 -17.49 -20.97
N PRO B 187 25.58 -17.66 -22.29
CA PRO B 187 25.76 -16.54 -23.24
C PRO B 187 24.62 -15.51 -23.14
N SER B 188 24.98 -14.25 -22.96
CA SER B 188 24.00 -13.17 -22.75
C SER B 188 23.20 -12.87 -24.01
N PHE B 189 23.70 -13.28 -25.19
CA PHE B 189 23.07 -13.04 -26.47
C PHE B 189 22.15 -14.23 -26.84
N VAL B 190 21.88 -15.12 -25.89
CA VAL B 190 20.83 -16.16 -26.00
C VAL B 190 19.85 -15.94 -24.86
N GLY B 191 18.56 -15.99 -25.22
CA GLY B 191 17.52 -16.01 -24.18
C GLY B 191 17.64 -14.78 -23.25
N SER B 192 17.55 -15.05 -21.95
CA SER B 192 17.53 -13.99 -20.92
C SER B 192 18.07 -14.51 -19.61
N HIS B 193 17.92 -13.74 -18.56
CA HIS B 193 18.36 -14.17 -17.23
C HIS B 193 17.72 -15.51 -16.85
N VAL B 194 16.46 -15.76 -17.22
CA VAL B 194 15.84 -17.04 -16.75
C VAL B 194 16.51 -18.25 -17.45
N THR B 195 17.05 -18.05 -18.65
CA THR B 195 17.75 -19.13 -19.39
C THR B 195 19.04 -19.45 -18.64
N GLY B 196 19.71 -18.43 -18.10
CA GLY B 196 20.90 -18.65 -17.27
C GLY B 196 20.62 -19.48 -16.04
N TRP B 197 19.44 -19.28 -15.45
CA TRP B 197 19.04 -20.04 -14.23
C TRP B 197 18.91 -21.52 -14.64
N ASP B 198 18.18 -21.77 -15.69
CA ASP B 198 17.97 -23.17 -16.18
C ASP B 198 19.32 -23.82 -16.50
N ASN B 199 20.16 -23.09 -17.24
CA ASN B 199 21.49 -23.63 -17.59
C ASN B 199 22.31 -23.97 -16.34
N MET B 200 22.42 -23.06 -15.39
CA MET B 200 23.18 -23.26 -14.17
C MET B 200 22.61 -24.50 -13.45
N PHE B 201 21.30 -24.55 -13.25
CA PHE B 201 20.67 -25.61 -12.44
C PHE B 201 21.02 -26.96 -13.09
N GLU B 202 20.82 -27.04 -14.38
CA GLU B 202 21.06 -28.33 -15.08
C GLU B 202 22.53 -28.71 -14.93
N GLY B 203 23.44 -27.75 -14.98
CA GLY B 203 24.85 -28.08 -14.73
C GLY B 203 25.12 -28.61 -13.37
N ILE B 204 24.50 -28.03 -12.36
CA ILE B 204 24.70 -28.49 -10.97
C ILE B 204 24.09 -29.90 -10.82
N ALA B 205 22.90 -30.08 -11.35
CA ALA B 205 22.23 -31.39 -11.29
C ALA B 205 23.10 -32.47 -11.95
N ARG B 206 23.62 -32.18 -13.16
CA ARG B 206 24.52 -33.12 -13.89
C ARG B 206 25.73 -33.43 -13.01
N TYR B 207 26.39 -32.42 -12.45
CA TYR B 207 27.61 -32.59 -11.63
C TYR B 207 27.42 -33.65 -10.56
N PHE B 208 26.30 -33.66 -9.87
CA PHE B 208 26.11 -34.47 -8.67
C PHE B 208 25.45 -35.82 -8.98
N THR B 209 24.98 -36.04 -10.19
CA THR B 209 24.13 -37.23 -10.47
C THR B 209 24.53 -37.99 -11.74
N LEU B 210 25.05 -37.38 -12.80
CA LEU B 210 25.09 -38.04 -14.12
C LEU B 210 25.90 -39.35 -14.03
N LYS B 211 27.00 -39.36 -13.29
CA LYS B 211 27.95 -40.49 -13.22
C LYS B 211 27.69 -41.42 -12.02
N SER B 212 26.61 -41.26 -11.30
CA SER B 212 26.30 -42.02 -10.08
C SER B 212 24.89 -42.67 -10.17
N MET B 213 24.35 -42.80 -11.37
CA MET B 213 22.95 -43.22 -11.58
C MET B 213 22.75 -44.71 -11.27
N ASP B 214 23.82 -45.53 -11.25
CA ASP B 214 23.67 -47.00 -11.21
C ASP B 214 22.97 -47.39 -9.91
N ASP B 215 23.17 -46.68 -8.78
CA ASP B 215 22.61 -47.15 -7.51
C ASP B 215 21.28 -46.45 -7.19
N LYS B 216 20.75 -45.68 -8.13
CA LYS B 216 19.51 -44.91 -7.86
C LYS B 216 18.29 -45.76 -8.10
N VAL B 217 17.26 -45.52 -7.29
CA VAL B 217 15.95 -46.17 -7.48
C VAL B 217 14.90 -45.08 -7.29
N VAL B 218 14.11 -44.88 -8.32
CA VAL B 218 13.04 -43.86 -8.30
C VAL B 218 12.11 -44.19 -7.14
N GLY B 219 11.80 -43.17 -6.33
CA GLY B 219 10.88 -43.31 -5.23
C GLY B 219 11.45 -43.80 -3.95
N SER B 220 12.69 -44.29 -3.95
CA SER B 220 13.24 -44.94 -2.76
C SER B 220 13.35 -44.01 -1.55
N ASN B 221 13.49 -42.68 -1.75
CA ASN B 221 13.61 -41.79 -0.58
C ASN B 221 12.26 -41.19 -0.17
N LYS B 222 11.19 -41.50 -0.87
CA LYS B 222 9.78 -41.15 -0.56
C LYS B 222 9.56 -39.63 -0.61
N LYS B 223 10.49 -38.85 -1.21
CA LYS B 223 10.38 -37.39 -1.26
C LYS B 223 9.97 -36.93 -2.64
N ILE B 224 9.56 -35.66 -2.76
CA ILE B 224 9.36 -34.97 -4.05
C ILE B 224 10.40 -33.80 -4.15
N ASN B 225 11.16 -33.75 -5.24
CA ASN B 225 12.03 -32.61 -5.54
C ASN B 225 11.15 -31.44 -6.00
N ILE B 226 11.55 -30.26 -5.57
CA ILE B 226 10.96 -28.97 -6.05
C ILE B 226 12.07 -28.07 -6.61
N VAL B 227 11.87 -27.62 -7.82
CA VAL B 227 12.81 -26.71 -8.52
C VAL B 227 12.07 -25.39 -8.69
N PRO B 228 12.53 -24.30 -8.04
CA PRO B 228 11.74 -23.07 -8.04
C PRO B 228 11.91 -22.22 -9.29
N GLY B 229 13.05 -22.34 -9.95
CA GLY B 229 13.41 -21.34 -10.98
C GLY B 229 13.78 -19.98 -10.36
N PHE B 230 13.96 -19.04 -11.27
CA PHE B 230 14.42 -17.66 -10.99
C PHE B 230 13.29 -16.98 -10.17
N GLU B 231 13.60 -16.72 -8.92
CA GLU B 231 12.58 -16.33 -7.96
C GLU B 231 13.17 -15.27 -7.07
N THR B 232 12.47 -14.13 -6.96
CA THR B 232 13.01 -12.96 -6.22
C THR B 232 12.06 -12.49 -5.12
N TYR B 233 11.05 -13.30 -4.77
CA TYR B 233 10.23 -13.04 -3.57
C TYR B 233 10.61 -14.08 -2.54
N LEU B 234 11.04 -13.68 -1.36
CA LEU B 234 11.39 -14.60 -0.27
C LEU B 234 10.14 -15.39 0.09
N GLY B 235 8.98 -14.76 0.06
CA GLY B 235 7.76 -15.44 0.50
C GLY B 235 7.41 -16.61 -0.40
N ASN B 236 7.91 -16.66 -1.62
CA ASN B 236 7.60 -17.75 -2.58
C ASN B 236 8.40 -19.00 -2.24
N PHE B 237 9.66 -18.87 -1.80
CA PHE B 237 10.37 -20.08 -1.31
C PHE B 237 9.66 -20.58 -0.04
N ARG B 238 9.32 -19.64 0.82
CA ARG B 238 8.76 -19.95 2.16
C ARG B 238 7.37 -20.59 2.05
N VAL B 239 6.48 -20.10 1.19
CA VAL B 239 5.10 -20.63 1.11
C VAL B 239 5.13 -22.06 0.58
N ILE B 240 5.98 -22.38 -0.38
CA ILE B 240 6.07 -23.75 -0.91
C ILE B 240 6.53 -24.71 0.18
N LYS B 241 7.58 -24.38 0.89
CA LYS B 241 8.07 -25.20 2.01
C LYS B 241 6.96 -25.36 3.08
N ARG B 242 6.25 -24.27 3.40
CA ARG B 242 5.26 -24.31 4.48
C ARG B 242 4.11 -25.24 4.06
N MET B 243 3.65 -25.12 2.85
CA MET B 243 2.49 -25.92 2.35
CA MET B 243 2.49 -25.92 2.34
C MET B 243 2.87 -27.40 2.32
N LEU B 244 4.05 -27.73 1.80
CA LEU B 244 4.49 -29.15 1.75
C LEU B 244 4.65 -29.67 3.18
N SER B 245 5.22 -28.92 4.11
CA SER B 245 5.37 -29.36 5.51
C SER B 245 4.00 -29.55 6.15
N GLU B 246 3.05 -28.62 5.95
CA GLU B 246 1.68 -28.75 6.51
C GLU B 246 1.01 -30.02 6.02
N MET B 247 1.31 -30.44 4.81
CA MET B 247 0.74 -31.62 4.16
C MET B 247 1.51 -32.91 4.54
N GLY B 248 2.61 -32.80 5.30
CA GLY B 248 3.41 -33.98 5.69
C GLY B 248 4.11 -34.60 4.52
N VAL B 249 4.41 -33.84 3.50
CA VAL B 249 5.09 -34.29 2.26
C VAL B 249 6.59 -34.15 2.45
N GLY B 250 7.34 -35.23 2.27
CA GLY B 250 8.81 -35.17 2.26
C GLY B 250 9.21 -34.51 0.96
N TYR B 251 10.16 -33.58 1.05
CA TYR B 251 10.51 -32.83 -0.17
C TYR B 251 11.96 -32.34 -0.03
N SER B 252 12.54 -32.01 -1.16
CA SER B 252 13.85 -31.30 -1.26
CA SER B 252 13.86 -31.34 -1.31
CA SER B 252 13.81 -31.26 -1.21
C SER B 252 13.68 -30.09 -2.19
N LEU B 253 13.88 -28.91 -1.65
CA LEU B 253 13.83 -27.69 -2.49
C LEU B 253 15.25 -27.48 -3.04
N LEU B 254 15.34 -27.54 -4.34
CA LEU B 254 16.66 -27.59 -5.04
C LEU B 254 16.92 -26.17 -5.62
N SER B 255 17.85 -25.49 -4.93
CA SER B 255 18.18 -24.06 -5.08
C SER B 255 17.23 -23.26 -4.19
N ASP B 256 17.72 -22.94 -3.01
CA ASP B 256 16.91 -22.32 -1.95
C ASP B 256 17.76 -21.22 -1.31
N PRO B 257 17.66 -19.98 -1.83
CA PRO B 257 18.44 -18.87 -1.33
C PRO B 257 17.76 -18.06 -0.23
N GLU B 258 16.69 -18.57 0.36
CA GLU B 258 15.89 -17.68 1.22
C GLU B 258 16.69 -17.29 2.48
N GLU B 259 17.57 -18.15 3.02
CA GLU B 259 18.38 -17.75 4.17
C GLU B 259 19.45 -16.73 3.78
N VAL B 260 20.16 -16.95 2.68
CA VAL B 260 21.32 -16.09 2.36
C VAL B 260 20.81 -14.72 1.85
N LEU B 261 19.57 -14.63 1.46
CA LEU B 261 18.99 -13.34 1.06
C LEU B 261 18.21 -12.71 2.20
N ASP B 262 18.39 -13.16 3.42
CA ASP B 262 17.65 -12.58 4.56
C ASP B 262 18.36 -12.85 5.89
N THR B 263 19.66 -12.60 5.98
CA THR B 263 20.41 -12.83 7.22
C THR B 263 20.03 -11.76 8.21
N PRO B 264 20.07 -12.10 9.50
CA PRO B 264 19.76 -11.09 10.52
C PRO B 264 20.90 -10.09 10.65
N ALA B 265 20.58 -8.87 11.08
CA ALA B 265 21.56 -7.85 11.48
C ALA B 265 21.79 -7.98 12.98
N ASP B 266 22.78 -8.79 13.34
CA ASP B 266 23.05 -9.12 14.74
C ASP B 266 24.51 -8.88 15.09
N GLY B 267 25.27 -8.18 14.25
CA GLY B 267 26.67 -7.84 14.59
C GLY B 267 27.65 -8.70 13.82
N GLN B 268 27.16 -9.64 13.02
CA GLN B 268 28.09 -10.37 12.15
C GLN B 268 27.51 -10.48 10.76
N PHE B 269 28.43 -10.42 9.82
CA PHE B 269 28.18 -10.68 8.40
C PHE B 269 28.35 -12.16 8.14
N ARG B 270 27.34 -12.76 7.54
CA ARG B 270 27.33 -14.19 7.12
C ARG B 270 27.33 -14.24 5.60
N MET B 271 28.50 -14.57 5.05
CA MET B 271 28.59 -14.64 3.56
C MET B 271 27.65 -15.69 3.02
N TYR B 272 27.55 -16.84 3.72
CA TYR B 272 26.68 -17.95 3.33
C TYR B 272 25.69 -18.27 4.45
N ALA B 273 24.52 -18.75 4.07
CA ALA B 273 23.50 -19.18 5.05
C ALA B 273 22.52 -20.11 4.33
N GLY B 274 22.19 -21.22 4.99
CA GLY B 274 21.19 -22.14 4.46
C GLY B 274 21.59 -22.74 3.15
N GLY B 275 20.62 -22.94 2.31
CA GLY B 275 20.79 -23.47 0.95
C GLY B 275 20.62 -24.97 0.86
N THR B 276 20.36 -25.39 -0.35
CA THR B 276 20.29 -26.82 -0.71
C THR B 276 21.64 -27.47 -0.43
N THR B 277 21.65 -28.65 0.14
CA THR B 277 22.90 -29.35 0.48
C THR B 277 23.36 -30.13 -0.73
N GLN B 278 24.67 -30.41 -0.75
CA GLN B 278 25.21 -31.36 -1.75
C GLN B 278 24.55 -32.74 -1.59
N GLU B 279 24.32 -33.20 -0.35
CA GLU B 279 23.68 -34.52 -0.12
C GLU B 279 22.31 -34.49 -0.78
N GLU B 280 21.57 -33.36 -0.68
CA GLU B 280 20.21 -33.30 -1.30
C GLU B 280 20.29 -33.46 -2.82
N MET B 281 21.27 -32.82 -3.47
CA MET B 281 21.41 -32.95 -4.94
CA MET B 281 21.37 -32.97 -4.95
C MET B 281 21.83 -34.40 -5.30
N LYS B 282 22.77 -34.97 -4.54
CA LYS B 282 23.28 -36.36 -4.80
C LYS B 282 22.11 -37.37 -4.68
N ASP B 283 21.18 -37.11 -3.77
CA ASP B 283 20.09 -38.04 -3.41
C ASP B 283 18.89 -37.81 -4.32
N ALA B 284 18.81 -36.64 -5.02
CA ALA B 284 17.61 -36.23 -5.76
C ALA B 284 17.05 -37.29 -6.70
N PRO B 285 17.87 -38.12 -7.40
CA PRO B 285 17.28 -39.11 -8.31
C PRO B 285 16.45 -40.17 -7.58
N ASN B 286 16.67 -40.35 -6.29
CA ASN B 286 15.90 -41.30 -5.45
C ASN B 286 14.49 -40.76 -5.12
N ALA B 287 14.15 -39.52 -5.47
CA ALA B 287 12.81 -38.97 -5.23
C ALA B 287 11.77 -39.73 -6.04
N LEU B 288 10.52 -39.60 -5.61
CA LEU B 288 9.34 -40.07 -6.34
C LEU B 288 9.22 -39.38 -7.69
N ASN B 289 9.53 -38.09 -7.72
CA ASN B 289 9.29 -37.29 -8.91
C ASN B 289 9.92 -35.91 -8.61
N THR B 290 9.92 -35.10 -9.61
CA THR B 290 10.46 -33.72 -9.59
C THR B 290 9.37 -32.79 -10.13
N VAL B 291 9.02 -31.75 -9.37
CA VAL B 291 8.03 -30.71 -9.80
C VAL B 291 8.80 -29.41 -10.10
N LEU B 292 8.49 -28.85 -11.25
CA LEU B 292 9.09 -27.57 -11.72
C LEU B 292 8.10 -26.44 -11.44
N LEU B 293 8.46 -25.48 -10.57
CA LEU B 293 7.44 -24.46 -10.26
C LEU B 293 7.26 -23.49 -11.42
N GLN B 294 8.27 -23.31 -12.28
CA GLN B 294 8.26 -22.28 -13.36
C GLN B 294 8.73 -23.00 -14.63
N PRO B 295 7.86 -23.86 -15.18
CA PRO B 295 8.27 -24.77 -16.25
C PRO B 295 8.71 -24.04 -17.51
N TRP B 296 8.11 -22.90 -17.87
CA TRP B 296 8.45 -22.19 -19.11
C TRP B 296 9.88 -21.61 -19.07
N HIS B 297 10.65 -21.67 -17.97
CA HIS B 297 12.13 -21.45 -18.07
C HIS B 297 12.96 -22.58 -17.45
N LEU B 298 12.41 -23.80 -17.43
CA LEU B 298 13.14 -24.95 -16.87
C LEU B 298 13.11 -26.10 -17.90
N GLU B 299 13.05 -25.78 -19.19
CA GLU B 299 12.99 -26.82 -20.25
C GLU B 299 14.28 -27.66 -20.28
N LYS B 300 15.47 -27.07 -20.15
CA LYS B 300 16.69 -27.90 -20.18
C LYS B 300 16.72 -28.77 -18.92
N THR B 301 16.45 -28.23 -17.75
CA THR B 301 16.40 -29.02 -16.51
C THR B 301 15.39 -30.19 -16.69
N LYS B 302 14.24 -29.89 -17.26
CA LYS B 302 13.21 -30.93 -17.47
C LYS B 302 13.75 -32.09 -18.29
N LYS B 303 14.43 -31.79 -19.37
CA LYS B 303 15.01 -32.85 -20.24
C LYS B 303 16.00 -33.70 -19.44
N PHE B 304 16.85 -33.09 -18.64
CA PHE B 304 17.81 -33.85 -17.80
C PHE B 304 17.13 -34.73 -16.76
N VAL B 305 16.18 -34.15 -16.04
CA VAL B 305 15.44 -34.87 -14.99
C VAL B 305 14.67 -36.06 -15.59
N GLU B 306 14.05 -35.89 -16.73
CA GLU B 306 13.30 -36.97 -17.41
C GLU B 306 14.30 -37.97 -18.00
N GLY B 307 15.31 -37.47 -18.69
CA GLY B 307 16.18 -38.32 -19.49
C GLY B 307 17.16 -39.10 -18.64
N THR B 308 17.64 -38.56 -17.55
CA THR B 308 18.67 -39.17 -16.69
C THR B 308 18.07 -39.69 -15.39
N TRP B 309 17.29 -38.87 -14.65
CA TRP B 309 16.68 -39.33 -13.36
C TRP B 309 15.48 -40.26 -13.62
N LYS B 310 14.88 -40.18 -14.80
CA LYS B 310 13.71 -41.01 -15.21
C LYS B 310 12.52 -40.60 -14.36
N HIS B 311 12.45 -39.33 -13.97
CA HIS B 311 11.22 -38.82 -13.32
C HIS B 311 10.19 -38.39 -14.37
N GLU B 312 8.91 -38.67 -14.13
CA GLU B 312 7.81 -38.31 -15.08
CA GLU B 312 7.82 -38.31 -15.07
C GLU B 312 7.29 -36.94 -14.64
N VAL B 313 8.03 -35.90 -14.98
CA VAL B 313 7.73 -34.57 -14.44
C VAL B 313 6.29 -34.22 -14.79
N PRO B 314 5.45 -33.85 -13.78
CA PRO B 314 4.05 -33.51 -14.05
C PRO B 314 3.90 -32.22 -14.87
N LYS B 315 2.86 -32.17 -15.73
CA LYS B 315 2.47 -31.02 -16.55
C LYS B 315 1.71 -30.07 -15.62
N LEU B 316 2.40 -29.23 -14.89
CA LEU B 316 1.76 -28.28 -13.95
C LEU B 316 2.13 -26.86 -14.30
N ASN B 317 1.16 -25.96 -14.22
CA ASN B 317 1.42 -24.51 -14.30
C ASN B 317 1.99 -24.06 -12.97
N ILE B 318 2.67 -22.90 -13.01
CA ILE B 318 3.09 -22.22 -11.78
C ILE B 318 1.92 -22.20 -10.80
N PRO B 319 2.16 -22.44 -9.49
CA PRO B 319 1.06 -22.43 -8.51
C PRO B 319 0.70 -20.99 -8.12
N MET B 320 -0.02 -20.31 -9.00
CA MET B 320 -0.54 -18.92 -8.77
C MET B 320 -2.03 -18.91 -9.02
N GLY B 321 -2.74 -18.19 -8.17
CA GLY B 321 -4.21 -18.11 -8.26
C GLY B 321 -4.83 -19.34 -7.61
N LEU B 322 -6.13 -19.42 -7.77
CA LEU B 322 -6.93 -20.46 -7.09
C LEU B 322 -6.83 -21.80 -7.84
N ASP B 323 -7.19 -21.83 -9.11
CA ASP B 323 -7.21 -23.09 -9.86
C ASP B 323 -5.83 -23.73 -9.90
N TRP B 324 -4.78 -22.98 -10.18
CA TRP B 324 -3.43 -23.60 -10.33
C TRP B 324 -2.80 -23.97 -8.97
N THR B 325 -3.17 -23.31 -7.87
CA THR B 325 -2.72 -23.78 -6.53
C THR B 325 -3.46 -25.08 -6.24
N ASP B 326 -4.73 -25.12 -6.54
CA ASP B 326 -5.52 -26.36 -6.37
C ASP B 326 -4.88 -27.51 -7.13
N GLU B 327 -4.52 -27.24 -8.36
CA GLU B 327 -3.97 -28.33 -9.21
C GLU B 327 -2.61 -28.79 -8.65
N PHE B 328 -1.76 -27.86 -8.25
CA PHE B 328 -0.47 -28.21 -7.64
C PHE B 328 -0.67 -29.12 -6.43
N LEU B 329 -1.56 -28.75 -5.53
CA LEU B 329 -1.76 -29.55 -4.29
C LEU B 329 -2.37 -30.91 -4.61
N MET B 330 -3.26 -30.99 -5.58
CA MET B 330 -3.87 -32.28 -5.96
C MET B 330 -2.80 -33.19 -6.57
N LYS B 331 -1.89 -32.65 -7.35
CA LYS B 331 -0.86 -33.50 -7.98
C LYS B 331 0.16 -33.92 -6.93
N VAL B 332 0.59 -33.04 -6.04
CA VAL B 332 1.48 -33.39 -4.91
C VAL B 332 0.82 -34.49 -4.07
N SER B 333 -0.48 -34.42 -3.83
CA SER B 333 -1.25 -35.41 -3.03
C SER B 333 -1.15 -36.77 -3.73
N GLU B 334 -1.39 -36.79 -5.03
CA GLU B 334 -1.33 -38.03 -5.86
C GLU B 334 0.06 -38.64 -5.77
N ILE B 335 1.09 -37.83 -5.98
CA ILE B 335 2.50 -38.36 -5.99
C ILE B 335 2.87 -38.91 -4.60
N SER B 336 2.62 -38.15 -3.55
CA SER B 336 3.16 -38.37 -2.19
C SER B 336 2.29 -39.39 -1.48
N GLY B 337 1.01 -39.46 -1.86
CA GLY B 337 0.02 -40.23 -1.07
C GLY B 337 -0.52 -39.48 0.14
N GLN B 338 -0.11 -38.24 0.36
CA GLN B 338 -0.57 -37.46 1.52
C GLN B 338 -1.88 -36.78 1.15
N PRO B 339 -2.90 -36.85 2.03
CA PRO B 339 -4.08 -36.04 1.80
C PRO B 339 -3.76 -34.53 1.93
N ILE B 340 -4.59 -33.71 1.28
CA ILE B 340 -4.57 -32.24 1.53
C ILE B 340 -5.22 -31.99 2.88
N PRO B 341 -4.50 -31.37 3.81
CA PRO B 341 -4.97 -31.24 5.19
C PRO B 341 -6.00 -30.14 5.35
N ALA B 342 -6.69 -30.22 6.46
CA ALA B 342 -7.74 -29.29 6.87
C ALA B 342 -7.19 -27.87 6.80
N SER B 343 -5.94 -27.66 7.21
CA SER B 343 -5.35 -26.30 7.29
C SER B 343 -5.35 -25.67 5.90
N LEU B 344 -4.94 -26.38 4.88
CA LEU B 344 -4.86 -25.82 3.52
C LEU B 344 -6.27 -25.69 2.91
N THR B 345 -7.18 -26.63 3.16
CA THR B 345 -8.58 -26.47 2.73
C THR B 345 -9.17 -25.17 3.29
N LYS B 346 -8.91 -24.90 4.56
CA LYS B 346 -9.45 -23.67 5.20
C LYS B 346 -8.77 -22.44 4.59
N GLU B 347 -7.46 -22.46 4.40
CA GLU B 347 -6.76 -21.31 3.76
C GLU B 347 -7.35 -21.03 2.38
N ARG B 348 -7.59 -22.06 1.56
CA ARG B 348 -8.24 -21.93 0.26
C ARG B 348 -9.56 -21.17 0.43
N GLY B 349 -10.38 -21.61 1.38
CA GLY B 349 -11.70 -21.00 1.59
C GLY B 349 -11.65 -19.58 2.04
N ARG B 350 -10.61 -19.22 2.76
CA ARG B 350 -10.36 -17.83 3.18
C ARG B 350 -9.98 -16.97 1.99
N LEU B 351 -9.20 -17.47 1.06
CA LEU B 351 -8.97 -16.76 -0.22
C LEU B 351 -10.30 -16.59 -0.96
N VAL B 352 -11.12 -17.63 -1.06
CA VAL B 352 -12.40 -17.50 -1.79
C VAL B 352 -13.28 -16.46 -1.08
N ASP B 353 -13.28 -16.47 0.26
CA ASP B 353 -14.02 -15.44 1.02
C ASP B 353 -13.58 -14.06 0.55
N MET B 354 -12.27 -13.83 0.52
CA MET B 354 -11.75 -12.51 0.13
C MET B 354 -12.19 -12.17 -1.29
N MET B 355 -12.19 -13.14 -2.19
CA MET B 355 -12.70 -12.92 -3.55
C MET B 355 -14.16 -12.46 -3.54
N THR B 356 -14.98 -13.13 -2.77
CA THR B 356 -16.40 -12.75 -2.72
C THR B 356 -16.53 -11.33 -2.11
N ASP B 357 -15.73 -10.99 -1.10
CA ASP B 357 -15.77 -9.69 -0.43
C ASP B 357 -15.34 -8.55 -1.36
N SER B 358 -14.40 -8.81 -2.27
CA SER B 358 -13.75 -7.71 -3.03
C SER B 358 -14.17 -7.70 -4.50
N HIS B 359 -15.05 -8.60 -4.95
CA HIS B 359 -15.30 -8.78 -6.40
C HIS B 359 -15.95 -7.56 -7.03
N THR B 360 -16.68 -6.74 -6.27
CA THR B 360 -17.41 -5.62 -6.91
C THR B 360 -16.48 -4.52 -7.37
N TRP B 361 -15.38 -4.32 -6.62
CA TRP B 361 -14.40 -3.28 -7.02
C TRP B 361 -13.39 -3.79 -8.07
N LEU B 362 -13.13 -5.11 -8.06
CA LEU B 362 -12.25 -5.74 -9.07
C LEU B 362 -12.93 -5.89 -10.42
N HIS B 363 -14.23 -6.05 -10.45
CA HIS B 363 -14.89 -6.48 -11.69
C HIS B 363 -14.62 -5.53 -12.84
N GLY B 364 -14.18 -6.07 -13.96
CA GLY B 364 -14.02 -5.26 -15.17
C GLY B 364 -12.77 -4.37 -15.16
N LYS B 365 -12.01 -4.34 -14.08
CA LYS B 365 -10.81 -3.46 -14.09
C LYS B 365 -9.82 -3.95 -15.13
N ARG B 366 -9.20 -3.00 -15.83
CA ARG B 366 -8.32 -3.31 -16.97
C ARG B 366 -6.86 -3.09 -16.59
N PHE B 367 -6.00 -4.05 -16.92
CA PHE B 367 -4.58 -4.01 -16.53
C PHE B 367 -3.66 -4.18 -17.73
N ALA B 368 -2.56 -3.45 -17.67
CA ALA B 368 -1.37 -3.77 -18.48
C ALA B 368 -0.36 -4.39 -17.52
N LEU B 369 0.40 -5.37 -17.97
CA LEU B 369 1.29 -6.11 -17.07
C LEU B 369 2.45 -6.68 -17.86
N TRP B 370 3.54 -6.92 -17.14
CA TRP B 370 4.76 -7.54 -17.74
C TRP B 370 5.54 -8.31 -16.68
N GLY B 371 6.56 -9.05 -17.14
CA GLY B 371 7.48 -9.81 -16.31
C GLY B 371 7.91 -11.07 -17.05
N ASP B 372 8.39 -12.04 -16.32
CA ASP B 372 8.89 -13.31 -16.87
C ASP B 372 7.70 -14.19 -17.19
N PRO B 373 7.89 -15.20 -18.06
CA PRO B 373 6.73 -15.90 -18.63
C PRO B 373 5.81 -16.63 -17.64
N ASP B 374 6.38 -17.34 -16.70
CA ASP B 374 5.57 -18.13 -15.74
C ASP B 374 4.82 -17.11 -14.85
N PHE B 375 5.56 -16.12 -14.32
CA PHE B 375 4.92 -15.09 -13.47
C PHE B 375 3.76 -14.44 -14.23
N VAL B 376 4.01 -14.01 -15.45
CA VAL B 376 3.01 -13.33 -16.26
C VAL B 376 1.77 -14.22 -16.43
N MET B 377 1.96 -15.47 -16.84
CA MET B 377 0.80 -16.32 -17.18
C MET B 377 0.03 -16.57 -15.87
N GLY B 378 0.67 -16.70 -14.72
CA GLY B 378 -0.04 -16.90 -13.44
C GLY B 378 -0.78 -15.65 -13.03
N LEU B 379 -0.20 -14.48 -13.28
CA LEU B 379 -0.90 -13.22 -12.95
C LEU B 379 -2.13 -13.06 -13.87
N VAL B 380 -2.00 -13.36 -15.14
CA VAL B 380 -3.14 -13.34 -16.11
C VAL B 380 -4.25 -14.28 -15.59
N LYS B 381 -3.90 -15.51 -15.27
CA LYS B 381 -4.88 -16.51 -14.79
C LYS B 381 -5.59 -15.97 -13.56
N PHE B 382 -4.86 -15.48 -12.58
CA PHE B 382 -5.52 -14.99 -11.35
C PHE B 382 -6.43 -13.78 -11.68
N LEU B 383 -5.97 -12.86 -12.51
CA LEU B 383 -6.80 -11.70 -12.90
C LEU B 383 -8.10 -12.19 -13.52
N LEU B 384 -8.10 -13.19 -14.37
CA LEU B 384 -9.34 -13.73 -14.94
C LEU B 384 -10.22 -14.31 -13.83
N GLU B 385 -9.65 -14.99 -12.84
CA GLU B 385 -10.38 -15.57 -11.69
CA GLU B 385 -10.42 -15.56 -11.71
C GLU B 385 -11.06 -14.44 -10.88
N LEU B 386 -10.46 -13.26 -10.86
CA LEU B 386 -10.96 -12.12 -10.09
C LEU B 386 -11.98 -11.35 -10.93
N GLY B 387 -12.27 -11.74 -12.16
CA GLY B 387 -13.15 -10.91 -12.97
C GLY B 387 -12.53 -9.64 -13.51
N CYS B 388 -11.22 -9.63 -13.64
CA CYS B 388 -10.48 -8.50 -14.20
C CYS B 388 -10.12 -8.78 -15.65
N GLU B 389 -9.79 -7.72 -16.38
CA GLU B 389 -9.42 -7.84 -17.81
C GLU B 389 -7.94 -7.52 -17.98
N PRO B 390 -7.09 -8.54 -18.29
CA PRO B 390 -5.67 -8.27 -18.52
C PRO B 390 -5.39 -7.90 -20.00
N VAL B 391 -5.60 -6.62 -20.32
CA VAL B 391 -5.76 -6.22 -21.72
CA VAL B 391 -5.75 -6.04 -21.68
C VAL B 391 -4.41 -6.10 -22.45
N HIS B 392 -3.31 -5.66 -21.81
CA HIS B 392 -1.98 -5.63 -22.41
C HIS B 392 -1.06 -6.56 -21.62
N ILE B 393 -0.70 -7.71 -22.21
CA ILE B 393 0.15 -8.73 -21.55
C ILE B 393 1.49 -8.71 -22.30
N LEU B 394 2.54 -8.28 -21.64
CA LEU B 394 3.85 -8.11 -22.28
C LEU B 394 4.85 -9.02 -21.62
N CYS B 395 5.54 -9.82 -22.44
CA CYS B 395 6.61 -10.68 -21.94
C CYS B 395 7.74 -10.55 -22.94
N HIS B 396 8.70 -9.74 -22.62
CA HIS B 396 9.78 -9.41 -23.58
C HIS B 396 10.52 -10.73 -23.91
N ASN B 397 10.78 -11.56 -22.88
CA ASN B 397 11.57 -12.80 -23.01
C ASN B 397 10.61 -13.98 -23.27
N GLY B 398 9.41 -13.76 -23.80
CA GLY B 398 8.44 -14.85 -24.08
C GLY B 398 8.70 -15.50 -25.42
N ASN B 399 8.12 -16.64 -25.66
CA ASN B 399 8.33 -17.36 -26.93
C ASN B 399 6.95 -17.64 -27.53
N LYS B 400 6.91 -18.15 -28.75
CA LYS B 400 5.68 -18.42 -29.53
C LYS B 400 4.83 -19.51 -28.84
N ARG B 401 5.48 -20.54 -28.28
CA ARG B 401 4.76 -21.68 -27.68
C ARG B 401 4.06 -21.12 -26.41
N TRP B 402 4.79 -20.32 -25.65
CA TRP B 402 4.23 -19.73 -24.41
C TRP B 402 3.05 -18.82 -24.78
N LYS B 403 3.21 -18.01 -25.79
CA LYS B 403 2.10 -17.13 -26.25
C LYS B 403 0.86 -17.94 -26.61
N LYS B 404 1.04 -19.04 -27.34
CA LYS B 404 -0.12 -19.83 -27.75
C LYS B 404 -0.84 -20.29 -26.48
N ALA B 405 -0.09 -20.71 -25.45
CA ALA B 405 -0.63 -21.23 -24.18
C ALA B 405 -1.43 -20.10 -23.51
N VAL B 406 -0.89 -18.90 -23.45
CA VAL B 406 -1.61 -17.78 -22.77
C VAL B 406 -2.86 -17.41 -23.59
N ASP B 407 -2.76 -17.38 -24.91
CA ASP B 407 -3.90 -17.07 -25.79
C ASP B 407 -5.02 -18.09 -25.51
N ALA B 408 -4.67 -19.34 -25.26
CA ALA B 408 -5.69 -20.39 -25.03
C ALA B 408 -6.36 -20.08 -23.68
N ILE B 409 -5.58 -19.69 -22.65
CA ILE B 409 -6.15 -19.31 -21.33
C ILE B 409 -7.14 -18.14 -21.52
N LEU B 410 -6.76 -17.12 -22.28
CA LEU B 410 -7.61 -15.93 -22.49
C LEU B 410 -8.90 -16.31 -23.24
N ALA B 411 -8.81 -17.24 -24.20
CA ALA B 411 -9.90 -17.61 -25.11
C ALA B 411 -11.00 -18.32 -24.32
N ALA B 412 -10.61 -18.98 -23.24
CA ALA B 412 -11.50 -19.81 -22.40
C ALA B 412 -12.25 -18.97 -21.35
N SER B 413 -11.98 -17.67 -21.22
CA SER B 413 -12.65 -16.82 -20.18
C SER B 413 -13.28 -15.63 -20.87
N PRO B 414 -14.53 -15.27 -20.57
CA PRO B 414 -15.07 -14.03 -21.09
C PRO B 414 -14.26 -12.77 -20.74
N TYR B 415 -13.45 -12.87 -19.70
CA TYR B 415 -12.61 -11.75 -19.19
C TYR B 415 -11.36 -11.59 -20.05
N GLY B 416 -11.13 -12.53 -20.98
CA GLY B 416 -10.01 -12.42 -21.93
C GLY B 416 -10.33 -11.78 -23.27
N LYS B 417 -11.58 -11.33 -23.52
CA LYS B 417 -12.09 -10.91 -24.86
C LYS B 417 -11.27 -9.74 -25.38
N ASN B 418 -10.73 -8.87 -24.51
CA ASN B 418 -10.14 -7.58 -24.95
C ASN B 418 -8.64 -7.61 -24.71
N ALA B 419 -8.09 -8.80 -24.53
CA ALA B 419 -6.66 -8.98 -24.18
C ALA B 419 -5.81 -9.36 -25.40
N THR B 420 -4.58 -8.85 -25.40
CA THR B 420 -3.55 -9.22 -26.40
C THR B 420 -2.22 -9.55 -25.68
N VAL B 421 -1.57 -10.60 -26.10
CA VAL B 421 -0.24 -11.02 -25.59
C VAL B 421 0.82 -10.56 -26.60
N TYR B 422 1.88 -9.96 -26.06
CA TYR B 422 3.00 -9.42 -26.84
C TYR B 422 4.29 -10.09 -26.36
N ILE B 423 5.05 -10.64 -27.32
CA ILE B 423 6.38 -11.22 -27.01
C ILE B 423 7.38 -10.44 -27.83
N GLY B 424 8.58 -10.33 -27.30
CA GLY B 424 9.66 -9.61 -27.98
C GLY B 424 9.50 -8.11 -27.93
N LYS B 425 8.50 -7.60 -27.25
CA LYS B 425 8.23 -6.14 -27.18
C LYS B 425 8.69 -5.63 -25.80
N ASP B 426 9.01 -4.35 -25.79
CA ASP B 426 9.63 -3.74 -24.62
C ASP B 426 8.72 -2.67 -23.96
N LEU B 427 9.27 -1.99 -22.95
CA LEU B 427 8.44 -1.00 -22.21
C LEU B 427 8.17 0.27 -23.00
N TRP B 428 8.90 0.53 -24.06
CA TRP B 428 8.54 1.64 -24.94
C TRP B 428 7.32 1.25 -25.80
N HIS B 429 7.25 0.01 -26.23
CA HIS B 429 6.01 -0.53 -26.85
C HIS B 429 4.85 -0.44 -25.85
N LEU B 430 5.04 -0.88 -24.64
CA LEU B 430 3.96 -0.91 -23.64
C LEU B 430 3.50 0.54 -23.41
N ARG B 431 4.39 1.49 -23.28
CA ARG B 431 4.01 2.93 -23.13
C ARG B 431 2.99 3.35 -24.18
N SER B 432 3.20 2.96 -25.44
CA SER B 432 2.24 3.32 -26.52
C SER B 432 0.86 2.69 -26.17
N LEU B 433 0.83 1.41 -25.84
CA LEU B 433 -0.46 0.73 -25.59
C LEU B 433 -1.23 1.40 -24.47
N VAL B 434 -0.54 1.88 -23.41
CA VAL B 434 -1.28 2.45 -22.26
C VAL B 434 -1.75 3.87 -22.60
N PHE B 435 -1.25 4.51 -23.66
CA PHE B 435 -1.84 5.76 -24.20
C PHE B 435 -3.01 5.44 -25.14
N THR B 436 -2.83 4.53 -26.11
CA THR B 436 -3.79 4.34 -27.19
C THR B 436 -5.01 3.54 -26.72
N ASP B 437 -4.83 2.67 -25.74
CA ASP B 437 -5.89 1.80 -25.21
C ASP B 437 -5.71 1.77 -23.69
N LYS B 438 -6.08 2.87 -23.07
CA LYS B 438 -5.70 3.14 -21.69
C LYS B 438 -6.35 2.14 -20.74
N PRO B 439 -5.56 1.41 -19.95
CA PRO B 439 -6.10 0.57 -18.90
C PRO B 439 -6.27 1.38 -17.59
N ASP B 440 -6.78 0.73 -16.57
CA ASP B 440 -6.92 1.36 -15.24
C ASP B 440 -5.58 1.43 -14.53
N PHE B 441 -4.80 0.35 -14.58
CA PHE B 441 -3.53 0.22 -13.83
C PHE B 441 -2.52 -0.55 -14.68
N MET B 442 -1.25 -0.37 -14.32
CA MET B 442 -0.15 -1.31 -14.72
C MET B 442 0.20 -2.16 -13.52
N ILE B 443 0.53 -3.43 -13.76
CA ILE B 443 1.20 -4.29 -12.74
C ILE B 443 2.56 -4.63 -13.32
N GLY B 444 3.62 -4.15 -12.66
CA GLY B 444 4.95 -4.33 -13.20
C GLY B 444 6.01 -3.96 -12.21
N ASN B 445 7.24 -3.93 -12.72
CA ASN B 445 8.43 -3.62 -11.92
C ASN B 445 8.71 -2.12 -11.91
N SER B 446 9.76 -1.70 -11.20
CA SER B 446 9.97 -0.26 -10.96
C SER B 446 10.15 0.52 -12.26
N TYR B 447 10.58 -0.09 -13.36
CA TYR B 447 10.73 0.64 -14.63
C TYR B 447 9.39 1.17 -15.11
N GLY B 448 8.28 0.62 -14.63
CA GLY B 448 6.95 1.15 -14.96
C GLY B 448 6.71 2.54 -14.41
N LYS B 449 7.50 3.06 -13.46
CA LYS B 449 7.17 4.36 -12.87
C LYS B 449 7.34 5.42 -13.95
N PHE B 450 8.22 5.19 -14.93
CA PHE B 450 8.45 6.19 -15.99
C PHE B 450 7.27 6.24 -16.97
N ILE B 451 6.60 5.13 -17.16
CA ILE B 451 5.36 5.13 -17.97
C ILE B 451 4.29 5.88 -17.19
N GLN B 452 4.17 5.65 -15.90
CA GLN B 452 3.13 6.41 -15.13
C GLN B 452 3.42 7.92 -15.25
N ARG B 453 4.69 8.32 -15.07
CA ARG B 453 5.11 9.74 -15.22
C ARG B 453 4.68 10.26 -16.60
N ASP B 454 4.96 9.51 -17.66
CA ASP B 454 4.59 9.94 -19.01
C ASP B 454 3.08 10.13 -19.12
N THR B 455 2.32 9.17 -18.64
CA THR B 455 0.84 9.27 -18.76
C THR B 455 0.30 10.47 -17.99
N LEU B 456 0.82 10.76 -16.79
CA LEU B 456 0.34 11.97 -16.04
C LEU B 456 0.61 13.23 -16.87
N HIS B 457 1.72 13.27 -17.56
CA HIS B 457 2.10 14.49 -18.31
C HIS B 457 1.04 14.81 -19.35
N LYS B 458 0.39 13.79 -19.93
CA LYS B 458 -0.72 14.01 -20.87
C LYS B 458 -1.88 14.69 -20.13
N GLY B 459 -2.12 14.26 -18.89
CA GLY B 459 -3.12 14.82 -17.98
C GLY B 459 -3.50 13.84 -16.89
N LYS B 460 -4.00 14.35 -15.77
CA LYS B 460 -4.41 13.48 -14.63
C LYS B 460 -5.40 12.41 -15.11
N GLU B 461 -6.32 12.77 -16.00
CA GLU B 461 -7.33 11.81 -16.47
C GLU B 461 -6.71 10.64 -17.24
N PHE B 462 -5.52 10.82 -17.79
CA PHE B 462 -4.81 9.80 -18.60
C PHE B 462 -3.80 9.02 -17.76
N GLU B 463 -3.59 9.40 -16.49
CA GLU B 463 -2.56 8.73 -15.66
C GLU B 463 -2.95 7.28 -15.42
N VAL B 464 -1.97 6.39 -15.58
CA VAL B 464 -2.09 4.96 -15.33
C VAL B 464 -1.20 4.62 -14.15
N PRO B 465 -1.74 4.44 -12.94
CA PRO B 465 -0.86 4.17 -11.81
C PRO B 465 -0.19 2.80 -11.90
N LEU B 466 1.03 2.73 -11.41
CA LEU B 466 1.79 1.47 -11.31
C LEU B 466 1.47 0.78 -9.98
N ILE B 467 1.27 -0.52 -10.03
CA ILE B 467 1.23 -1.47 -8.91
C ILE B 467 2.48 -2.35 -9.05
N ARG B 468 3.35 -2.29 -8.06
CA ARG B 468 4.69 -2.92 -8.17
C ARG B 468 4.60 -4.39 -7.76
N ILE B 469 4.64 -5.27 -8.76
CA ILE B 469 4.75 -6.72 -8.51
C ILE B 469 5.66 -7.21 -9.62
N GLY B 470 6.76 -7.85 -9.25
CA GLY B 470 7.75 -8.37 -10.23
C GLY B 470 9.15 -8.06 -9.77
N PHE B 471 10.06 -7.94 -10.74
CA PHE B 471 11.50 -7.80 -10.46
C PHE B 471 12.05 -6.96 -11.60
N PRO B 472 12.95 -5.99 -11.31
CA PRO B 472 13.33 -5.55 -9.96
C PRO B 472 12.37 -4.50 -9.40
N ILE B 473 12.26 -4.48 -8.11
CA ILE B 473 11.58 -3.40 -7.37
C ILE B 473 12.61 -2.67 -6.52
N PHE B 474 12.96 -1.43 -6.93
CA PHE B 474 14.09 -0.66 -6.36
C PHE B 474 13.65 0.59 -5.59
N ASP B 475 12.39 1.02 -5.78
CA ASP B 475 11.92 2.34 -5.30
C ASP B 475 10.91 2.23 -4.17
N ARG B 476 10.76 1.03 -3.66
CA ARG B 476 10.02 0.72 -2.45
C ARG B 476 10.85 -0.22 -1.62
N HIS B 477 10.61 -0.29 -0.32
CA HIS B 477 11.45 -1.08 0.58
C HIS B 477 10.70 -2.34 1.01
N HIS B 478 11.42 -3.47 0.97
CA HIS B 478 11.00 -4.73 1.59
C HIS B 478 9.88 -5.42 0.85
N LEU B 479 9.54 -5.03 -0.36
CA LEU B 479 8.53 -5.80 -1.12
C LEU B 479 9.04 -7.18 -1.52
N HIS B 480 10.35 -7.39 -1.52
CA HIS B 480 10.93 -8.73 -1.78
C HIS B 480 10.53 -9.75 -0.71
N ARG B 481 9.99 -9.34 0.43
CA ARG B 481 9.50 -10.25 1.47
C ARG B 481 8.13 -10.83 1.12
N SER B 482 7.45 -10.30 0.13
CA SER B 482 6.07 -10.66 -0.23
C SER B 482 6.00 -12.05 -0.86
N THR B 483 4.77 -12.48 -1.11
CA THR B 483 4.44 -13.78 -1.70
C THR B 483 3.55 -13.53 -2.89
N THR B 484 3.76 -14.30 -3.96
CA THR B 484 2.87 -14.35 -5.13
C THR B 484 2.33 -15.76 -5.41
N LEU B 485 2.90 -16.79 -4.83
CA LEU B 485 2.51 -18.18 -5.07
C LEU B 485 1.46 -18.63 -4.06
N GLY B 486 0.72 -19.66 -4.43
CA GLY B 486 -0.15 -20.33 -3.46
C GLY B 486 -1.37 -19.49 -3.10
N TYR B 487 -2.13 -19.97 -2.12
CA TYR B 487 -3.30 -19.19 -1.65
C TYR B 487 -2.80 -17.93 -0.96
N GLU B 488 -1.71 -18.00 -0.20
CA GLU B 488 -1.15 -16.84 0.51
C GLU B 488 -0.79 -15.76 -0.52
N GLY B 489 -0.10 -16.13 -1.60
CA GLY B 489 0.27 -15.16 -2.64
C GLY B 489 -0.96 -14.55 -3.26
N ALA B 490 -1.99 -15.38 -3.52
CA ALA B 490 -3.19 -14.84 -4.18
C ALA B 490 -3.87 -13.86 -3.23
N MET B 491 -3.88 -14.17 -1.95
CA MET B 491 -4.49 -13.24 -0.96
CA MET B 491 -4.47 -13.24 -0.94
C MET B 491 -3.72 -11.91 -0.97
N GLN B 492 -2.39 -11.97 -0.99
CA GLN B 492 -1.60 -10.74 -1.00
C GLN B 492 -1.85 -9.95 -2.29
N ILE B 493 -1.87 -10.62 -3.46
CA ILE B 493 -2.12 -9.97 -4.74
C ILE B 493 -3.49 -9.31 -4.71
N LEU B 494 -4.52 -10.06 -4.32
CA LEU B 494 -5.90 -9.53 -4.30
C LEU B 494 -5.95 -8.24 -3.47
N THR B 495 -5.38 -8.29 -2.27
CA THR B 495 -5.40 -7.17 -1.32
C THR B 495 -4.69 -5.97 -1.95
N THR B 496 -3.54 -6.19 -2.57
CA THR B 496 -2.79 -5.08 -3.21
C THR B 496 -3.64 -4.49 -4.35
N LEU B 497 -4.26 -5.31 -5.20
CA LEU B 497 -5.03 -4.80 -6.33
C LEU B 497 -6.25 -4.01 -5.83
N VAL B 498 -7.07 -4.59 -4.95
CA VAL B 498 -8.33 -3.89 -4.62
CA VAL B 498 -8.33 -3.93 -4.50
C VAL B 498 -7.96 -2.58 -3.85
N ASN B 499 -6.92 -2.56 -3.03
CA ASN B 499 -6.62 -1.32 -2.27
C ASN B 499 -5.95 -0.30 -3.19
N SER B 500 -5.30 -0.72 -4.28
CA SER B 500 -4.77 0.24 -5.28
C SER B 500 -5.98 0.92 -5.97
N ILE B 501 -7.00 0.13 -6.32
CA ILE B 501 -8.25 0.67 -6.89
C ILE B 501 -8.85 1.69 -5.91
N LEU B 502 -8.99 1.31 -4.67
CA LEU B 502 -9.68 2.18 -3.72
C LEU B 502 -8.85 3.43 -3.37
N GLU B 503 -7.53 3.34 -3.32
N GLU B 503 -7.52 3.31 -3.29
CA GLU B 503 -6.69 4.53 -3.10
CA GLU B 503 -6.59 4.45 -3.15
C GLU B 503 -6.86 5.49 -4.30
C GLU B 503 -6.84 5.46 -4.28
N ARG B 504 -6.93 4.98 -5.54
CA ARG B 504 -7.08 5.90 -6.69
C ARG B 504 -8.47 6.53 -6.64
N LEU B 505 -9.49 5.74 -6.29
CA LEU B 505 -10.85 6.30 -6.23
C LEU B 505 -10.90 7.38 -5.16
N ASP B 506 -10.26 7.17 -4.02
CA ASP B 506 -10.18 8.22 -2.96
C ASP B 506 -9.50 9.45 -3.54
N GLU B 507 -8.43 9.32 -4.30
CA GLU B 507 -7.76 10.48 -4.87
CA GLU B 507 -7.77 10.50 -4.85
C GLU B 507 -8.77 11.23 -5.75
N GLU B 508 -9.45 10.51 -6.61
CA GLU B 508 -10.32 11.14 -7.60
C GLU B 508 -11.56 11.77 -6.95
N THR B 509 -11.92 11.38 -5.72
CA THR B 509 -13.13 11.86 -5.02
C THR B 509 -12.74 12.76 -3.84
N ARG B 510 -11.51 13.25 -3.75
CA ARG B 510 -11.07 14.04 -2.59
C ARG B 510 -11.39 15.53 -2.74
N GLY B 511 -11.88 15.95 -3.90
CA GLY B 511 -12.08 17.37 -4.20
C GLY B 511 -13.32 17.92 -3.51
N MET B 512 -13.12 18.82 -2.56
CA MET B 512 -14.15 19.48 -1.74
CA MET B 512 -14.28 19.30 -1.77
C MET B 512 -15.22 20.12 -2.65
N GLN B 513 -16.48 19.74 -2.52
CA GLN B 513 -17.64 20.30 -3.21
C GLN B 513 -17.54 20.06 -4.71
N ALA B 514 -16.71 19.19 -5.16
CA ALA B 514 -16.52 18.87 -6.58
C ALA B 514 -16.81 17.38 -6.83
N THR B 515 -15.97 16.54 -6.26
CA THR B 515 -16.06 15.06 -6.41
C THR B 515 -16.25 14.35 -5.06
N ASP B 516 -16.21 15.07 -3.94
CA ASP B 516 -16.28 14.41 -2.63
C ASP B 516 -17.69 14.01 -2.24
N TYR B 517 -18.68 14.18 -3.09
CA TYR B 517 -19.98 13.52 -2.84
C TYR B 517 -19.79 12.01 -2.83
N ASN B 518 -18.77 11.48 -3.53
CA ASN B 518 -18.50 10.02 -3.57
C ASN B 518 -17.29 9.69 -2.70
N HIS B 519 -16.89 10.54 -1.74
CA HIS B 519 -15.74 10.23 -0.84
C HIS B 519 -16.24 9.41 0.36
N ASP B 520 -16.70 8.20 0.07
CA ASP B 520 -17.40 7.40 1.07
C ASP B 520 -16.45 6.95 2.20
N LEU B 521 -16.96 6.94 3.44
CA LEU B 521 -16.27 6.30 4.59
C LEU B 521 -16.15 4.79 4.39
N VAL B 522 -17.22 4.18 3.92
CA VAL B 522 -17.33 2.69 3.80
C VAL B 522 -17.26 2.32 2.32
N ARG B 523 -16.38 1.37 1.96
CA ARG B 523 -16.30 0.80 0.60
C ARG B 523 -16.20 -0.73 0.71
N MET C 4 -41.37 -24.43 -5.01
CA MET C 4 -42.55 -25.34 -4.91
C MET C 4 -43.81 -24.46 -4.81
N SER C 5 -44.95 -25.04 -4.38
CA SER C 5 -46.28 -24.39 -4.36
C SER C 5 -46.67 -23.97 -2.94
N ARG C 6 -47.88 -23.40 -2.79
CA ARG C 6 -48.42 -22.93 -1.49
C ARG C 6 -48.21 -24.05 -0.45
N GLU C 7 -48.45 -25.33 -0.83
CA GLU C 7 -48.27 -26.54 0.03
C GLU C 7 -46.85 -26.59 0.62
N GLU C 8 -45.84 -26.63 -0.24
CA GLU C 8 -44.40 -26.70 0.14
C GLU C 8 -43.99 -25.44 0.95
N VAL C 9 -44.50 -24.23 0.63
CA VAL C 9 -44.06 -23.00 1.34
C VAL C 9 -44.66 -23.00 2.75
N GLU C 10 -45.93 -23.39 2.91
CA GLU C 10 -46.59 -23.46 4.24
C GLU C 10 -45.82 -24.50 5.07
N SER C 11 -45.42 -25.62 4.51
CA SER C 11 -44.75 -26.65 5.34
C SER C 11 -43.30 -26.23 5.65
N LEU C 12 -42.62 -25.48 4.77
CA LEU C 12 -41.31 -24.86 5.10
C LEU C 12 -41.53 -23.92 6.28
N ILE C 13 -42.58 -23.09 6.27
CA ILE C 13 -42.82 -22.17 7.43
C ILE C 13 -42.90 -23.04 8.71
N GLN C 14 -43.79 -24.03 8.71
CA GLN C 14 -44.07 -24.85 9.92
C GLN C 14 -42.77 -25.53 10.40
N GLU C 15 -41.95 -26.05 9.50
CA GLU C 15 -40.70 -26.77 9.85
CA GLU C 15 -40.71 -26.77 9.89
C GLU C 15 -39.72 -25.77 10.52
N VAL C 16 -39.59 -24.60 9.94
CA VAL C 16 -38.67 -23.60 10.53
C VAL C 16 -39.11 -23.22 11.95
N LEU C 17 -40.41 -23.04 12.15
CA LEU C 17 -40.94 -22.57 13.45
C LEU C 17 -40.83 -23.64 14.56
N GLU C 18 -40.52 -24.92 14.21
CA GLU C 18 -40.37 -26.05 15.18
C GLU C 18 -39.25 -25.76 16.19
N VAL C 19 -38.24 -24.94 15.87
CA VAL C 19 -37.08 -24.66 16.75
C VAL C 19 -37.51 -23.82 17.95
N TYR C 20 -38.59 -23.01 17.85
CA TYR C 20 -38.86 -21.94 18.83
C TYR C 20 -39.58 -22.50 20.04
N PRO C 21 -39.33 -21.91 21.21
CA PRO C 21 -40.26 -22.06 22.34
C PRO C 21 -41.68 -21.58 21.93
N GLU C 22 -42.70 -22.09 22.61
CA GLU C 22 -44.13 -21.91 22.25
C GLU C 22 -44.43 -20.41 22.01
N LYS C 23 -44.09 -19.52 22.95
CA LYS C 23 -44.52 -18.10 22.84
C LYS C 23 -43.94 -17.52 21.56
N ALA C 24 -42.65 -17.73 21.31
CA ALA C 24 -42.01 -17.23 20.07
C ALA C 24 -42.64 -17.85 18.81
N ARG C 25 -42.92 -19.17 18.86
CA ARG C 25 -43.50 -19.89 17.72
C ARG C 25 -44.84 -19.27 17.35
N LYS C 26 -45.69 -19.05 18.36
CA LYS C 26 -47.06 -18.52 18.14
C LYS C 26 -46.94 -17.12 17.55
N ASP C 27 -45.97 -16.34 18.03
CA ASP C 27 -45.84 -14.96 17.53
C ASP C 27 -45.33 -14.97 16.09
N ARG C 28 -44.26 -15.71 15.86
CA ARG C 28 -43.58 -15.68 14.54
C ARG C 28 -44.49 -16.23 13.45
N ASN C 29 -45.36 -17.18 13.78
CA ASN C 29 -46.29 -17.74 12.76
C ASN C 29 -47.14 -16.62 12.12
N LYS C 30 -47.44 -15.59 12.88
CA LYS C 30 -48.33 -14.49 12.42
C LYS C 30 -47.63 -13.52 11.48
N HIS C 31 -46.29 -13.60 11.39
CA HIS C 31 -45.46 -12.64 10.61
C HIS C 31 -44.95 -13.25 9.32
N LEU C 32 -45.38 -14.44 8.97
CA LEU C 32 -44.89 -15.20 7.83
C LEU C 32 -46.12 -15.64 7.03
N ALA C 33 -46.12 -15.40 5.71
CA ALA C 33 -47.33 -15.62 4.88
C ALA C 33 -46.93 -16.06 3.49
N VAL C 34 -47.85 -16.71 2.84
CA VAL C 34 -47.72 -17.12 1.43
C VAL C 34 -48.64 -16.22 0.65
N ASN C 35 -48.06 -15.51 -0.26
CA ASN C 35 -48.77 -14.44 -0.96
C ASN C 35 -49.97 -15.03 -1.67
N ASP C 36 -50.99 -14.20 -1.59
CA ASP C 36 -52.19 -14.35 -2.43
C ASP C 36 -52.44 -12.94 -2.97
N PRO C 37 -52.18 -12.71 -4.27
CA PRO C 37 -52.22 -11.34 -4.77
C PRO C 37 -53.62 -10.71 -4.86
N ALA C 38 -54.66 -11.51 -4.60
CA ALA C 38 -56.06 -11.05 -4.62
C ALA C 38 -56.38 -10.40 -3.26
N VAL C 39 -55.61 -10.67 -2.19
CA VAL C 39 -55.94 -10.08 -0.87
C VAL C 39 -55.68 -8.56 -0.97
N THR C 40 -56.56 -7.68 -0.52
CA THR C 40 -56.27 -6.23 -0.47
C THR C 40 -56.30 -5.81 0.99
N GLN C 41 -56.65 -6.73 1.90
CA GLN C 41 -56.61 -6.46 3.36
C GLN C 41 -55.55 -7.43 3.93
N SER C 42 -54.29 -7.02 3.93
CA SER C 42 -53.18 -7.88 4.45
C SER C 42 -53.38 -8.20 5.93
N LYS C 43 -54.25 -7.49 6.65
CA LYS C 43 -54.51 -7.83 8.08
C LYS C 43 -55.31 -9.13 8.16
N LYS C 44 -55.62 -9.76 7.04
CA LYS C 44 -56.18 -11.12 7.01
C LYS C 44 -55.07 -12.18 6.92
N CYS C 45 -53.85 -11.80 6.56
CA CYS C 45 -52.80 -12.85 6.37
CA CYS C 45 -52.74 -12.73 6.20
C CYS C 45 -51.48 -12.54 7.07
N ILE C 46 -51.21 -11.31 7.54
CA ILE C 46 -49.90 -11.04 8.18
C ILE C 46 -50.05 -9.91 9.17
N ILE C 47 -49.35 -10.05 10.29
CA ILE C 47 -49.24 -9.04 11.36
C ILE C 47 -47.93 -8.30 11.11
N SER C 48 -47.91 -7.02 11.40
CA SER C 48 -46.70 -6.19 11.23
C SER C 48 -46.64 -5.09 12.25
N ASN C 49 -45.50 -4.42 12.33
CA ASN C 49 -45.34 -3.24 13.19
C ASN C 49 -45.66 -3.59 14.66
N LYS C 50 -45.20 -4.76 15.12
CA LYS C 50 -45.29 -5.19 16.52
C LYS C 50 -43.88 -5.27 17.10
N LYS C 51 -43.77 -5.38 18.41
CA LYS C 51 -42.47 -5.61 19.08
CA LYS C 51 -42.46 -5.59 19.07
C LYS C 51 -41.76 -6.82 18.49
N SER C 52 -40.42 -6.77 18.52
CA SER C 52 -39.61 -7.97 18.22
C SER C 52 -39.57 -8.90 19.44
N GLN C 53 -39.50 -10.22 19.16
CA GLN C 53 -39.38 -11.23 20.22
C GLN C 53 -37.95 -11.19 20.71
N PRO C 54 -37.77 -11.18 22.03
CA PRO C 54 -36.44 -11.18 22.66
C PRO C 54 -35.56 -12.35 22.21
N GLY C 55 -34.30 -12.04 21.87
CA GLY C 55 -33.31 -13.11 21.73
C GLY C 55 -33.25 -13.71 20.36
N LEU C 56 -34.05 -13.23 19.41
CA LEU C 56 -34.19 -13.94 18.10
C LEU C 56 -33.41 -13.30 16.95
N MET C 57 -32.61 -12.27 17.23
CA MET C 57 -31.69 -11.69 16.22
C MET C 57 -32.49 -11.00 15.10
N THR C 58 -33.42 -10.15 15.50
CA THR C 58 -34.03 -9.15 14.59
C THR C 58 -32.90 -8.36 13.90
N ILE C 59 -33.21 -7.93 12.69
CA ILE C 59 -32.33 -7.08 11.86
C ILE C 59 -32.67 -5.62 12.07
N ARG C 60 -33.75 -5.34 12.78
CA ARG C 60 -34.23 -3.98 13.05
C ARG C 60 -33.25 -3.09 13.85
N GLY C 61 -33.36 -1.80 13.56
CA GLY C 61 -32.80 -0.73 14.37
C GLY C 61 -33.82 -0.08 15.26
N CYS C 62 -33.58 1.18 15.60
CA CYS C 62 -34.41 1.92 16.60
C CYS C 62 -34.89 3.23 15.99
N ALA C 63 -35.71 3.89 16.77
CA ALA C 63 -36.31 5.20 16.44
C ALA C 63 -35.24 6.27 16.14
N TYR C 64 -34.09 6.23 16.81
CA TYR C 64 -32.98 7.20 16.56
C TYR C 64 -32.47 6.98 15.16
N ALA C 65 -32.29 5.72 14.76
CA ALA C 65 -31.90 5.42 13.38
C ALA C 65 -32.91 5.99 12.41
N GLY C 66 -34.19 5.81 12.67
CA GLY C 66 -35.25 6.34 11.79
C GLY C 66 -35.34 7.87 11.74
N SER C 67 -34.99 8.54 12.82
CA SER C 67 -35.02 10.00 12.89
C SER C 67 -33.71 10.61 12.43
N LYS C 68 -32.65 10.31 13.16
CA LYS C 68 -31.32 10.92 12.91
C LYS C 68 -30.75 10.29 11.63
N GLY C 69 -30.68 8.98 11.60
CA GLY C 69 -30.06 8.25 10.48
C GLY C 69 -30.74 8.50 9.13
N VAL C 70 -32.06 8.53 9.14
CA VAL C 70 -32.89 8.47 7.92
C VAL C 70 -33.38 9.87 7.57
N VAL C 71 -34.17 10.52 8.41
CA VAL C 71 -34.90 11.74 7.99
C VAL C 71 -34.07 13.00 8.17
N TRP C 72 -33.52 13.23 9.36
CA TRP C 72 -32.82 14.51 9.70
C TRP C 72 -31.37 14.53 9.18
N GLY C 73 -30.63 13.46 9.40
CA GLY C 73 -29.20 13.43 9.11
C GLY C 73 -28.83 13.92 7.72
N PRO C 74 -29.61 13.61 6.66
CA PRO C 74 -29.27 14.07 5.32
C PRO C 74 -29.37 15.58 5.12
N ILE C 75 -30.12 16.29 5.95
CA ILE C 75 -30.33 17.75 5.74
C ILE C 75 -28.98 18.42 5.91
N LYS C 76 -28.48 19.03 4.84
CA LYS C 76 -27.02 19.21 4.71
C LYS C 76 -26.47 20.44 5.40
N ASP C 77 -27.27 21.51 5.53
CA ASP C 77 -26.81 22.80 6.03
C ASP C 77 -27.23 23.04 7.49
N MET C 78 -27.79 22.02 8.14
CA MET C 78 -28.06 21.97 9.58
C MET C 78 -27.02 21.14 10.28
N ILE C 79 -26.82 21.39 11.56
CA ILE C 79 -26.01 20.52 12.44
C ILE C 79 -26.94 19.69 13.31
N HIS C 80 -26.77 18.40 13.22
CA HIS C 80 -27.61 17.39 13.95
C HIS C 80 -26.82 16.86 15.14
N ILE C 81 -27.28 17.11 16.34
CA ILE C 81 -26.59 16.68 17.57
C ILE C 81 -27.12 15.31 18.00
N SER C 82 -26.23 14.31 18.07
CA SER C 82 -26.57 13.00 18.65
C SER C 82 -26.44 13.18 20.15
N HIS C 83 -27.58 13.32 20.83
CA HIS C 83 -27.62 13.86 22.21
C HIS C 83 -27.83 12.73 23.20
N GLY C 84 -26.77 12.50 23.97
CA GLY C 84 -26.66 11.32 24.83
C GLY C 84 -25.26 10.75 24.74
N PRO C 85 -25.06 9.48 25.15
CA PRO C 85 -23.69 8.93 25.15
C PRO C 85 -23.16 8.73 23.73
N VAL C 86 -21.88 8.37 23.63
CA VAL C 86 -21.09 8.47 22.38
C VAL C 86 -21.46 7.41 21.36
N GLY C 87 -22.06 6.28 21.72
CA GLY C 87 -22.19 5.18 20.75
C GLY C 87 -22.98 5.52 19.51
N CYS C 88 -24.18 6.05 19.66
CA CYS C 88 -25.15 6.01 18.58
C CYS C 88 -24.67 6.87 17.40
N GLY C 89 -24.11 8.03 17.71
CA GLY C 89 -23.60 8.94 16.68
C GLY C 89 -22.39 8.37 15.96
N GLN C 90 -21.59 7.58 16.67
CA GLN C 90 -20.33 7.06 16.11
C GLN C 90 -20.69 5.91 15.15
N TYR C 91 -21.57 4.97 15.56
CA TYR C 91 -21.93 3.87 14.66
C TYR C 91 -22.68 4.33 13.42
N SER C 92 -23.42 5.43 13.56
CA SER C 92 -24.21 6.00 12.44
C SER C 92 -23.46 7.10 11.68
N ARG C 93 -22.20 7.35 11.98
CA ARG C 93 -21.43 8.36 11.23
C ARG C 93 -21.11 7.87 9.83
N ALA C 94 -21.70 8.50 8.83
CA ALA C 94 -21.37 8.26 7.42
C ALA C 94 -21.62 6.83 6.96
N GLY C 95 -22.49 6.11 7.66
CA GLY C 95 -22.88 4.76 7.25
C GLY C 95 -23.90 4.73 6.14
N ARG C 96 -24.75 5.73 6.08
CA ARG C 96 -25.80 5.82 5.07
C ARG C 96 -25.39 6.84 3.99
N ARG C 97 -25.46 6.42 2.73
CA ARG C 97 -24.91 7.18 1.57
C ARG C 97 -25.92 8.19 1.01
N ASN C 98 -26.36 9.07 1.90
CA ASN C 98 -27.30 10.17 1.57
C ASN C 98 -26.51 11.34 0.99
N TYR C 99 -26.33 11.29 -0.32
CA TYR C 99 -25.32 12.15 -0.97
C TYR C 99 -25.79 13.62 -0.99
N TYR C 100 -24.80 14.49 -1.02
CA TYR C 100 -25.04 15.95 -1.03
C TYR C 100 -23.86 16.70 -1.67
N ILE C 101 -24.17 17.92 -2.08
CA ILE C 101 -23.15 18.89 -2.54
C ILE C 101 -22.95 19.89 -1.42
N GLY C 102 -21.74 20.07 -0.93
CA GLY C 102 -21.40 21.10 0.04
C GLY C 102 -19.96 21.09 0.42
N THR C 103 -19.62 21.99 1.33
CA THR C 103 -18.24 22.13 1.83
C THR C 103 -18.27 21.67 3.27
N THR C 104 -17.85 20.42 3.48
CA THR C 104 -18.11 19.76 4.76
C THR C 104 -17.24 20.36 5.88
N GLY C 105 -17.88 20.66 7.00
CA GLY C 105 -17.24 21.36 8.11
C GLY C 105 -17.37 22.86 8.02
N VAL C 106 -17.90 23.36 6.90
CA VAL C 106 -17.96 24.83 6.67
C VAL C 106 -19.41 25.22 6.43
N ASN C 107 -20.06 24.77 5.36
CA ASN C 107 -21.50 25.08 5.16
C ASN C 107 -22.40 23.85 5.18
N ALA C 108 -21.80 22.65 5.22
CA ALA C 108 -22.55 21.40 5.21
C ALA C 108 -21.90 20.43 6.19
N PHE C 109 -22.67 19.52 6.76
CA PHE C 109 -22.17 18.85 7.98
C PHE C 109 -22.55 17.37 8.03
N VAL C 110 -22.96 16.78 6.92
CA VAL C 110 -23.69 15.49 6.93
C VAL C 110 -22.84 14.34 7.46
N THR C 111 -21.60 14.21 7.04
CA THR C 111 -20.72 13.07 7.39
C THR C 111 -19.96 13.33 8.67
N MET C 112 -20.22 14.40 9.41
CA MET C 112 -19.65 14.71 10.72
C MET C 112 -20.50 14.10 11.82
N ASN C 113 -19.87 13.82 12.95
CA ASN C 113 -20.59 13.33 14.15
C ASN C 113 -20.46 14.32 15.30
N PHE C 114 -21.52 15.12 15.46
CA PHE C 114 -21.66 16.05 16.59
C PHE C 114 -22.39 15.34 17.74
N THR C 115 -21.85 15.40 18.94
CA THR C 115 -22.46 14.66 20.08
C THR C 115 -22.22 15.43 21.37
N SER C 116 -23.11 15.18 22.35
CA SER C 116 -22.92 15.68 23.73
C SER C 116 -22.18 14.65 24.61
N ASP C 117 -21.80 13.48 24.05
CA ASP C 117 -20.88 12.50 24.73
C ASP C 117 -21.19 12.39 26.25
N PHE C 118 -22.42 12.00 26.56
CA PHE C 118 -22.85 11.97 27.96
C PHE C 118 -21.89 11.18 28.81
N GLN C 119 -21.61 11.69 29.99
CA GLN C 119 -20.85 10.98 31.03
C GLN C 119 -21.76 10.74 32.22
N GLU C 120 -21.25 10.09 33.25
CA GLU C 120 -22.12 9.73 34.38
C GLU C 120 -22.72 10.97 35.03
N LYS C 121 -22.01 12.05 35.12
CA LYS C 121 -22.57 13.26 35.78
C LYS C 121 -23.75 13.83 34.98
N ASP C 122 -23.74 13.68 33.66
CA ASP C 122 -24.87 14.11 32.80
C ASP C 122 -26.09 13.23 33.04
N ILE C 123 -25.92 11.91 33.23
CA ILE C 123 -27.05 10.98 33.51
C ILE C 123 -27.64 11.32 34.86
N VAL C 124 -26.78 11.59 35.84
CA VAL C 124 -27.21 11.76 37.25
C VAL C 124 -27.88 13.13 37.39
N PHE C 125 -27.31 14.19 36.82
CA PHE C 125 -27.79 15.56 37.08
C PHE C 125 -28.46 16.20 35.89
N GLY C 126 -28.48 15.52 34.78
CA GLY C 126 -29.19 16.01 33.61
C GLY C 126 -28.27 16.66 32.60
N GLY C 127 -28.66 16.63 31.34
CA GLY C 127 -27.83 17.16 30.24
C GLY C 127 -28.26 18.51 29.70
N ASP C 128 -29.26 19.18 30.29
CA ASP C 128 -29.81 20.41 29.65
C ASP C 128 -28.83 21.60 29.75
N LYS C 129 -28.05 21.70 30.81
CA LYS C 129 -26.99 22.73 30.91
C LYS C 129 -25.91 22.42 29.85
N LYS C 130 -25.53 21.15 29.73
CA LYS C 130 -24.52 20.77 28.73
C LYS C 130 -25.05 21.10 27.33
N LEU C 131 -26.33 20.82 27.07
CA LEU C 131 -26.89 21.12 25.73
C LEU C 131 -26.83 22.59 25.43
N ALA C 132 -27.21 23.45 26.38
CA ALA C 132 -27.16 24.88 26.11
C ALA C 132 -25.74 25.33 25.80
N LYS C 133 -24.75 24.88 26.56
CA LYS C 133 -23.34 25.24 26.32
C LYS C 133 -22.88 24.70 24.97
N LEU C 134 -23.31 23.49 24.63
CA LEU C 134 -22.93 22.84 23.34
C LEU C 134 -23.45 23.69 22.19
N ILE C 135 -24.66 24.21 22.29
CA ILE C 135 -25.22 25.08 21.23
C ILE C 135 -24.34 26.31 21.06
N ASP C 136 -23.94 26.96 22.11
CA ASP C 136 -23.07 28.15 21.98
C ASP C 136 -21.76 27.74 21.27
N GLU C 137 -21.19 26.61 21.65
CA GLU C 137 -19.90 26.14 21.06
C GLU C 137 -20.11 25.84 19.55
N VAL C 138 -21.22 25.21 19.19
CA VAL C 138 -21.56 25.03 17.75
C VAL C 138 -21.58 26.37 17.04
N GLU C 139 -22.29 27.36 17.61
CA GLU C 139 -22.46 28.65 16.91
C GLU C 139 -21.10 29.32 16.71
N THR C 140 -20.19 29.20 17.68
CA THR C 140 -18.83 29.79 17.57
C THR C 140 -18.01 29.11 16.47
N LEU C 141 -18.01 27.77 16.45
CA LEU C 141 -17.08 27.01 15.60
C LEU C 141 -17.65 26.62 14.26
N PHE C 142 -18.94 26.80 14.06
CA PHE C 142 -19.64 26.44 12.80
C PHE C 142 -20.61 27.55 12.46
N PRO C 143 -20.10 28.78 12.25
CA PRO C 143 -20.99 29.95 12.12
C PRO C 143 -21.92 29.89 10.91
N LEU C 144 -21.59 29.16 9.86
CA LEU C 144 -22.46 29.07 8.69
C LEU C 144 -23.54 28.01 8.82
N ASN C 145 -23.66 27.32 9.94
CA ASN C 145 -24.81 26.42 10.11
C ASN C 145 -26.13 27.20 10.00
N LYS C 146 -27.15 26.59 9.43
CA LYS C 146 -28.45 27.25 9.19
C LYS C 146 -29.53 26.68 10.12
N GLY C 147 -29.15 26.03 11.20
CA GLY C 147 -30.12 25.43 12.10
C GLY C 147 -29.51 24.23 12.79
N ILE C 148 -30.06 23.89 13.95
CA ILE C 148 -29.55 22.79 14.79
C ILE C 148 -30.71 21.84 15.06
N SER C 149 -30.48 20.56 14.98
CA SER C 149 -31.45 19.58 15.51
C SER C 149 -30.83 18.85 16.69
N VAL C 150 -31.67 18.40 17.61
CA VAL C 150 -31.22 17.65 18.80
C VAL C 150 -31.87 16.28 18.71
N GLN C 151 -31.08 15.26 18.37
CA GLN C 151 -31.55 13.89 18.13
C GLN C 151 -31.38 13.09 19.42
N SER C 152 -32.46 12.93 20.18
CA SER C 152 -32.38 12.28 21.50
C SER C 152 -32.04 10.81 21.38
N GLU C 153 -31.04 10.42 22.19
CA GLU C 153 -30.71 9.01 22.38
C GLU C 153 -31.42 8.52 23.68
N CYS C 154 -31.37 7.20 23.90
CA CYS C 154 -32.14 6.56 24.96
C CYS C 154 -32.19 7.33 26.26
N PRO C 155 -31.10 7.78 26.87
CA PRO C 155 -31.20 8.34 28.22
C PRO C 155 -32.06 9.59 28.37
N ILE C 156 -32.25 10.36 27.31
CA ILE C 156 -32.74 11.75 27.46
C ILE C 156 -34.13 11.74 28.14
N GLY C 157 -35.10 11.02 27.59
CA GLY C 157 -36.44 10.99 28.21
C GLY C 157 -36.40 10.21 29.51
N LEU C 158 -35.55 9.20 29.59
CA LEU C 158 -35.51 8.37 30.81
C LEU C 158 -35.12 9.21 32.03
N ILE C 159 -34.21 10.15 31.90
CA ILE C 159 -33.70 10.98 33.01
C ILE C 159 -34.54 12.25 33.19
N GLY C 160 -35.48 12.49 32.29
CA GLY C 160 -36.40 13.61 32.47
C GLY C 160 -35.83 14.95 32.04
N ASP C 161 -34.90 14.96 31.08
CA ASP C 161 -34.37 16.24 30.53
C ASP C 161 -35.47 16.94 29.71
N ASP C 162 -35.33 18.25 29.59
CA ASP C 162 -36.31 19.12 28.92
C ASP C 162 -35.65 19.78 27.71
N ILE C 163 -35.42 19.01 26.65
CA ILE C 163 -34.72 19.61 25.46
C ILE C 163 -35.63 20.60 24.74
N GLU C 164 -36.96 20.48 24.89
CA GLU C 164 -37.88 21.48 24.27
C GLU C 164 -37.64 22.86 24.87
N SER C 165 -37.49 22.95 26.20
CA SER C 165 -37.23 24.22 26.86
C SER C 165 -35.89 24.79 26.42
N VAL C 166 -34.85 23.95 26.35
CA VAL C 166 -33.53 24.43 25.89
C VAL C 166 -33.66 24.93 24.46
N SER C 167 -34.34 24.18 23.60
CA SER C 167 -34.47 24.58 22.16
C SER C 167 -35.21 25.91 22.02
N LYS C 168 -36.27 26.10 22.81
CA LYS C 168 -37.04 27.38 22.81
C LYS C 168 -36.16 28.53 23.29
N VAL C 169 -35.50 28.37 24.46
CA VAL C 169 -34.72 29.46 25.10
C VAL C 169 -33.52 29.83 24.23
N LYS C 170 -32.73 28.84 23.81
CA LYS C 170 -31.57 29.11 22.96
C LYS C 170 -32.03 29.61 21.59
N GLY C 171 -33.09 29.03 21.03
CA GLY C 171 -33.57 29.53 19.71
C GLY C 171 -33.93 31.01 19.76
N ALA C 172 -34.57 31.45 20.84
CA ALA C 172 -34.96 32.86 21.02
C ALA C 172 -33.70 33.71 21.26
N GLU C 173 -32.78 33.23 22.09
CA GLU C 173 -31.54 33.97 22.45
C GLU C 173 -30.75 34.23 21.17
N LEU C 174 -30.64 33.23 20.29
CA LEU C 174 -29.71 33.22 19.14
C LEU C 174 -30.43 33.51 17.81
N SER C 175 -31.74 33.65 17.81
CA SER C 175 -32.58 33.85 16.58
C SER C 175 -32.26 32.70 15.60
N LYS C 176 -32.31 31.47 16.13
CA LYS C 176 -31.82 30.27 15.41
C LYS C 176 -32.94 29.21 15.43
N THR C 177 -33.14 28.47 14.35
CA THR C 177 -34.03 27.28 14.35
C THR C 177 -33.29 26.15 15.10
N ILE C 178 -33.82 25.71 16.23
CA ILE C 178 -33.23 24.64 17.07
C ILE C 178 -34.39 23.64 17.28
N VAL C 179 -34.24 22.44 16.73
CA VAL C 179 -35.33 21.45 16.66
C VAL C 179 -35.10 20.35 17.66
N PRO C 180 -35.95 20.23 18.72
CA PRO C 180 -35.88 19.09 19.64
C PRO C 180 -36.57 17.89 19.03
N VAL C 181 -35.86 16.75 18.97
CA VAL C 181 -36.45 15.50 18.42
C VAL C 181 -36.39 14.40 19.45
N ARG C 182 -37.56 13.95 19.87
CA ARG C 182 -37.69 12.88 20.90
C ARG C 182 -37.74 11.53 20.24
N CYS C 183 -36.61 11.18 19.62
CA CYS C 183 -36.46 9.92 18.87
C CYS C 183 -35.66 8.90 19.69
N GLU C 184 -35.79 8.91 21.01
CA GLU C 184 -35.08 7.92 21.85
C GLU C 184 -35.42 6.50 21.37
N GLY C 185 -34.38 5.62 21.39
CA GLY C 185 -34.53 4.27 20.83
C GLY C 185 -35.41 3.34 21.68
N PHE C 186 -35.80 3.77 22.91
CA PHE C 186 -36.77 3.02 23.71
C PHE C 186 -38.18 3.22 23.12
N ARG C 187 -38.40 4.21 22.27
CA ARG C 187 -39.75 4.52 21.73
C ARG C 187 -40.06 3.63 20.55
N GLY C 188 -41.30 3.21 20.41
CA GLY C 188 -41.71 2.34 19.32
C GLY C 188 -41.05 0.97 19.33
N VAL C 189 -40.92 0.40 18.16
CA VAL C 189 -40.48 -1.03 18.04
C VAL C 189 -39.41 -1.16 16.95
N SER C 190 -38.95 -0.08 16.35
CA SER C 190 -38.16 -0.14 15.09
C SER C 190 -37.82 1.26 14.62
N GLN C 191 -37.23 1.36 13.43
CA GLN C 191 -36.94 2.67 12.80
C GLN C 191 -38.25 3.41 12.52
N SER C 192 -39.35 2.70 12.30
CA SER C 192 -40.62 3.32 11.82
C SER C 192 -41.09 4.46 12.72
N LEU C 193 -41.16 4.30 14.02
CA LEU C 193 -41.69 5.41 14.83
C LEU C 193 -40.75 6.62 14.76
N GLY C 194 -39.47 6.41 14.56
CA GLY C 194 -38.55 7.53 14.39
C GLY C 194 -38.92 8.33 13.15
N HIS C 195 -39.36 7.71 12.07
CA HIS C 195 -39.86 8.48 10.88
C HIS C 195 -40.97 9.42 11.37
N HIS C 196 -41.94 8.85 12.05
CA HIS C 196 -43.16 9.62 12.38
C HIS C 196 -42.79 10.76 13.31
N ILE C 197 -42.00 10.46 14.35
CA ILE C 197 -41.50 11.49 15.30
C ILE C 197 -40.78 12.58 14.50
N ALA C 198 -39.90 12.17 13.59
CA ALA C 198 -39.14 13.12 12.78
C ALA C 198 -40.06 14.00 11.93
N ASN C 199 -41.05 13.41 11.28
CA ASN C 199 -42.00 14.16 10.47
C ASN C 199 -42.70 15.21 11.34
N ASP C 200 -43.14 14.80 12.53
CA ASP C 200 -43.90 15.72 13.40
C ASP C 200 -42.95 16.85 13.80
N ALA C 201 -41.66 16.58 14.05
CA ALA C 201 -40.73 17.67 14.44
C ALA C 201 -40.50 18.63 13.29
N VAL C 202 -40.42 18.16 12.04
CA VAL C 202 -40.37 19.09 10.88
C VAL C 202 -41.63 19.97 10.90
N ARG C 203 -42.79 19.35 10.96
CA ARG C 203 -44.08 20.07 11.01
C ARG C 203 -43.99 21.14 12.10
N ASP C 204 -43.61 20.80 13.34
CA ASP C 204 -43.81 21.66 14.51
C ASP C 204 -42.78 22.77 14.57
N TRP C 205 -41.57 22.56 14.05
CA TRP C 205 -40.45 23.49 14.32
C TRP C 205 -39.87 24.13 13.05
N VAL C 206 -40.13 23.58 11.85
CA VAL C 206 -39.51 24.09 10.60
C VAL C 206 -40.60 24.46 9.59
N LEU C 207 -41.54 23.56 9.28
CA LEU C 207 -42.35 23.65 8.02
C LEU C 207 -43.22 24.88 7.99
N GLY C 208 -43.61 25.41 9.13
CA GLY C 208 -44.51 26.58 9.17
C GLY C 208 -43.81 27.93 9.10
N LYS C 209 -42.48 27.97 9.02
CA LYS C 209 -41.71 29.22 9.22
C LYS C 209 -42.17 30.28 8.19
N ARG C 210 -42.45 29.86 6.94
CA ARG C 210 -42.76 30.77 5.82
C ARG C 210 -44.27 30.76 5.51
N ASP C 211 -45.11 30.35 6.46
CA ASP C 211 -46.58 30.26 6.18
C ASP C 211 -47.13 31.57 5.66
N GLU C 212 -46.71 32.70 6.18
CA GLU C 212 -47.41 33.91 5.61
C GLU C 212 -46.46 34.72 4.71
N ASP C 213 -45.36 34.10 4.36
CA ASP C 213 -44.24 34.71 3.61
C ASP C 213 -44.46 34.34 2.15
N THR C 214 -44.81 35.31 1.33
CA THR C 214 -45.12 35.08 -0.11
C THR C 214 -44.05 35.72 -1.00
N THR C 215 -42.79 35.84 -0.52
CA THR C 215 -41.61 36.31 -1.30
C THR C 215 -41.36 35.35 -2.49
N PHE C 216 -41.50 34.06 -2.29
CA PHE C 216 -41.12 33.08 -3.34
C PHE C 216 -42.07 33.19 -4.55
N ALA C 217 -41.51 33.19 -5.73
CA ALA C 217 -42.26 33.24 -6.99
C ALA C 217 -42.63 31.80 -7.42
N SER C 218 -43.89 31.44 -7.31
CA SER C 218 -44.39 30.10 -7.67
C SER C 218 -44.73 30.05 -9.17
N THR C 219 -44.57 28.86 -9.73
CA THR C 219 -45.06 28.51 -11.07
C THR C 219 -46.03 27.34 -10.98
N PRO C 220 -46.82 27.13 -12.04
CA PRO C 220 -47.75 25.98 -12.05
C PRO C 220 -47.11 24.60 -12.03
N TYR C 221 -45.78 24.57 -12.23
CA TYR C 221 -45.05 23.29 -12.41
C TYR C 221 -44.16 22.94 -11.22
N ASP C 222 -44.39 23.56 -10.09
CA ASP C 222 -43.58 23.39 -8.87
C ASP C 222 -43.96 22.13 -8.15
N VAL C 223 -42.96 21.28 -7.94
CA VAL C 223 -43.16 20.01 -7.20
C VAL C 223 -42.07 19.84 -6.15
N ALA C 224 -42.30 18.92 -5.23
CA ALA C 224 -41.24 18.46 -4.28
C ALA C 224 -41.13 16.95 -4.39
N ILE C 225 -39.90 16.48 -4.30
CA ILE C 225 -39.57 15.04 -4.17
C ILE C 225 -39.60 14.72 -2.69
N ILE C 226 -40.56 13.94 -2.26
CA ILE C 226 -40.80 13.62 -0.82
C ILE C 226 -40.38 12.16 -0.57
N GLY C 227 -39.39 11.97 0.28
CA GLY C 227 -38.94 10.61 0.66
C GLY C 227 -38.01 9.98 -0.36
N ASP C 228 -36.98 10.76 -0.74
CA ASP C 228 -35.85 10.21 -1.51
C ASP C 228 -34.60 10.76 -0.83
N TYR C 229 -33.81 9.85 -0.28
CA TYR C 229 -32.67 10.24 0.56
C TYR C 229 -31.35 10.23 -0.23
N ASN C 230 -31.50 10.17 -1.56
CA ASN C 230 -30.38 10.40 -2.50
C ASN C 230 -29.25 9.39 -2.25
N ILE C 231 -29.59 8.14 -2.08
CA ILE C 231 -28.58 7.09 -1.84
C ILE C 231 -27.75 6.93 -3.12
N GLY C 232 -26.46 7.15 -3.02
CA GLY C 232 -25.60 7.12 -4.20
C GLY C 232 -26.01 8.08 -5.30
N GLY C 233 -26.83 9.10 -4.98
CA GLY C 233 -27.27 10.12 -5.97
C GLY C 233 -28.63 9.79 -6.61
N ASP C 234 -29.38 8.90 -6.01
CA ASP C 234 -30.72 8.47 -6.52
C ASP C 234 -31.68 9.64 -6.74
N ALA C 235 -31.65 10.66 -5.88
CA ALA C 235 -32.61 11.77 -6.05
C ALA C 235 -32.18 12.63 -7.23
N TRP C 236 -30.89 12.80 -7.46
CA TRP C 236 -30.41 13.61 -8.60
C TRP C 236 -30.75 12.94 -9.95
N SER C 237 -30.65 11.61 -10.02
CA SER C 237 -31.01 10.87 -11.27
CA SER C 237 -31.03 10.87 -11.27
C SER C 237 -32.56 10.78 -11.43
N SER C 238 -33.31 11.20 -10.40
CA SER C 238 -34.78 11.34 -10.48
C SER C 238 -35.15 12.78 -10.86
N ARG C 239 -34.55 13.73 -10.15
CA ARG C 239 -34.78 15.17 -10.40
C ARG C 239 -34.55 15.50 -11.87
N ILE C 240 -33.48 14.94 -12.46
CA ILE C 240 -33.10 15.37 -13.83
C ILE C 240 -34.31 15.09 -14.74
N LEU C 241 -34.94 13.93 -14.57
CA LEU C 241 -36.06 13.54 -15.45
C LEU C 241 -37.30 14.45 -15.22
N LEU C 242 -37.60 14.74 -13.96
CA LEU C 242 -38.79 15.58 -13.63
C LEU C 242 -38.56 16.95 -14.27
N GLU C 243 -37.36 17.48 -14.24
CA GLU C 243 -37.10 18.81 -14.81
C GLU C 243 -36.94 18.77 -16.34
N GLU C 244 -36.47 17.69 -16.93
CA GLU C 244 -36.52 17.52 -18.41
C GLU C 244 -37.99 17.52 -18.85
N MET C 245 -38.92 17.02 -18.01
CA MET C 245 -40.38 16.94 -18.29
C MET C 245 -41.01 18.35 -18.09
N GLY C 246 -40.24 19.36 -17.66
CA GLY C 246 -40.77 20.73 -17.51
C GLY C 246 -41.20 21.10 -16.11
N LEU C 247 -41.03 20.22 -15.16
CA LEU C 247 -41.37 20.55 -13.77
C LEU C 247 -40.19 21.27 -13.09
N ARG C 248 -40.49 21.96 -12.00
CA ARG C 248 -39.47 22.69 -11.22
C ARG C 248 -39.44 22.03 -9.85
N CYS C 249 -38.34 21.38 -9.51
CA CYS C 249 -38.22 20.62 -8.25
CA CYS C 249 -38.24 20.62 -8.25
C CYS C 249 -37.77 21.57 -7.14
N VAL C 250 -38.70 22.14 -6.40
CA VAL C 250 -38.38 23.15 -5.36
C VAL C 250 -37.64 22.52 -4.18
N ALA C 251 -37.93 21.26 -3.87
CA ALA C 251 -37.37 20.61 -2.69
C ALA C 251 -37.13 19.13 -2.90
N GLN C 252 -36.13 18.62 -2.16
CA GLN C 252 -35.84 17.17 -2.01
C GLN C 252 -35.82 16.83 -0.53
N TRP C 253 -36.74 16.00 -0.14
CA TRP C 253 -36.87 15.56 1.28
C TRP C 253 -36.35 14.15 1.44
N SER C 254 -35.15 13.96 2.03
CA SER C 254 -34.22 14.98 2.50
C SER C 254 -32.81 14.77 1.90
N GLY C 255 -32.67 13.90 0.91
CA GLY C 255 -31.35 13.69 0.28
C GLY C 255 -30.87 14.95 -0.42
N ASP C 256 -29.67 15.39 -0.09
CA ASP C 256 -29.13 16.68 -0.58
C ASP C 256 -30.06 17.84 -0.20
N GLY C 257 -30.84 17.69 0.84
CA GLY C 257 -31.81 18.72 1.23
C GLY C 257 -31.24 19.82 2.06
N SER C 258 -31.68 21.04 1.78
CA SER C 258 -31.34 22.26 2.53
C SER C 258 -32.54 22.65 3.38
N ILE C 259 -32.28 23.33 4.48
CA ILE C 259 -33.41 23.78 5.34
C ILE C 259 -34.31 24.72 4.56
N SER C 260 -33.77 25.62 3.74
CA SER C 260 -34.66 26.55 2.97
C SER C 260 -35.58 25.78 2.04
N GLU C 261 -35.10 24.76 1.33
CA GLU C 261 -35.99 24.07 0.37
C GLU C 261 -37.10 23.40 1.15
N ILE C 262 -36.84 22.88 2.33
CA ILE C 262 -37.91 22.32 3.18
C ILE C 262 -38.92 23.42 3.52
N GLU C 263 -38.46 24.58 3.94
CA GLU C 263 -39.36 25.71 4.30
C GLU C 263 -40.15 26.24 3.09
N LEU C 264 -39.64 26.07 1.88
CA LEU C 264 -40.35 26.48 0.66
C LEU C 264 -41.38 25.44 0.22
N THR C 265 -41.38 24.24 0.76
CA THR C 265 -42.20 23.14 0.18
C THR C 265 -43.68 23.47 0.25
N PRO C 266 -44.22 24.15 1.29
CA PRO C 266 -45.64 24.49 1.27
C PRO C 266 -46.11 25.37 0.10
N LYS C 267 -45.20 25.89 -0.71
CA LYS C 267 -45.53 26.66 -1.92
C LYS C 267 -45.68 25.80 -3.16
N VAL C 268 -45.42 24.49 -3.14
CA VAL C 268 -45.45 23.68 -4.37
C VAL C 268 -46.90 23.33 -4.74
N LYS C 269 -47.09 22.82 -5.95
CA LYS C 269 -48.38 22.41 -6.47
C LYS C 269 -48.64 20.94 -6.27
N LEU C 270 -47.61 20.12 -6.07
CA LEU C 270 -47.78 18.64 -6.00
C LEU C 270 -46.59 18.05 -5.24
N ASN C 271 -46.87 17.19 -4.24
CA ASN C 271 -45.83 16.43 -3.52
C ASN C 271 -45.76 15.06 -4.18
N LEU C 272 -44.55 14.69 -4.57
CA LEU C 272 -44.26 13.41 -5.24
C LEU C 272 -43.64 12.51 -4.21
N VAL C 273 -44.36 11.51 -3.74
CA VAL C 273 -43.88 10.61 -2.65
C VAL C 273 -43.29 9.35 -3.22
N HIS C 274 -42.00 9.17 -2.94
CA HIS C 274 -41.28 7.90 -3.28
C HIS C 274 -41.39 6.99 -2.06
N CYS C 275 -40.72 7.33 -0.98
CA CYS C 275 -40.83 6.55 0.26
C CYS C 275 -42.13 6.93 1.02
N TYR C 276 -43.17 6.12 0.77
CA TYR C 276 -44.47 6.22 1.48
C TYR C 276 -44.25 6.03 2.97
N ARG C 277 -43.54 4.98 3.38
CA ARG C 277 -43.46 4.61 4.80
C ARG C 277 -42.96 5.83 5.59
N SER C 278 -41.84 6.44 5.16
CA SER C 278 -41.14 7.41 6.01
C SER C 278 -41.76 8.80 5.94
N MET C 279 -42.49 9.17 4.86
CA MET C 279 -42.92 10.55 4.61
CA MET C 279 -42.94 10.57 4.76
C MET C 279 -44.42 10.69 4.33
N ASN C 280 -45.20 9.61 4.38
CA ASN C 280 -46.66 9.76 4.19
C ASN C 280 -47.17 10.73 5.25
N TYR C 281 -46.63 10.77 6.44
CA TYR C 281 -47.16 11.57 7.56
C TYR C 281 -47.19 13.04 7.19
N ILE C 282 -46.07 13.57 6.74
CA ILE C 282 -45.94 15.02 6.46
C ILE C 282 -46.69 15.30 5.15
N SER C 283 -46.80 14.33 4.23
CA SER C 283 -47.54 14.53 2.98
C SER C 283 -49.04 14.76 3.33
N ARG C 284 -49.61 13.94 4.20
CA ARG C 284 -51.01 14.10 4.61
C ARG C 284 -51.15 15.42 5.34
N HIS C 285 -50.21 15.79 6.20
CA HIS C 285 -50.22 17.11 6.89
C HIS C 285 -50.31 18.22 5.84
N MET C 286 -49.45 18.21 4.85
CA MET C 286 -49.42 19.29 3.84
C MET C 286 -50.70 19.34 3.03
N GLU C 287 -51.33 18.21 2.76
CA GLU C 287 -52.62 18.24 2.06
C GLU C 287 -53.68 18.87 2.98
N GLU C 288 -53.69 18.55 4.24
CA GLU C 288 -54.65 19.02 5.27
CA GLU C 288 -54.70 19.05 5.17
C GLU C 288 -54.49 20.53 5.41
N LYS C 289 -53.26 21.00 5.63
CA LYS C 289 -52.99 22.40 6.02
C LYS C 289 -52.91 23.32 4.80
N TYR C 290 -52.29 22.90 3.72
CA TYR C 290 -51.98 23.79 2.58
C TYR C 290 -52.78 23.43 1.35
N GLY C 291 -53.48 22.32 1.34
CA GLY C 291 -54.23 21.86 0.17
C GLY C 291 -53.35 21.27 -0.93
N ILE C 292 -52.12 20.88 -0.61
CA ILE C 292 -51.20 20.30 -1.64
C ILE C 292 -51.53 18.84 -1.77
N PRO C 293 -51.90 18.38 -3.00
CA PRO C 293 -52.07 16.98 -3.24
C PRO C 293 -50.73 16.25 -3.24
N TRP C 294 -50.82 14.97 -2.97
CA TRP C 294 -49.60 14.10 -3.04
C TRP C 294 -49.96 12.86 -3.81
N MET C 295 -48.95 12.22 -4.36
CA MET C 295 -49.13 10.94 -5.08
C MET C 295 -47.89 10.10 -4.89
N GLU C 296 -48.10 8.78 -4.84
CA GLU C 296 -47.00 7.79 -4.79
C GLU C 296 -46.45 7.57 -6.19
N TYR C 297 -45.11 7.42 -6.31
CA TYR C 297 -44.54 7.03 -7.60
C TYR C 297 -43.38 6.04 -7.36
N ASN C 298 -42.84 5.54 -8.45
CA ASN C 298 -41.79 4.50 -8.43
C ASN C 298 -40.82 4.77 -9.59
N PHE C 299 -39.55 5.03 -9.25
CA PHE C 299 -38.50 5.28 -10.25
C PHE C 299 -37.51 4.10 -10.32
N PHE C 300 -37.92 2.89 -9.99
CA PHE C 300 -37.05 1.69 -10.16
C PHE C 300 -37.36 0.99 -11.47
N GLY C 301 -36.46 1.14 -12.42
CA GLY C 301 -36.52 0.40 -13.69
C GLY C 301 -37.36 1.16 -14.70
N PRO C 302 -37.18 0.86 -16.01
CA PRO C 302 -37.87 1.64 -17.04
C PRO C 302 -39.41 1.52 -17.00
N THR C 303 -39.94 0.32 -16.73
CA THR C 303 -41.40 0.13 -16.75
C THR C 303 -42.04 1.06 -15.72
N LYS C 304 -41.59 1.00 -14.50
CA LYS C 304 -42.11 1.86 -13.40
C LYS C 304 -41.80 3.34 -13.64
N THR C 305 -40.61 3.69 -14.13
CA THR C 305 -40.25 5.11 -14.31
C THR C 305 -41.15 5.70 -15.41
N ILE C 306 -41.37 4.97 -16.50
CA ILE C 306 -42.27 5.46 -17.60
C ILE C 306 -43.70 5.65 -17.09
N GLU C 307 -44.23 4.67 -16.38
CA GLU C 307 -45.59 4.75 -15.79
C GLU C 307 -45.66 5.97 -14.85
N SER C 308 -44.69 6.15 -13.98
CA SER C 308 -44.65 7.27 -13.02
C SER C 308 -44.59 8.62 -13.76
N LEU C 309 -43.70 8.76 -14.73
CA LEU C 309 -43.60 10.05 -15.46
C LEU C 309 -44.98 10.38 -16.04
N ARG C 310 -45.60 9.41 -16.70
CA ARG C 310 -46.90 9.68 -17.38
C ARG C 310 -47.94 10.07 -16.33
N ALA C 311 -48.00 9.36 -15.20
CA ALA C 311 -49.00 9.61 -14.15
C ALA C 311 -48.78 10.99 -13.54
N ILE C 312 -47.54 11.43 -13.35
CA ILE C 312 -47.22 12.75 -12.81
C ILE C 312 -47.63 13.80 -13.86
N ALA C 313 -47.24 13.61 -15.11
CA ALA C 313 -47.50 14.60 -16.15
C ALA C 313 -49.01 14.79 -16.29
N ALA C 314 -49.80 13.75 -16.08
CA ALA C 314 -51.27 13.84 -16.24
C ALA C 314 -51.87 14.81 -15.22
N LYS C 315 -51.14 15.15 -14.15
CA LYS C 315 -51.64 16.12 -13.14
C LYS C 315 -51.46 17.56 -13.59
N PHE C 316 -50.74 17.80 -14.69
CA PHE C 316 -50.45 19.14 -15.21
C PHE C 316 -51.24 19.32 -16.49
N ASP C 317 -50.64 19.85 -17.51
CA ASP C 317 -51.32 20.31 -18.73
C ASP C 317 -50.66 19.60 -19.91
N GLU C 318 -51.18 19.87 -21.10
CA GLU C 318 -50.72 19.24 -22.35
C GLU C 318 -49.23 19.52 -22.56
N SER C 319 -48.73 20.69 -22.14
CA SER C 319 -47.32 21.03 -22.40
C SER C 319 -46.41 20.07 -21.61
N ILE C 320 -46.80 19.72 -20.39
CA ILE C 320 -46.02 18.76 -19.57
C ILE C 320 -46.17 17.35 -20.13
N GLN C 321 -47.38 16.96 -20.54
CA GLN C 321 -47.60 15.62 -21.11
C GLN C 321 -46.75 15.45 -22.41
N LYS C 322 -46.62 16.49 -23.21
CA LYS C 322 -45.78 16.49 -24.43
C LYS C 322 -44.30 16.28 -24.03
N LYS C 323 -43.82 17.04 -23.04
CA LYS C 323 -42.40 16.93 -22.58
C LYS C 323 -42.16 15.54 -21.98
N CYS C 324 -43.17 15.01 -21.32
CA CYS C 324 -43.11 13.63 -20.78
C CYS C 324 -42.71 12.68 -21.95
N GLU C 325 -43.47 12.73 -23.05
CA GLU C 325 -43.25 11.79 -24.17
C GLU C 325 -41.89 12.08 -24.80
N GLU C 326 -41.44 13.33 -24.79
CA GLU C 326 -40.06 13.62 -25.30
C GLU C 326 -38.98 12.97 -24.39
N VAL C 327 -39.15 13.01 -23.08
CA VAL C 327 -38.21 12.36 -22.14
C VAL C 327 -38.21 10.85 -22.40
N ILE C 328 -39.40 10.24 -22.50
CA ILE C 328 -39.53 8.78 -22.75
C ILE C 328 -38.82 8.43 -24.05
N ALA C 329 -38.98 9.22 -25.10
CA ALA C 329 -38.35 8.95 -26.41
C ALA C 329 -36.84 9.09 -26.31
N LYS C 330 -36.36 10.05 -25.53
CA LYS C 330 -34.91 10.31 -25.40
C LYS C 330 -34.26 9.07 -24.75
N TYR C 331 -34.82 8.56 -23.66
CA TYR C 331 -34.13 7.50 -22.89
C TYR C 331 -34.42 6.10 -23.44
N LYS C 332 -35.39 5.95 -24.33
CA LYS C 332 -35.80 4.62 -24.86
C LYS C 332 -34.60 3.84 -25.35
N PRO C 333 -33.73 4.41 -26.24
CA PRO C 333 -32.65 3.59 -26.80
C PRO C 333 -31.63 3.23 -25.70
N GLU C 334 -31.51 4.08 -24.65
CA GLU C 334 -30.52 3.85 -23.58
C GLU C 334 -30.96 2.65 -22.75
N TRP C 335 -32.19 2.66 -22.21
CA TRP C 335 -32.62 1.53 -21.34
C TRP C 335 -32.81 0.28 -22.21
N GLU C 336 -33.20 0.46 -23.49
CA GLU C 336 -33.32 -0.74 -24.35
C GLU C 336 -31.96 -1.41 -24.55
N ALA C 337 -30.89 -0.63 -24.71
CA ALA C 337 -29.52 -1.20 -24.80
C ALA C 337 -29.18 -1.93 -23.51
N VAL C 338 -29.56 -1.40 -22.35
CA VAL C 338 -29.24 -2.05 -21.05
C VAL C 338 -29.95 -3.41 -20.99
N VAL C 339 -31.26 -3.43 -21.30
CA VAL C 339 -32.00 -4.71 -21.36
C VAL C 339 -31.36 -5.68 -22.36
N ALA C 340 -31.00 -5.23 -23.55
CA ALA C 340 -30.49 -6.13 -24.61
C ALA C 340 -29.20 -6.81 -24.11
N LYS C 341 -28.38 -6.08 -23.35
CA LYS C 341 -27.06 -6.60 -22.90
C LYS C 341 -27.26 -7.53 -21.69
N TYR C 342 -28.06 -7.09 -20.71
CA TYR C 342 -28.10 -7.74 -19.40
C TYR C 342 -29.23 -8.75 -19.23
N ARG C 343 -30.39 -8.53 -19.85
CA ARG C 343 -31.52 -9.45 -19.55
C ARG C 343 -31.18 -10.89 -19.99
N PRO C 344 -30.49 -11.16 -21.12
CA PRO C 344 -30.10 -12.54 -21.41
C PRO C 344 -29.18 -13.19 -20.39
N ARG C 345 -28.45 -12.36 -19.66
CA ARG C 345 -27.48 -12.80 -18.66
C ARG C 345 -28.18 -13.10 -17.33
N LEU C 346 -29.43 -12.64 -17.16
CA LEU C 346 -30.12 -12.71 -15.84
C LEU C 346 -31.50 -13.41 -15.96
N GLU C 347 -31.98 -13.62 -17.19
CA GLU C 347 -33.35 -14.16 -17.39
C GLU C 347 -33.52 -15.43 -16.57
N GLY C 348 -34.68 -15.52 -15.90
CA GLY C 348 -35.09 -16.65 -15.09
C GLY C 348 -34.49 -16.74 -13.70
N LYS C 349 -33.48 -15.94 -13.39
CA LYS C 349 -32.82 -16.01 -12.07
C LYS C 349 -33.80 -15.53 -10.99
N ARG C 350 -33.69 -16.14 -9.84
CA ARG C 350 -34.62 -15.98 -8.71
C ARG C 350 -33.99 -15.22 -7.58
N VAL C 351 -34.68 -14.22 -7.03
CA VAL C 351 -34.13 -13.31 -5.99
CA VAL C 351 -34.11 -13.32 -5.99
C VAL C 351 -34.99 -13.37 -4.73
N MET C 352 -34.34 -13.39 -3.57
CA MET C 352 -35.03 -13.13 -2.30
C MET C 352 -34.54 -11.76 -1.80
N LEU C 353 -35.44 -10.92 -1.35
CA LEU C 353 -35.16 -9.59 -0.78
C LEU C 353 -35.50 -9.53 0.70
N TYR C 354 -34.80 -8.68 1.41
CA TYR C 354 -35.16 -8.31 2.80
C TYR C 354 -34.59 -6.94 3.07
N ILE C 355 -35.45 -5.94 3.18
CA ILE C 355 -35.02 -4.55 3.32
C ILE C 355 -35.96 -3.87 4.36
N GLY C 356 -36.18 -2.58 4.28
CA GLY C 356 -36.70 -1.87 5.46
C GLY C 356 -38.20 -1.60 5.36
N GLY C 357 -38.61 -0.65 4.52
CA GLY C 357 -39.97 -0.13 4.49
C GLY C 357 -40.52 0.18 3.13
N LEU C 358 -39.73 0.13 2.06
CA LEU C 358 -40.19 0.53 0.73
C LEU C 358 -39.63 -0.44 -0.32
N ARG C 359 -38.29 -0.52 -0.40
CA ARG C 359 -37.57 -1.21 -1.47
C ARG C 359 -38.03 -2.67 -1.62
N PRO C 360 -38.44 -3.41 -0.55
CA PRO C 360 -38.82 -4.81 -0.73
C PRO C 360 -39.97 -5.02 -1.72
N ARG C 361 -40.80 -4.01 -1.95
CA ARG C 361 -41.79 -4.08 -3.07
C ARG C 361 -41.31 -3.20 -4.25
N HIS C 362 -40.65 -2.06 -3.95
CA HIS C 362 -40.46 -1.03 -4.99
C HIS C 362 -39.49 -1.48 -6.09
N VAL C 363 -38.53 -2.36 -5.77
CA VAL C 363 -37.53 -2.79 -6.76
C VAL C 363 -38.00 -3.98 -7.62
N ILE C 364 -39.16 -4.56 -7.32
CA ILE C 364 -39.60 -5.78 -8.04
C ILE C 364 -39.70 -5.52 -9.53
N GLY C 365 -40.29 -4.41 -9.96
CA GLY C 365 -40.43 -4.08 -11.37
C GLY C 365 -39.09 -4.08 -12.07
N ALA C 366 -38.07 -3.53 -11.44
CA ALA C 366 -36.72 -3.40 -12.07
C ALA C 366 -36.12 -4.78 -12.27
N TYR C 367 -36.23 -5.67 -11.29
CA TYR C 367 -35.86 -7.10 -11.47
C TYR C 367 -36.60 -7.68 -12.67
N GLU C 368 -37.92 -7.49 -12.73
CA GLU C 368 -38.73 -8.08 -13.81
C GLU C 368 -38.32 -7.53 -15.17
N ASP C 369 -37.82 -6.28 -15.22
CA ASP C 369 -37.32 -5.66 -16.47
C ASP C 369 -36.05 -6.38 -16.97
N LEU C 370 -35.40 -7.16 -16.10
CA LEU C 370 -34.23 -7.96 -16.46
C LEU C 370 -34.59 -9.43 -16.50
N GLY C 371 -35.88 -9.75 -16.52
CA GLY C 371 -36.34 -11.14 -16.58
C GLY C 371 -36.16 -11.95 -15.31
N MET C 372 -35.93 -11.31 -14.19
CA MET C 372 -35.70 -12.00 -12.90
C MET C 372 -37.03 -12.12 -12.16
N GLU C 373 -37.09 -13.02 -11.20
CA GLU C 373 -38.30 -13.34 -10.40
CA GLU C 373 -38.30 -13.31 -10.41
C GLU C 373 -37.97 -13.12 -8.93
N VAL C 374 -38.76 -12.31 -8.26
CA VAL C 374 -38.64 -12.11 -6.81
C VAL C 374 -39.51 -13.17 -6.12
N VAL C 375 -38.87 -14.19 -5.60
CA VAL C 375 -39.58 -15.40 -5.06
C VAL C 375 -39.87 -15.25 -3.55
N GLY C 376 -39.21 -14.29 -2.88
CA GLY C 376 -39.45 -13.99 -1.46
C GLY C 376 -39.11 -12.56 -1.15
N THR C 377 -39.92 -11.90 -0.34
CA THR C 377 -39.61 -10.52 0.06
C THR C 377 -40.10 -10.29 1.49
N GLY C 378 -39.61 -9.23 2.10
CA GLY C 378 -40.00 -8.88 3.44
C GLY C 378 -39.40 -7.60 3.88
N TYR C 379 -39.88 -7.12 5.00
CA TYR C 379 -39.51 -5.83 5.57
C TYR C 379 -39.14 -5.95 7.04
N GLU C 380 -38.18 -5.13 7.44
CA GLU C 380 -37.85 -4.88 8.85
C GLU C 380 -39.03 -4.28 9.60
N PHE C 381 -39.69 -3.25 9.04
CA PHE C 381 -40.49 -2.34 9.91
C PHE C 381 -41.74 -1.82 9.20
N ALA C 382 -42.11 -2.40 8.06
CA ALA C 382 -43.32 -1.99 7.32
C ALA C 382 -44.57 -2.24 8.17
N HIS C 383 -45.62 -1.53 7.78
CA HIS C 383 -46.96 -1.66 8.35
C HIS C 383 -47.86 -2.36 7.34
N ASN C 384 -49.10 -2.62 7.76
CA ASN C 384 -50.00 -3.43 6.90
C ASN C 384 -50.35 -2.67 5.63
N ASP C 385 -50.37 -1.32 5.66
CA ASP C 385 -50.56 -0.61 4.37
C ASP C 385 -49.43 -0.85 3.37
N ASP C 386 -48.20 -1.07 3.82
CA ASP C 386 -47.11 -1.53 2.93
C ASP C 386 -47.39 -2.95 2.42
N TYR C 387 -47.79 -3.87 3.30
CA TYR C 387 -48.07 -5.27 2.85
C TYR C 387 -49.23 -5.24 1.84
N ASP C 388 -50.22 -4.37 2.00
CA ASP C 388 -51.34 -4.28 1.03
C ASP C 388 -50.76 -3.98 -0.36
N ARG C 389 -49.80 -3.05 -0.41
CA ARG C 389 -49.16 -2.66 -1.69
C ARG C 389 -48.25 -3.77 -2.23
N THR C 390 -47.75 -4.65 -1.35
CA THR C 390 -46.77 -5.68 -1.74
C THR C 390 -47.50 -6.85 -2.40
N MET C 391 -48.69 -7.18 -1.92
CA MET C 391 -49.34 -8.45 -2.32
C MET C 391 -49.64 -8.38 -3.84
N LYS C 392 -49.96 -7.20 -4.40
CA LYS C 392 -50.23 -7.07 -5.84
C LYS C 392 -48.93 -7.03 -6.65
N GLU C 393 -47.76 -6.69 -6.06
CA GLU C 393 -46.48 -6.63 -6.79
C GLU C 393 -45.81 -8.03 -6.82
N MET C 394 -46.04 -8.86 -5.86
CA MET C 394 -45.40 -10.18 -5.72
C MET C 394 -46.26 -11.23 -6.43
N GLY C 395 -45.62 -12.28 -6.95
CA GLY C 395 -46.35 -13.36 -7.61
C GLY C 395 -47.15 -14.20 -6.63
N ASP C 396 -48.12 -14.93 -7.21
CA ASP C 396 -48.86 -15.95 -6.44
C ASP C 396 -47.84 -16.91 -5.80
N SER C 397 -48.11 -17.28 -4.55
CA SER C 397 -47.50 -18.41 -3.80
C SER C 397 -46.03 -18.04 -3.45
N THR C 398 -45.65 -16.76 -3.42
CA THR C 398 -44.32 -16.32 -2.97
C THR C 398 -44.29 -16.19 -1.46
N LEU C 399 -43.11 -16.13 -0.89
CA LEU C 399 -42.95 -16.06 0.56
C LEU C 399 -42.82 -14.61 0.99
N LEU C 400 -43.57 -14.26 2.02
CA LEU C 400 -43.52 -12.93 2.67
C LEU C 400 -43.09 -13.07 4.13
N TYR C 401 -42.18 -12.20 4.58
CA TYR C 401 -41.67 -12.28 5.97
C TYR C 401 -41.58 -10.88 6.56
N ASP C 402 -42.24 -10.67 7.68
CA ASP C 402 -42.20 -9.44 8.47
C ASP C 402 -41.23 -9.62 9.65
N ASP C 403 -40.27 -8.69 9.78
CA ASP C 403 -39.34 -8.68 10.93
C ASP C 403 -38.70 -10.06 11.05
N VAL C 404 -38.14 -10.53 9.93
CA VAL C 404 -37.58 -11.90 9.85
C VAL C 404 -36.47 -12.05 10.87
N THR C 405 -36.39 -13.24 11.47
CA THR C 405 -35.27 -13.59 12.36
C THR C 405 -34.07 -14.05 11.52
N GLY C 406 -32.87 -13.93 12.09
CA GLY C 406 -31.69 -14.48 11.42
C GLY C 406 -31.84 -15.94 11.07
N TYR C 407 -32.35 -16.72 12.01
CA TYR C 407 -32.55 -18.17 11.83
C TYR C 407 -33.50 -18.41 10.66
N GLU C 408 -34.65 -17.72 10.66
CA GLU C 408 -35.67 -17.93 9.62
C GLU C 408 -35.04 -17.62 8.26
N PHE C 409 -34.36 -16.48 8.15
CA PHE C 409 -33.89 -16.05 6.82
C PHE C 409 -32.92 -17.12 6.27
N GLU C 410 -32.00 -17.58 7.11
CA GLU C 410 -31.02 -18.62 6.73
C GLU C 410 -31.77 -19.89 6.30
N GLU C 411 -32.73 -20.35 7.12
CA GLU C 411 -33.48 -21.61 6.82
C GLU C 411 -34.32 -21.47 5.55
N PHE C 412 -34.92 -20.31 5.34
CA PHE C 412 -35.73 -20.11 4.11
C PHE C 412 -34.84 -20.16 2.86
N VAL C 413 -33.67 -19.51 2.99
CA VAL C 413 -32.70 -19.45 1.88
C VAL C 413 -32.16 -20.86 1.59
N LYS C 414 -31.92 -21.64 2.63
CA LYS C 414 -31.37 -23.02 2.37
C LYS C 414 -32.38 -23.86 1.57
N ARG C 415 -33.70 -23.69 1.79
CA ARG C 415 -34.74 -24.47 1.09
C ARG C 415 -35.02 -23.88 -0.29
N ILE C 416 -35.14 -22.55 -0.40
CA ILE C 416 -35.59 -21.90 -1.65
C ILE C 416 -34.44 -21.83 -2.65
N LYS C 417 -33.21 -21.72 -2.16
CA LYS C 417 -32.00 -21.71 -3.00
C LYS C 417 -32.13 -20.65 -4.09
N PRO C 418 -32.37 -19.37 -3.68
CA PRO C 418 -32.38 -18.31 -4.69
C PRO C 418 -31.01 -18.16 -5.37
N ASP C 419 -31.03 -17.59 -6.56
CA ASP C 419 -29.80 -17.28 -7.30
C ASP C 419 -29.14 -15.99 -6.80
N LEU C 420 -29.86 -15.12 -6.14
CA LEU C 420 -29.35 -13.86 -5.60
C LEU C 420 -30.18 -13.43 -4.41
N ILE C 421 -29.52 -12.80 -3.48
CA ILE C 421 -30.17 -12.18 -2.31
C ILE C 421 -29.85 -10.69 -2.28
N GLY C 422 -30.86 -9.87 -1.97
CA GLY C 422 -30.68 -8.43 -1.82
C GLY C 422 -31.12 -8.01 -0.46
N SER C 423 -30.18 -7.62 0.38
CA SER C 423 -30.48 -7.30 1.77
C SER C 423 -29.42 -6.33 2.32
N GLY C 424 -29.12 -6.34 3.60
CA GLY C 424 -28.19 -5.37 4.18
C GLY C 424 -26.89 -5.94 4.68
N ILE C 425 -26.14 -5.09 5.34
CA ILE C 425 -24.74 -5.41 5.71
C ILE C 425 -24.65 -6.51 6.73
N LYS C 426 -25.64 -6.63 7.60
CA LYS C 426 -25.60 -7.70 8.61
C LYS C 426 -25.92 -9.04 7.95
N GLU C 427 -26.47 -9.06 6.75
CA GLU C 427 -26.89 -10.29 6.03
C GLU C 427 -25.84 -10.69 5.00
N LYS C 428 -25.09 -9.74 4.44
CA LYS C 428 -24.29 -9.95 3.22
C LYS C 428 -23.32 -11.13 3.37
N PHE C 429 -22.54 -11.17 4.45
CA PHE C 429 -21.39 -12.08 4.50
C PHE C 429 -21.85 -13.49 4.84
N ILE C 430 -23.01 -13.63 5.47
CA ILE C 430 -23.62 -14.93 5.77
C ILE C 430 -23.86 -15.61 4.43
N PHE C 431 -24.58 -14.94 3.52
CA PHE C 431 -25.10 -15.58 2.30
C PHE C 431 -23.97 -15.82 1.33
N GLN C 432 -22.95 -14.91 1.33
CA GLN C 432 -21.79 -15.17 0.43
C GLN C 432 -21.07 -16.48 0.84
N LYS C 433 -20.96 -16.75 2.13
CA LYS C 433 -20.28 -17.99 2.57
C LYS C 433 -21.06 -19.20 2.12
N MET C 434 -22.39 -19.07 1.99
CA MET C 434 -23.26 -20.17 1.53
C MET C 434 -23.16 -20.31 0.00
N GLY C 435 -22.37 -19.46 -0.68
CA GLY C 435 -22.24 -19.52 -2.14
C GLY C 435 -23.40 -18.89 -2.87
N ILE C 436 -24.12 -17.97 -2.20
CA ILE C 436 -25.23 -17.25 -2.88
C ILE C 436 -24.82 -15.79 -3.15
N PRO C 437 -24.76 -15.39 -4.42
CA PRO C 437 -24.49 -14.01 -4.80
C PRO C 437 -25.38 -13.07 -3.98
N PHE C 438 -24.79 -11.98 -3.51
CA PHE C 438 -25.49 -11.05 -2.61
C PHE C 438 -25.25 -9.61 -3.08
N ARG C 439 -26.30 -8.82 -3.15
CA ARG C 439 -26.18 -7.37 -3.38
C ARG C 439 -26.80 -6.63 -2.20
N GLU C 440 -26.07 -5.66 -1.67
CA GLU C 440 -26.63 -4.74 -0.68
C GLU C 440 -27.70 -3.86 -1.32
N MET C 441 -28.92 -3.93 -0.76
CA MET C 441 -30.05 -3.15 -1.32
C MET C 441 -30.42 -1.99 -0.40
N HIS C 442 -29.57 -1.65 0.55
CA HIS C 442 -29.63 -0.35 1.25
C HIS C 442 -28.56 0.57 0.66
N SER C 443 -27.29 0.20 0.85
CA SER C 443 -26.12 1.00 0.44
C SER C 443 -25.82 0.87 -1.05
N TRP C 444 -26.52 0.04 -1.81
CA TRP C 444 -26.17 -0.26 -3.20
C TRP C 444 -24.76 -0.85 -3.31
N ASP C 445 -24.22 -1.40 -2.23
CA ASP C 445 -22.88 -1.99 -2.28
C ASP C 445 -21.89 -0.93 -2.81
N TYR C 446 -22.09 0.32 -2.45
CA TYR C 446 -21.13 1.43 -2.69
C TYR C 446 -21.18 1.83 -4.15
N SER C 447 -22.29 1.49 -4.81
CA SER C 447 -22.56 1.78 -6.21
C SER C 447 -23.81 2.68 -6.33
N GLY C 448 -24.49 2.62 -7.44
CA GLY C 448 -25.63 3.49 -7.72
C GLY C 448 -25.20 4.80 -8.34
N PRO C 449 -26.19 5.67 -8.66
CA PRO C 449 -27.60 5.52 -8.29
C PRO C 449 -28.33 4.31 -8.92
N TYR C 450 -29.46 3.92 -8.35
CA TYR C 450 -30.37 2.93 -8.96
C TYR C 450 -31.67 3.60 -9.44
N HIS C 451 -32.01 4.82 -9.01
CA HIS C 451 -33.27 5.45 -9.47
C HIS C 451 -33.14 5.95 -10.92
N GLY C 452 -34.26 5.93 -11.65
CA GLY C 452 -34.33 6.56 -12.96
C GLY C 452 -33.73 5.72 -14.06
N PHE C 453 -33.64 6.32 -15.26
CA PHE C 453 -33.04 5.66 -16.44
C PHE C 453 -31.55 5.45 -16.18
N ASP C 454 -30.87 6.49 -15.69
CA ASP C 454 -29.42 6.40 -15.51
C ASP C 454 -29.11 5.36 -14.42
N GLY C 455 -29.96 5.28 -13.39
CA GLY C 455 -29.81 4.31 -12.30
C GLY C 455 -30.05 2.89 -12.76
N PHE C 456 -30.96 2.66 -13.72
CA PHE C 456 -31.27 1.29 -14.16
C PHE C 456 -30.01 0.68 -14.78
N ALA C 457 -29.24 1.45 -15.54
CA ALA C 457 -28.04 0.92 -16.20
C ALA C 457 -27.11 0.36 -15.13
N ILE C 458 -26.93 1.13 -14.07
CA ILE C 458 -25.99 0.75 -12.99
C ILE C 458 -26.55 -0.43 -12.24
N PHE C 459 -27.85 -0.45 -11.92
CA PHE C 459 -28.53 -1.62 -11.31
C PHE C 459 -28.29 -2.89 -12.10
N ALA C 460 -28.46 -2.83 -13.41
CA ALA C 460 -28.32 -4.04 -14.25
C ALA C 460 -26.87 -4.50 -14.24
N ARG C 461 -25.95 -3.57 -14.44
CA ARG C 461 -24.49 -3.85 -14.38
C ARG C 461 -24.16 -4.58 -13.09
N ASP C 462 -24.69 -4.11 -12.00
CA ASP C 462 -24.38 -4.57 -10.63
C ASP C 462 -24.98 -5.95 -10.38
N MET C 463 -26.24 -6.17 -10.78
CA MET C 463 -26.82 -7.51 -10.55
C MET C 463 -26.05 -8.52 -11.40
N ASP C 464 -25.71 -8.18 -12.63
CA ASP C 464 -24.94 -9.08 -13.50
C ASP C 464 -23.55 -9.35 -12.95
N MET C 465 -22.84 -8.34 -12.52
CA MET C 465 -21.40 -8.53 -12.14
C MET C 465 -21.30 -9.49 -10.96
N THR C 466 -22.29 -9.46 -10.08
CA THR C 466 -22.36 -10.28 -8.86
C THR C 466 -22.96 -11.66 -9.16
N LEU C 467 -24.13 -11.74 -9.78
CA LEU C 467 -24.75 -13.05 -9.96
C LEU C 467 -23.81 -13.92 -10.82
N ASN C 468 -23.20 -13.35 -11.87
CA ASN C 468 -22.42 -14.11 -12.89
C ASN C 468 -20.91 -14.07 -12.58
N ASN C 469 -20.54 -13.70 -11.36
CA ASN C 469 -19.11 -13.54 -11.03
C ASN C 469 -18.42 -14.91 -11.10
N PRO C 470 -17.18 -14.98 -11.59
CA PRO C 470 -16.43 -16.26 -11.55
C PRO C 470 -16.21 -16.81 -10.14
N CYS C 471 -16.25 -16.00 -9.08
CA CYS C 471 -15.96 -16.48 -7.73
C CYS C 471 -16.93 -17.59 -7.33
N TRP C 472 -18.18 -17.53 -7.79
CA TRP C 472 -19.22 -18.45 -7.27
C TRP C 472 -18.94 -19.90 -7.63
N LYS C 473 -18.16 -20.16 -8.65
CA LYS C 473 -17.93 -21.57 -9.11
C LYS C 473 -16.80 -22.17 -8.28
N LYS C 474 -16.23 -21.44 -7.32
CA LYS C 474 -14.92 -21.82 -6.72
C LYS C 474 -15.05 -22.19 -5.26
N LEU C 475 -16.26 -22.19 -4.66
CA LEU C 475 -16.36 -22.42 -3.20
C LEU C 475 -16.02 -23.87 -2.83
N GLN C 476 -16.35 -24.84 -3.68
CA GLN C 476 -16.11 -26.28 -3.34
C GLN C 476 -14.65 -26.61 -3.73
N ALA C 477 -13.81 -27.08 -2.82
CA ALA C 477 -12.47 -27.54 -3.22
C ALA C 477 -12.64 -28.78 -4.09
N PRO C 478 -11.84 -28.89 -5.14
CA PRO C 478 -12.01 -30.01 -6.05
C PRO C 478 -11.74 -31.37 -5.40
N TRP C 479 -11.05 -31.45 -4.29
CA TRP C 479 -10.80 -32.74 -3.58
C TRP C 479 -11.94 -33.08 -2.60
N GLU C 480 -12.94 -32.24 -2.54
CA GLU C 480 -14.10 -32.49 -1.64
C GLU C 480 -15.36 -32.74 -2.48
N SER D 2 -27.75 10.78 -18.87
CA SER D 2 -27.55 9.76 -19.93
C SER D 2 -26.48 8.75 -19.59
N GLN D 3 -26.58 7.55 -20.18
CA GLN D 3 -25.54 6.50 -20.10
C GLN D 3 -25.20 6.01 -21.51
N GLN D 4 -23.92 5.68 -21.70
CA GLN D 4 -23.44 4.85 -22.83
C GLN D 4 -23.31 3.42 -22.34
N VAL D 5 -24.06 2.50 -22.93
CA VAL D 5 -24.19 1.13 -22.36
C VAL D 5 -22.82 0.44 -22.25
N ASP D 6 -21.83 0.69 -23.11
CA ASP D 6 -20.57 -0.09 -22.93
C ASP D 6 -19.58 0.62 -21.99
N LYS D 7 -19.95 1.74 -21.38
CA LYS D 7 -19.12 2.39 -20.33
C LYS D 7 -20.08 3.11 -19.40
N ILE D 8 -20.74 2.33 -18.56
CA ILE D 8 -21.74 2.84 -17.62
C ILE D 8 -21.01 3.61 -16.52
N LYS D 9 -21.53 4.77 -16.15
CA LYS D 9 -20.95 5.63 -15.10
C LYS D 9 -21.78 5.50 -13.82
N ALA D 10 -21.15 5.16 -12.72
CA ALA D 10 -21.75 5.29 -11.37
C ALA D 10 -21.69 6.77 -10.95
N SER D 11 -22.17 7.05 -9.74
CA SER D 11 -22.34 8.46 -9.24
C SER D 11 -21.09 9.30 -9.62
N TYR D 12 -19.90 8.81 -9.30
CA TYR D 12 -18.65 9.31 -9.85
C TYR D 12 -18.27 8.43 -11.02
N PRO D 13 -18.19 8.94 -12.26
CA PRO D 13 -18.24 10.36 -12.63
C PRO D 13 -19.55 10.81 -13.27
N LEU D 14 -20.64 10.05 -13.16
CA LEU D 14 -21.92 10.48 -13.80
C LEU D 14 -22.30 11.92 -13.53
N PHE D 15 -22.21 12.37 -12.28
CA PHE D 15 -22.77 13.67 -11.92
C PHE D 15 -21.87 14.82 -12.39
N LEU D 16 -20.70 14.56 -12.96
CA LEU D 16 -19.86 15.57 -13.60
C LEU D 16 -20.30 15.82 -15.04
N ASP D 17 -21.25 15.06 -15.59
CA ASP D 17 -21.76 15.43 -16.93
C ASP D 17 -22.41 16.83 -16.88
N GLN D 18 -22.35 17.57 -17.97
CA GLN D 18 -22.78 18.96 -17.97
C GLN D 18 -24.25 19.07 -17.55
N ASP D 19 -25.11 18.18 -18.02
CA ASP D 19 -26.54 18.29 -17.65
C ASP D 19 -26.73 18.19 -16.13
N TYR D 20 -26.10 17.23 -15.49
CA TYR D 20 -26.16 17.10 -14.03
C TYR D 20 -25.52 18.33 -13.35
N LYS D 21 -24.36 18.80 -13.79
CA LYS D 21 -23.73 20.00 -13.18
C LYS D 21 -24.69 21.19 -13.26
N ASP D 22 -25.30 21.40 -14.42
CA ASP D 22 -26.20 22.54 -14.63
C ASP D 22 -27.43 22.43 -13.73
N MET D 23 -27.95 21.24 -13.62
CA MET D 23 -29.12 20.92 -12.76
C MET D 23 -28.80 21.25 -11.30
N LEU D 24 -27.62 20.85 -10.82
CA LEU D 24 -27.21 21.08 -9.43
C LEU D 24 -26.99 22.57 -9.20
N ALA D 25 -26.41 23.28 -10.17
CA ALA D 25 -26.30 24.74 -10.05
C ALA D 25 -27.66 25.42 -9.92
N LYS D 26 -28.64 24.99 -10.69
CA LYS D 26 -30.02 25.56 -10.64
C LYS D 26 -30.67 25.20 -9.30
N LYS D 27 -30.38 24.01 -8.77
CA LYS D 27 -30.97 23.62 -7.47
C LYS D 27 -30.44 24.55 -6.36
N ARG D 28 -29.11 24.70 -6.33
CA ARG D 28 -28.44 25.60 -5.39
C ARG D 28 -29.05 27.01 -5.50
N ASP D 29 -29.00 27.60 -6.68
CA ASP D 29 -29.37 29.02 -6.87
C ASP D 29 -30.84 29.22 -6.61
N GLY D 30 -31.68 28.26 -7.03
CA GLY D 30 -33.13 28.45 -6.90
C GLY D 30 -33.63 28.31 -5.46
N PHE D 31 -33.09 27.34 -4.72
CA PHE D 31 -33.81 26.80 -3.55
C PHE D 31 -32.98 26.66 -2.28
N GLU D 32 -31.66 26.66 -2.35
CA GLU D 32 -30.82 26.35 -1.18
C GLU D 32 -30.41 27.56 -0.36
N GLU D 33 -30.56 28.77 -0.87
CA GLU D 33 -30.21 29.98 -0.10
C GLU D 33 -28.81 29.78 0.50
N LYS D 34 -27.89 29.39 -0.36
CA LYS D 34 -26.54 28.98 0.05
C LYS D 34 -25.70 30.21 0.34
N TYR D 35 -24.80 30.09 1.30
CA TYR D 35 -23.81 31.16 1.56
C TYR D 35 -22.97 31.34 0.30
N PRO D 36 -22.65 32.58 -0.06
CA PRO D 36 -21.79 32.81 -1.19
C PRO D 36 -20.46 32.06 -1.09
N GLN D 37 -19.94 31.66 -2.23
CA GLN D 37 -18.67 30.89 -2.21
C GLN D 37 -17.55 31.69 -1.54
N ASP D 38 -17.44 33.00 -1.73
CA ASP D 38 -16.38 33.80 -1.07
C ASP D 38 -16.50 33.69 0.44
N LYS D 39 -17.72 33.64 0.97
CA LYS D 39 -17.93 33.44 2.44
C LYS D 39 -17.53 32.03 2.87
N ILE D 40 -17.88 31.03 2.07
CA ILE D 40 -17.46 29.64 2.39
C ILE D 40 -15.94 29.57 2.44
N ASP D 41 -15.27 30.16 1.44
CA ASP D 41 -13.80 30.15 1.41
C ASP D 41 -13.24 30.86 2.65
N GLU D 42 -13.81 32.02 3.04
CA GLU D 42 -13.33 32.83 4.16
C GLU D 42 -13.44 32.01 5.43
N VAL D 43 -14.60 31.35 5.62
CA VAL D 43 -14.81 30.56 6.87
C VAL D 43 -13.88 29.34 6.83
N PHE D 44 -13.75 28.66 5.65
CA PHE D 44 -12.81 27.54 5.58
C PHE D 44 -11.43 28.00 6.07
N GLN D 45 -10.91 29.08 5.48
CA GLN D 45 -9.55 29.54 5.83
CA GLN D 45 -9.55 29.56 5.83
C GLN D 45 -9.48 29.80 7.34
N TRP D 46 -10.48 30.43 7.91
CA TRP D 46 -10.50 30.71 9.36
C TRP D 46 -10.38 29.40 10.17
N THR D 47 -11.03 28.33 9.73
CA THR D 47 -11.00 27.03 10.46
C THR D 47 -9.61 26.37 10.40
N THR D 48 -8.68 26.91 9.64
CA THR D 48 -7.29 26.41 9.54
C THR D 48 -6.31 27.16 10.43
N THR D 49 -6.79 28.19 11.10
CA THR D 49 -5.91 29.11 11.81
C THR D 49 -5.66 28.75 13.28
N LYS D 50 -4.61 29.32 13.81
CA LYS D 50 -4.31 29.26 15.25
C LYS D 50 -5.43 29.88 16.08
N GLU D 51 -6.02 30.99 15.62
CA GLU D 51 -7.12 31.62 16.38
C GLU D 51 -8.27 30.63 16.54
N TYR D 52 -8.63 29.96 15.45
CA TYR D 52 -9.71 28.96 15.49
C TYR D 52 -9.31 27.81 16.40
N GLN D 53 -8.05 27.36 16.27
CA GLN D 53 -7.59 26.24 17.14
C GLN D 53 -7.78 26.60 18.61
N GLU D 54 -7.43 27.83 19.03
CA GLU D 54 -7.58 28.16 20.46
C GLU D 54 -9.06 28.07 20.88
N LEU D 55 -10.02 28.55 20.07
CA LEU D 55 -11.46 28.43 20.44
C LEU D 55 -11.83 26.96 20.47
N ASN D 56 -11.36 26.19 19.48
CA ASN D 56 -11.67 24.74 19.37
C ASN D 56 -11.27 24.01 20.64
N PHE D 57 -10.07 24.28 21.12
CA PHE D 57 -9.52 23.62 22.34
C PHE D 57 -10.18 24.15 23.63
N GLN D 58 -11.00 25.18 23.53
CA GLN D 58 -11.75 25.68 24.72
C GLN D 58 -13.08 24.95 24.87
N ARG D 59 -13.45 24.06 23.96
CA ARG D 59 -14.74 23.34 24.09
C ARG D 59 -14.82 22.59 25.42
N GLU D 60 -16.00 22.61 26.02
CA GLU D 60 -16.30 21.88 27.24
C GLU D 60 -17.47 20.93 27.04
N ALA D 61 -18.43 21.27 26.21
CA ALA D 61 -19.70 20.53 26.08
C ALA D 61 -19.83 19.78 24.76
N LEU D 62 -19.33 20.37 23.68
CA LEU D 62 -19.50 19.79 22.31
C LEU D 62 -18.32 18.86 21.98
N THR D 63 -18.65 17.67 21.51
CA THR D 63 -17.71 16.73 20.89
C THR D 63 -18.01 16.66 19.42
N VAL D 64 -16.96 16.64 18.58
CA VAL D 64 -17.08 16.59 17.11
C VAL D 64 -16.13 15.51 16.60
N ASN D 65 -16.67 14.53 15.93
CA ASN D 65 -15.83 13.48 15.28
C ASN D 65 -15.00 12.76 16.34
N PRO D 66 -15.68 12.09 17.29
CA PRO D 66 -14.96 11.36 18.30
C PRO D 66 -14.07 10.24 17.75
N ALA D 67 -13.12 9.87 18.59
CA ALA D 67 -12.22 8.71 18.30
C ALA D 67 -12.36 7.68 19.42
N LYS D 68 -13.60 7.29 19.69
CA LYS D 68 -13.94 6.23 20.66
C LYS D 68 -15.35 5.78 20.33
N ALA D 69 -15.74 4.66 20.90
CA ALA D 69 -17.12 4.14 20.85
C ALA D 69 -17.57 3.77 22.27
N CYS D 70 -18.72 3.08 22.39
CA CYS D 70 -19.34 2.86 23.72
C CYS D 70 -19.03 1.46 24.26
N GLN D 71 -19.14 1.31 25.57
CA GLN D 71 -18.79 0.04 26.24
C GLN D 71 -19.35 -1.21 25.56
N PRO D 72 -20.65 -1.40 25.35
CA PRO D 72 -21.12 -2.70 24.90
C PRO D 72 -20.46 -3.17 23.60
N LEU D 73 -20.00 -2.25 22.73
CA LEU D 73 -19.26 -2.72 21.53
C LEU D 73 -18.09 -3.63 21.95
N GLY D 74 -17.33 -3.20 22.98
CA GLY D 74 -16.20 -3.98 23.48
C GLY D 74 -16.66 -5.27 24.14
N ALA D 75 -17.75 -5.24 24.89
CA ALA D 75 -18.28 -6.46 25.51
C ALA D 75 -18.61 -7.48 24.42
N VAL D 76 -19.21 -7.05 23.34
CA VAL D 76 -19.56 -7.96 22.23
C VAL D 76 -18.26 -8.60 21.68
N LEU D 77 -17.26 -7.78 21.37
CA LEU D 77 -16.04 -8.35 20.78
C LEU D 77 -15.39 -9.35 21.74
N CYS D 78 -15.35 -9.04 23.03
CA CYS D 78 -14.82 -9.98 24.05
C CYS D 78 -15.59 -11.30 23.98
N ALA D 79 -16.91 -11.22 24.00
CA ALA D 79 -17.77 -12.39 24.04
C ALA D 79 -17.56 -13.26 22.81
N LEU D 80 -17.34 -12.65 21.63
CA LEU D 80 -17.17 -13.40 20.38
C LEU D 80 -16.00 -14.36 20.50
N GLY D 81 -15.03 -14.06 21.36
CA GLY D 81 -13.81 -14.86 21.52
C GLY D 81 -13.97 -16.13 22.34
N PHE D 82 -15.17 -16.49 22.72
CA PHE D 82 -15.40 -17.69 23.55
C PHE D 82 -16.13 -18.72 22.70
N GLU D 83 -15.75 -19.98 22.89
CA GLU D 83 -16.29 -21.09 22.09
C GLU D 83 -17.84 -21.15 22.13
N LYS D 84 -18.44 -21.22 20.99
CA LYS D 84 -19.91 -21.35 20.81
C LYS D 84 -20.63 -20.37 21.74
N THR D 85 -20.17 -19.15 21.81
CA THR D 85 -20.76 -18.12 22.68
C THR D 85 -21.51 -17.09 21.86
N MET D 86 -22.72 -16.82 22.31
CA MET D 86 -23.56 -15.73 21.75
C MET D 86 -23.43 -14.50 22.64
N PRO D 87 -22.92 -13.37 22.07
CA PRO D 87 -23.03 -12.09 22.74
C PRO D 87 -24.52 -11.71 22.79
N TYR D 88 -24.90 -11.22 23.95
CA TYR D 88 -26.30 -10.84 24.25
C TYR D 88 -26.28 -9.53 24.98
N VAL D 89 -26.98 -8.54 24.43
CA VAL D 89 -26.97 -7.22 25.07
C VAL D 89 -28.39 -6.94 25.58
N HIS D 90 -28.50 -6.98 26.88
CA HIS D 90 -29.81 -6.70 27.56
C HIS D 90 -30.10 -5.21 27.37
N GLY D 91 -31.26 -4.89 26.87
CA GLY D 91 -31.61 -3.49 26.61
C GLY D 91 -32.23 -3.36 25.24
N SER D 92 -31.90 -2.26 24.56
CA SER D 92 -32.56 -1.77 23.33
C SER D 92 -31.94 -2.37 22.09
N GLN D 93 -32.77 -2.81 21.16
CA GLN D 93 -32.26 -3.55 19.97
C GLN D 93 -31.52 -2.64 18.98
N GLY D 94 -31.78 -1.35 18.98
CA GLY D 94 -31.08 -0.48 18.01
C GLY D 94 -29.58 -0.61 18.17
N CYS D 95 -29.17 -0.72 19.40
CA CYS D 95 -27.73 -0.80 19.74
C CYS D 95 -27.09 -1.98 19.05
N VAL D 96 -27.76 -3.12 19.07
CA VAL D 96 -27.18 -4.36 18.49
C VAL D 96 -27.08 -4.24 16.98
N ALA D 97 -28.04 -3.65 16.29
CA ALA D 97 -27.94 -3.52 14.82
C ALA D 97 -26.64 -2.71 14.56
N TYR D 98 -26.38 -1.65 15.35
CA TYR D 98 -25.18 -0.80 15.13
C TYR D 98 -23.91 -1.58 15.50
N PHE D 99 -23.87 -2.34 16.60
CA PHE D 99 -22.62 -3.05 16.94
C PHE D 99 -22.30 -4.03 15.83
N ARG D 100 -23.26 -4.80 15.36
CA ARG D 100 -23.02 -5.82 14.34
C ARG D 100 -22.52 -5.15 13.07
N SER D 101 -23.20 -4.10 12.59
CA SER D 101 -22.84 -3.38 11.35
CA SER D 101 -22.80 -3.47 11.31
C SER D 101 -21.42 -2.81 11.46
N TYR D 102 -21.09 -2.25 12.60
CA TYR D 102 -19.77 -1.60 12.82
C TYR D 102 -18.69 -2.67 12.61
N PHE D 103 -18.82 -3.81 13.24
CA PHE D 103 -17.84 -4.89 13.07
C PHE D 103 -17.98 -5.54 11.70
N ASN D 104 -19.17 -5.70 11.14
CA ASN D 104 -19.33 -6.28 9.79
C ASN D 104 -18.41 -5.51 8.83
N ARG D 105 -18.47 -4.19 8.90
CA ARG D 105 -17.78 -3.32 7.91
C ARG D 105 -16.27 -3.41 8.10
N HIS D 106 -15.77 -3.60 9.30
CA HIS D 106 -14.30 -3.71 9.55
C HIS D 106 -13.79 -5.07 9.14
N PHE D 107 -14.45 -6.16 9.55
CA PHE D 107 -13.94 -7.53 9.28
C PHE D 107 -14.42 -8.10 7.97
N ARG D 108 -15.48 -7.53 7.38
CA ARG D 108 -16.14 -8.08 6.21
C ARG D 108 -16.50 -9.54 6.49
N GLU D 109 -17.15 -9.73 7.61
CA GLU D 109 -17.61 -11.04 8.09
C GLU D 109 -18.94 -10.87 8.77
N PRO D 110 -19.68 -11.98 8.93
CA PRO D 110 -20.85 -12.00 9.81
C PRO D 110 -20.41 -11.67 11.23
N VAL D 111 -21.32 -11.04 11.97
CA VAL D 111 -21.10 -10.74 13.40
C VAL D 111 -22.40 -11.05 14.13
N SER D 112 -22.41 -12.07 14.95
CA SER D 112 -23.63 -12.61 15.57
C SER D 112 -23.75 -12.01 16.97
N CYS D 113 -24.92 -11.45 17.26
CA CYS D 113 -25.22 -10.81 18.55
C CYS D 113 -26.74 -10.69 18.63
N VAL D 114 -27.30 -10.89 19.82
CA VAL D 114 -28.75 -10.67 20.02
C VAL D 114 -28.98 -9.57 21.05
N SER D 115 -30.22 -9.09 20.98
CA SER D 115 -30.87 -8.18 21.96
C SER D 115 -31.95 -8.94 22.69
N ASP D 116 -32.43 -8.41 23.80
CA ASP D 116 -33.72 -8.88 24.32
C ASP D 116 -34.79 -7.76 24.16
N SER D 117 -34.56 -6.74 23.34
CA SER D 117 -35.65 -5.91 22.75
C SER D 117 -36.53 -5.32 23.86
N MET D 118 -35.92 -4.68 24.82
CA MET D 118 -36.62 -3.87 25.82
C MET D 118 -37.17 -2.63 25.11
N THR D 119 -38.38 -2.29 25.49
CA THR D 119 -39.14 -1.15 24.97
C THR D 119 -39.50 -0.20 26.12
N GLU D 120 -40.18 0.89 25.77
CA GLU D 120 -40.55 1.91 26.75
C GLU D 120 -41.34 1.26 27.91
N ASP D 121 -42.11 0.19 27.63
CA ASP D 121 -42.95 -0.48 28.66
C ASP D 121 -42.08 -0.93 29.82
N ALA D 122 -40.85 -1.34 29.54
CA ALA D 122 -39.94 -1.84 30.60
C ALA D 122 -39.57 -0.75 31.60
N ALA D 123 -39.86 0.54 31.36
CA ALA D 123 -39.54 1.64 32.31
C ALA D 123 -40.40 1.53 33.57
N VAL D 124 -41.46 0.76 33.52
CA VAL D 124 -42.38 0.73 34.70
C VAL D 124 -41.86 -0.39 35.60
N PHE D 125 -41.60 -1.52 34.94
CA PHE D 125 -41.58 -2.83 35.55
C PHE D 125 -40.16 -3.41 35.43
N GLY D 126 -39.22 -2.83 34.65
CA GLY D 126 -37.87 -3.39 34.37
C GLY D 126 -37.85 -4.44 33.27
N GLY D 127 -36.66 -4.95 32.91
CA GLY D 127 -36.54 -5.94 31.82
C GLY D 127 -36.41 -7.38 32.25
N GLN D 128 -37.03 -7.77 33.37
CA GLN D 128 -36.91 -9.18 33.84
C GLN D 128 -37.51 -10.16 32.82
N GLN D 129 -38.71 -9.88 32.30
CA GLN D 129 -39.37 -10.81 31.37
C GLN D 129 -38.57 -10.90 30.07
N ASN D 130 -38.07 -9.74 29.65
CA ASN D 130 -37.23 -9.76 28.43
C ASN D 130 -36.00 -10.68 28.63
N MET D 131 -35.40 -10.68 29.81
CA MET D 131 -34.27 -11.60 30.08
C MET D 131 -34.72 -13.05 30.06
N LYS D 132 -35.84 -13.35 30.69
CA LYS D 132 -36.35 -14.74 30.75
C LYS D 132 -36.60 -15.27 29.35
N ASP D 133 -37.47 -14.60 28.56
CA ASP D 133 -37.82 -15.08 27.21
C ASP D 133 -36.58 -14.98 26.28
N GLY D 134 -35.77 -13.94 26.49
CA GLY D 134 -34.62 -13.72 25.60
C GLY D 134 -33.58 -14.85 25.73
N LEU D 135 -33.27 -15.24 26.97
CA LEU D 135 -32.31 -16.33 27.18
C LEU D 135 -32.88 -17.63 26.61
N GLN D 136 -34.15 -17.90 26.93
CA GLN D 136 -34.75 -19.15 26.44
C GLN D 136 -34.75 -19.18 24.91
N ASN D 137 -35.20 -18.09 24.31
CA ASN D 137 -35.32 -18.03 22.85
C ASN D 137 -33.93 -18.11 22.20
N CYS D 138 -32.97 -17.39 22.73
CA CYS D 138 -31.60 -17.38 22.13
C CYS D 138 -31.02 -18.80 22.20
N LYS D 139 -31.15 -19.43 23.36
CA LYS D 139 -30.55 -20.79 23.55
C LYS D 139 -31.20 -21.74 22.56
N ALA D 140 -32.53 -21.73 22.41
CA ALA D 140 -33.21 -22.68 21.56
C ALA D 140 -32.87 -22.44 20.11
N THR D 141 -32.89 -21.15 19.71
CA THR D 141 -32.82 -20.83 18.28
C THR D 141 -31.39 -20.92 17.73
N TYR D 142 -30.43 -20.44 18.51
CA TYR D 142 -29.04 -20.32 18.00
C TYR D 142 -28.10 -21.35 18.64
N LYS D 143 -28.62 -22.17 19.54
CA LYS D 143 -27.84 -23.31 20.17
C LYS D 143 -26.43 -22.89 20.51
N PRO D 144 -26.23 -21.77 21.23
CA PRO D 144 -24.96 -21.47 21.83
C PRO D 144 -24.68 -22.39 23.03
N ASP D 145 -23.43 -22.57 23.38
CA ASP D 145 -23.03 -23.26 24.62
C ASP D 145 -22.89 -22.27 25.78
N MET D 146 -22.91 -20.97 25.49
CA MET D 146 -22.78 -19.92 26.52
C MET D 146 -23.40 -18.65 25.97
N ILE D 147 -24.03 -17.91 26.84
CA ILE D 147 -24.58 -16.58 26.46
C ILE D 147 -23.88 -15.57 27.38
N ALA D 148 -23.23 -14.57 26.77
CA ALA D 148 -22.46 -13.60 27.57
C ALA D 148 -23.23 -12.28 27.52
N VAL D 149 -23.70 -11.81 28.67
CA VAL D 149 -24.69 -10.72 28.77
C VAL D 149 -23.99 -9.43 29.15
N SER D 150 -24.28 -8.38 28.38
CA SER D 150 -23.89 -6.99 28.62
C SER D 150 -25.15 -6.11 28.60
N THR D 151 -24.98 -4.80 28.71
CA THR D 151 -26.15 -3.90 28.73
C THR D 151 -26.04 -2.72 27.79
N THR D 152 -27.22 -2.25 27.41
CA THR D 152 -27.36 -0.93 26.75
C THR D 152 -27.76 0.13 27.78
N CYS D 153 -27.69 1.39 27.35
CA CYS D 153 -27.74 2.49 28.32
C CYS D 153 -29.17 2.60 28.90
N MET D 154 -30.20 2.24 28.18
CA MET D 154 -31.53 2.36 28.83
CA MET D 154 -31.59 2.21 28.72
C MET D 154 -31.65 1.32 29.97
N ALA D 155 -31.03 0.15 29.84
CA ALA D 155 -31.06 -0.85 30.91
C ALA D 155 -30.32 -0.31 32.11
N GLU D 156 -29.19 0.37 31.89
CA GLU D 156 -28.40 0.97 32.99
C GLU D 156 -29.16 2.08 33.69
N VAL D 157 -29.80 2.97 32.93
CA VAL D 157 -30.54 4.10 33.53
C VAL D 157 -31.74 3.56 34.33
N ILE D 158 -32.46 2.58 33.78
CA ILE D 158 -33.64 1.99 34.49
C ILE D 158 -33.13 1.23 35.72
N GLY D 159 -31.90 0.72 35.72
CA GLY D 159 -31.30 0.08 36.91
C GLY D 159 -31.50 -1.42 37.00
N ASP D 160 -31.76 -2.11 35.90
CA ASP D 160 -31.98 -3.58 35.89
C ASP D 160 -30.78 -4.28 36.56
N ASP D 161 -31.09 -5.19 37.50
CA ASP D 161 -30.05 -5.97 38.22
C ASP D 161 -29.81 -7.23 37.40
N LEU D 162 -28.77 -7.25 36.57
CA LEU D 162 -28.49 -8.42 35.70
C LEU D 162 -28.41 -9.70 36.54
N ASN D 163 -27.64 -9.65 37.63
CA ASN D 163 -27.40 -10.86 38.45
C ASN D 163 -28.76 -11.45 38.87
N ALA D 164 -29.61 -10.61 39.42
CA ALA D 164 -30.91 -11.10 39.93
C ALA D 164 -31.74 -11.62 38.75
N PHE D 165 -31.73 -10.91 37.61
CA PHE D 165 -32.58 -11.29 36.46
C PHE D 165 -32.14 -12.65 35.88
N ILE D 166 -30.79 -12.83 35.79
CA ILE D 166 -30.29 -14.12 35.25
C ILE D 166 -30.64 -15.23 36.26
N ASN D 167 -30.40 -14.96 37.53
CA ASN D 167 -30.70 -15.95 38.60
C ASN D 167 -32.18 -16.39 38.54
N ASN D 168 -33.07 -15.41 38.32
CA ASN D 168 -34.53 -15.70 38.28
C ASN D 168 -34.86 -16.43 37.01
N SER D 169 -34.18 -16.13 35.89
CA SER D 169 -34.39 -16.88 34.64
C SER D 169 -34.11 -18.36 34.89
N LYS D 170 -33.00 -18.67 35.56
CA LYS D 170 -32.67 -20.09 35.90
C LYS D 170 -33.69 -20.65 36.91
N LYS D 171 -33.95 -19.91 37.96
CA LYS D 171 -34.85 -20.39 39.06
C LYS D 171 -36.23 -20.76 38.48
N GLU D 172 -36.77 -19.95 37.58
CA GLU D 172 -38.11 -20.16 36.97
C GLU D 172 -38.06 -21.07 35.73
N GLY D 173 -36.91 -21.66 35.38
CA GLY D 173 -36.88 -22.72 34.35
C GLY D 173 -36.72 -22.30 32.93
N PHE D 174 -36.36 -21.04 32.69
CA PHE D 174 -36.22 -20.58 31.29
C PHE D 174 -34.99 -21.18 30.59
N ILE D 175 -33.95 -21.39 31.39
CA ILE D 175 -32.69 -22.04 30.94
C ILE D 175 -32.26 -22.95 32.09
N PRO D 176 -31.49 -24.01 31.79
CA PRO D 176 -30.97 -24.91 32.81
C PRO D 176 -30.04 -24.16 33.76
N ASP D 177 -29.99 -24.52 35.03
CA ASP D 177 -29.12 -23.92 36.06
CA ASP D 177 -29.15 -23.71 35.97
C ASP D 177 -27.66 -23.88 35.58
N GLU D 178 -27.26 -25.00 35.01
CA GLU D 178 -25.82 -25.16 34.68
C GLU D 178 -25.43 -24.40 33.40
N PHE D 179 -26.39 -23.86 32.67
CA PHE D 179 -26.05 -23.20 31.38
C PHE D 179 -25.32 -21.89 31.68
N PRO D 180 -24.10 -21.66 31.13
CA PRO D 180 -23.30 -20.51 31.56
C PRO D 180 -23.84 -19.19 30.95
N VAL D 181 -24.10 -18.29 31.87
CA VAL D 181 -24.58 -16.91 31.54
C VAL D 181 -23.78 -15.92 32.36
N PRO D 182 -22.48 -15.75 32.02
CA PRO D 182 -21.72 -14.67 32.62
C PRO D 182 -22.30 -13.31 32.19
N PHE D 183 -22.03 -12.30 32.97
CA PHE D 183 -22.61 -10.97 32.65
C PHE D 183 -21.66 -9.88 33.11
N ALA D 184 -21.93 -8.69 32.59
CA ALA D 184 -21.27 -7.44 32.98
C ALA D 184 -22.19 -6.26 32.70
N HIS D 185 -22.26 -5.35 33.65
CA HIS D 185 -22.85 -4.01 33.42
C HIS D 185 -21.88 -3.20 32.56
N THR D 186 -22.38 -2.66 31.46
CA THR D 186 -21.55 -1.93 30.48
C THR D 186 -22.20 -0.60 30.10
N PRO D 187 -22.20 0.37 31.02
CA PRO D 187 -22.79 1.68 30.74
C PRO D 187 -22.01 2.50 29.70
N SER D 188 -22.73 2.95 28.66
CA SER D 188 -22.06 3.68 27.55
C SER D 188 -21.54 5.05 27.99
N PHE D 189 -22.08 5.58 29.08
CA PHE D 189 -21.73 6.90 29.61
C PHE D 189 -20.54 6.82 30.57
N VAL D 190 -19.89 5.63 30.65
CA VAL D 190 -18.64 5.49 31.44
C VAL D 190 -17.58 4.97 30.50
N GLY D 191 -16.41 5.62 30.48
CA GLY D 191 -15.29 5.10 29.69
C GLY D 191 -15.61 5.02 28.22
N SER D 192 -15.26 3.88 27.60
CA SER D 192 -15.38 3.67 26.17
C SER D 192 -15.53 2.20 25.88
N HIS D 193 -15.54 1.83 24.61
CA HIS D 193 -15.59 0.43 24.16
C HIS D 193 -14.53 -0.42 24.86
N VAL D 194 -13.36 0.09 25.12
CA VAL D 194 -12.32 -0.80 25.71
C VAL D 194 -12.70 -1.13 27.18
N THR D 195 -13.42 -0.24 27.86
CA THR D 195 -13.90 -0.45 29.22
C THR D 195 -14.94 -1.57 29.23
N GLY D 196 -15.79 -1.62 28.23
CA GLY D 196 -16.76 -2.69 28.00
C GLY D 196 -16.07 -4.03 27.88
N TRP D 197 -14.94 -4.05 27.17
CA TRP D 197 -14.20 -5.33 27.00
C TRP D 197 -13.72 -5.80 28.39
N ASP D 198 -13.05 -4.92 29.12
CA ASP D 198 -12.51 -5.19 30.48
C ASP D 198 -13.66 -5.71 31.38
N ASN D 199 -14.78 -5.00 31.36
CA ASN D 199 -15.92 -5.39 32.23
C ASN D 199 -16.41 -6.75 31.81
N MET D 200 -16.61 -7.03 30.51
CA MET D 200 -17.15 -8.32 30.06
C MET D 200 -16.15 -9.41 30.47
N PHE D 201 -14.89 -9.24 30.17
CA PHE D 201 -13.85 -10.26 30.45
C PHE D 201 -13.84 -10.60 31.96
N GLU D 202 -13.83 -9.59 32.81
CA GLU D 202 -13.76 -9.84 34.27
C GLU D 202 -15.03 -10.56 34.70
N GLY D 203 -16.19 -10.24 34.13
CA GLY D 203 -17.41 -10.98 34.43
C GLY D 203 -17.34 -12.46 34.04
N ILE D 204 -16.79 -12.77 32.87
CA ILE D 204 -16.59 -14.16 32.42
C ILE D 204 -15.59 -14.85 33.32
N ALA D 205 -14.49 -14.21 33.69
CA ALA D 205 -13.49 -14.80 34.59
C ALA D 205 -14.10 -15.08 35.97
N ARG D 206 -14.93 -14.20 36.46
CA ARG D 206 -15.56 -14.36 37.78
C ARG D 206 -16.53 -15.55 37.73
N TYR D 207 -17.34 -15.63 36.70
CA TYR D 207 -18.38 -16.65 36.49
C TYR D 207 -17.72 -18.03 36.63
N PHE D 208 -16.56 -18.25 36.00
CA PHE D 208 -15.99 -19.61 35.92
C PHE D 208 -15.02 -19.89 37.09
N THR D 209 -14.67 -18.95 37.96
CA THR D 209 -13.58 -19.19 38.95
C THR D 209 -13.88 -18.73 40.39
N LEU D 210 -14.73 -17.74 40.63
CA LEU D 210 -14.82 -17.11 41.96
C LEU D 210 -15.16 -18.18 43.01
N LYS D 211 -16.13 -19.01 42.70
CA LYS D 211 -16.75 -19.96 43.65
C LYS D 211 -16.00 -21.27 43.69
N SER D 212 -14.92 -21.46 42.94
CA SER D 212 -14.21 -22.75 42.81
C SER D 212 -12.73 -22.58 43.11
N MET D 213 -12.33 -21.57 43.86
CA MET D 213 -10.90 -21.32 44.08
C MET D 213 -10.28 -22.38 45.00
N ASP D 214 -11.05 -23.07 45.85
CA ASP D 214 -10.38 -23.73 46.99
C ASP D 214 -9.58 -24.91 46.41
N ASP D 215 -9.84 -25.43 45.21
CA ASP D 215 -9.01 -26.53 44.63
C ASP D 215 -7.88 -26.00 43.72
N LYS D 216 -7.63 -24.69 43.61
CA LYS D 216 -6.66 -24.17 42.60
C LYS D 216 -5.27 -24.11 43.20
N VAL D 217 -4.27 -24.31 42.38
CA VAL D 217 -2.85 -24.21 42.80
C VAL D 217 -2.15 -23.43 41.68
N VAL D 218 -1.61 -22.29 42.03
CA VAL D 218 -0.90 -21.46 41.02
C VAL D 218 0.24 -22.28 40.43
N GLY D 219 0.34 -22.34 39.10
CA GLY D 219 1.45 -22.99 38.40
C GLY D 219 1.18 -24.45 38.11
N SER D 220 0.09 -25.02 38.62
CA SER D 220 -0.15 -26.48 38.51
C SER D 220 -0.44 -26.93 37.07
N ASN D 221 -0.87 -26.06 36.14
CA ASN D 221 -1.12 -26.53 34.76
C ASN D 221 0.05 -26.14 33.83
N LYS D 222 1.06 -25.45 34.34
CA LYS D 222 2.34 -25.21 33.60
C LYS D 222 2.13 -24.26 32.41
N LYS D 223 1.04 -23.49 32.41
CA LYS D 223 0.73 -22.60 31.30
C LYS D 223 0.79 -21.14 31.77
N ILE D 224 0.84 -20.25 30.78
CA ILE D 224 0.66 -18.79 30.99
C ILE D 224 -0.64 -18.32 30.32
N ASN D 225 -1.52 -17.68 31.09
CA ASN D 225 -2.72 -17.06 30.50
C ASN D 225 -2.33 -15.78 29.73
N ILE D 226 -2.97 -15.59 28.60
CA ILE D 226 -2.77 -14.36 27.79
C ILE D 226 -4.14 -13.71 27.61
N VAL D 227 -4.26 -12.45 28.01
CA VAL D 227 -5.53 -11.68 27.82
C VAL D 227 -5.25 -10.59 26.80
N PRO D 228 -5.90 -10.64 25.61
CA PRO D 228 -5.47 -9.74 24.52
C PRO D 228 -6.13 -8.38 24.61
N GLY D 229 -7.24 -8.21 25.30
CA GLY D 229 -8.03 -6.98 25.23
C GLY D 229 -8.67 -6.81 23.87
N PHE D 230 -9.25 -5.60 23.71
CA PHE D 230 -9.98 -5.20 22.49
C PHE D 230 -9.00 -5.14 21.33
N GLU D 231 -9.17 -6.06 20.40
CA GLU D 231 -8.18 -6.34 19.34
C GLU D 231 -8.94 -6.65 18.06
N THR D 232 -8.60 -5.91 17.00
CA THR D 232 -9.33 -5.97 15.73
C THR D 232 -8.42 -6.26 14.55
N TYR D 233 -7.17 -6.70 14.84
CA TYR D 233 -6.31 -7.29 13.79
C TYR D 233 -6.18 -8.80 14.02
N LEU D 234 -6.61 -9.59 13.05
CA LEU D 234 -6.49 -11.06 13.18
C LEU D 234 -5.02 -11.43 13.43
N GLY D 235 -4.11 -10.75 12.74
CA GLY D 235 -2.71 -11.14 12.82
C GLY D 235 -2.18 -11.01 14.25
N ASN D 236 -2.78 -10.21 15.11
CA ASN D 236 -2.32 -9.99 16.49
C ASN D 236 -2.66 -11.20 17.36
N PHE D 237 -3.83 -11.79 17.25
CA PHE D 237 -4.09 -13.04 17.98
C PHE D 237 -3.13 -14.10 17.45
N ARG D 238 -2.96 -14.17 16.12
CA ARG D 238 -2.17 -15.23 15.48
C ARG D 238 -0.70 -15.12 15.87
N VAL D 239 -0.10 -13.93 15.86
CA VAL D 239 1.34 -13.77 16.14
C VAL D 239 1.66 -14.16 17.57
N ILE D 240 0.79 -13.84 18.52
CA ILE D 240 1.06 -14.17 19.94
C ILE D 240 1.08 -15.71 20.08
N LYS D 241 0.07 -16.37 19.52
CA LYS D 241 0.02 -17.85 19.57
C LYS D 241 1.21 -18.46 18.85
N ARG D 242 1.58 -17.92 17.69
CA ARG D 242 2.73 -18.45 16.97
C ARG D 242 4.00 -18.29 17.80
N MET D 243 4.27 -17.16 18.40
CA MET D 243 5.53 -16.93 19.16
CA MET D 243 5.53 -16.92 19.16
C MET D 243 5.59 -17.84 20.38
N LEU D 244 4.51 -17.98 21.13
CA LEU D 244 4.52 -18.86 22.31
C LEU D 244 4.66 -20.31 21.89
N SER D 245 4.08 -20.71 20.78
CA SER D 245 4.22 -22.10 20.28
C SER D 245 5.68 -22.36 19.89
N GLU D 246 6.33 -21.42 19.22
CA GLU D 246 7.74 -21.54 18.75
C GLU D 246 8.67 -21.59 19.93
N MET D 247 8.31 -21.05 21.05
CA MET D 247 9.11 -21.07 22.29
C MET D 247 8.82 -22.34 23.11
N GLY D 248 7.84 -23.14 22.70
CA GLY D 248 7.43 -24.30 23.52
C GLY D 248 6.79 -23.90 24.82
N VAL D 249 6.12 -22.76 24.87
CA VAL D 249 5.48 -22.26 26.11
C VAL D 249 4.02 -22.70 26.09
N GLY D 250 3.56 -23.34 27.13
CA GLY D 250 2.13 -23.66 27.30
C GLY D 250 1.38 -22.40 27.60
N TYR D 251 0.24 -22.22 26.95
CA TYR D 251 -0.48 -20.94 27.12
C TYR D 251 -1.98 -21.23 26.94
N SER D 252 -2.76 -20.25 27.40
CA SER D 252 -4.21 -20.18 27.12
CA SER D 252 -4.22 -20.17 27.20
C SER D 252 -4.53 -18.74 26.73
N LEU D 253 -5.01 -18.57 25.49
CA LEU D 253 -5.39 -17.22 25.02
C LEU D 253 -6.87 -17.06 25.40
N LEU D 254 -7.12 -16.12 26.33
CA LEU D 254 -8.45 -15.93 26.93
C LEU D 254 -9.20 -14.79 26.23
N SER D 255 -10.15 -15.20 25.38
CA SER D 255 -10.89 -14.42 24.37
C SER D 255 -10.07 -14.43 23.09
N ASP D 256 -10.47 -15.29 22.17
CA ASP D 256 -9.76 -15.61 20.90
C ASP D 256 -10.74 -15.74 19.77
N PRO D 257 -11.13 -14.61 19.14
CA PRO D 257 -12.07 -14.63 18.06
C PRO D 257 -11.49 -14.81 16.65
N GLU D 258 -10.23 -15.26 16.58
CA GLU D 258 -9.61 -15.22 15.23
C GLU D 258 -10.28 -16.23 14.31
N GLU D 259 -10.81 -17.35 14.79
CA GLU D 259 -11.52 -18.28 13.89
C GLU D 259 -12.90 -17.74 13.46
N VAL D 260 -13.63 -17.19 14.43
CA VAL D 260 -15.03 -16.79 14.09
C VAL D 260 -15.05 -15.54 13.25
N LEU D 261 -13.96 -14.75 13.27
CA LEU D 261 -13.87 -13.55 12.41
C LEU D 261 -13.12 -13.88 11.12
N ASP D 262 -13.01 -15.15 10.73
CA ASP D 262 -12.29 -15.52 9.49
C ASP D 262 -12.68 -16.90 9.01
N THR D 263 -13.97 -17.18 8.98
CA THR D 263 -14.44 -18.46 8.47
C THR D 263 -14.31 -18.56 6.97
N PRO D 264 -14.04 -19.76 6.44
CA PRO D 264 -13.96 -19.94 4.99
C PRO D 264 -15.27 -19.78 4.22
N ALA D 265 -15.23 -19.31 3.00
CA ALA D 265 -16.42 -19.33 2.11
C ALA D 265 -16.39 -20.64 1.35
N ASP D 266 -17.05 -21.66 1.91
CA ASP D 266 -16.98 -23.04 1.37
C ASP D 266 -18.38 -23.63 1.21
N GLY D 267 -19.41 -22.77 1.23
CA GLY D 267 -20.78 -23.20 0.95
C GLY D 267 -21.56 -23.36 2.23
N GLN D 268 -20.95 -23.21 3.40
CA GLN D 268 -21.75 -23.15 4.64
C GLN D 268 -21.38 -21.96 5.51
N PHE D 269 -22.41 -21.46 6.15
CA PHE D 269 -22.30 -20.43 7.18
C PHE D 269 -22.07 -21.11 8.53
N ARG D 270 -20.99 -20.73 9.19
CA ARG D 270 -20.63 -21.15 10.56
C ARG D 270 -20.85 -20.00 11.52
N MET D 271 -21.95 -20.06 12.28
CA MET D 271 -22.21 -19.00 13.29
C MET D 271 -21.08 -18.90 14.35
N TYR D 272 -20.53 -20.05 14.74
CA TYR D 272 -19.45 -20.14 15.73
C TYR D 272 -18.26 -20.88 15.12
N ALA D 273 -17.07 -20.48 15.58
CA ALA D 273 -15.86 -21.22 15.20
C ALA D 273 -14.77 -20.91 16.24
N GLY D 274 -14.03 -21.94 16.62
CA GLY D 274 -12.88 -21.80 17.51
C GLY D 274 -13.26 -21.18 18.83
N GLY D 275 -12.40 -20.34 19.38
CA GLY D 275 -12.63 -19.60 20.62
C GLY D 275 -12.11 -20.32 21.85
N THR D 276 -11.91 -19.54 22.87
CA THR D 276 -11.52 -19.95 24.22
C THR D 276 -12.57 -20.89 24.80
N THR D 277 -12.14 -22.00 25.36
CA THR D 277 -13.07 -23.00 25.91
C THR D 277 -13.50 -22.58 27.32
N GLN D 278 -14.66 -23.12 27.72
CA GLN D 278 -15.10 -22.92 29.14
C GLN D 278 -14.06 -23.54 30.10
N GLU D 279 -13.53 -24.69 29.72
CA GLU D 279 -12.48 -25.36 30.50
C GLU D 279 -11.25 -24.47 30.65
N GLU D 280 -10.84 -23.81 29.58
CA GLU D 280 -9.68 -22.88 29.70
C GLU D 280 -9.95 -21.83 30.80
N MET D 281 -11.17 -21.26 30.84
CA MET D 281 -11.46 -20.26 31.88
C MET D 281 -11.54 -20.91 33.27
N LYS D 282 -12.16 -22.09 33.38
CA LYS D 282 -12.27 -22.75 34.70
C LYS D 282 -10.87 -23.08 35.22
N ASP D 283 -9.98 -23.47 34.32
CA ASP D 283 -8.62 -23.96 34.71
C ASP D 283 -7.63 -22.78 34.83
N ALA D 284 -8.00 -21.59 34.34
CA ALA D 284 -7.06 -20.46 34.27
C ALA D 284 -6.39 -20.13 35.61
N PRO D 285 -6.99 -20.27 36.81
CA PRO D 285 -6.29 -19.94 38.06
C PRO D 285 -5.08 -20.86 38.30
N ASN D 286 -5.09 -22.02 37.63
CA ASN D 286 -3.99 -23.02 37.73
C ASN D 286 -2.76 -22.64 36.89
N ALA D 287 -2.82 -21.56 36.14
CA ALA D 287 -1.69 -21.07 35.35
C ALA D 287 -0.54 -20.61 36.28
N LEU D 288 0.67 -20.52 35.73
CA LEU D 288 1.86 -19.92 36.38
C LEU D 288 1.59 -18.46 36.65
N ASN D 289 0.91 -17.79 35.73
CA ASN D 289 0.73 -16.32 35.79
C ASN D 289 -0.21 -15.98 34.62
N THR D 290 -0.59 -14.70 34.58
CA THR D 290 -1.46 -14.09 33.57
C THR D 290 -0.77 -12.84 33.02
N VAL D 291 -0.63 -12.77 31.70
CA VAL D 291 -0.06 -11.60 31.00
C VAL D 291 -1.18 -10.85 30.29
N LEU D 292 -1.20 -9.55 30.55
CA LEU D 292 -2.19 -8.65 29.94
C LEU D 292 -1.52 -7.94 28.74
N LEU D 293 -2.01 -8.18 27.54
CA LEU D 293 -1.33 -7.57 26.37
C LEU D 293 -1.64 -6.09 26.25
N GLN D 294 -2.74 -5.63 26.79
CA GLN D 294 -3.16 -4.22 26.68
C GLN D 294 -3.58 -3.71 28.05
N PRO D 295 -2.60 -3.53 28.96
CA PRO D 295 -2.85 -3.30 30.39
C PRO D 295 -3.66 -2.01 30.69
N TRP D 296 -3.50 -1.00 29.85
CA TRP D 296 -4.17 0.29 30.08
C TRP D 296 -5.69 0.16 29.84
N HIS D 297 -6.25 -0.92 29.32
CA HIS D 297 -7.72 -1.11 29.43
C HIS D 297 -8.11 -2.43 30.08
N LEU D 298 -7.21 -2.98 30.89
CA LEU D 298 -7.54 -4.25 31.58
C LEU D 298 -7.33 -4.09 33.08
N GLU D 299 -7.61 -2.94 33.63
CA GLU D 299 -7.35 -2.69 35.07
C GLU D 299 -8.33 -3.48 35.95
N LYS D 300 -9.59 -3.62 35.57
CA LYS D 300 -10.51 -4.38 36.44
C LYS D 300 -10.16 -5.86 36.34
N THR D 301 -9.83 -6.35 35.15
CA THR D 301 -9.34 -7.71 34.96
C THR D 301 -8.13 -7.94 35.86
N LYS D 302 -7.18 -7.01 35.85
CA LYS D 302 -5.96 -7.16 36.63
C LYS D 302 -6.31 -7.32 38.10
N LYS D 303 -7.18 -6.48 38.63
CA LYS D 303 -7.54 -6.57 40.08
C LYS D 303 -8.10 -7.94 40.40
N PHE D 304 -8.93 -8.51 39.57
CA PHE D 304 -9.53 -9.84 39.80
C PHE D 304 -8.46 -10.92 39.71
N VAL D 305 -7.63 -10.88 38.68
CA VAL D 305 -6.56 -11.89 38.52
C VAL D 305 -5.58 -11.85 39.68
N GLU D 306 -5.22 -10.68 40.16
CA GLU D 306 -4.28 -10.56 41.31
C GLU D 306 -5.03 -10.94 42.62
N GLY D 307 -6.22 -10.40 42.81
CA GLY D 307 -6.97 -10.50 44.07
C GLY D 307 -7.50 -11.90 44.32
N THR D 308 -7.99 -12.56 43.29
CA THR D 308 -8.69 -13.85 43.41
C THR D 308 -7.75 -14.97 42.93
N TRP D 309 -7.14 -14.87 41.75
CA TRP D 309 -6.32 -16.00 41.23
C TRP D 309 -4.95 -15.95 41.89
N LYS D 310 -4.56 -14.85 42.51
CA LYS D 310 -3.26 -14.70 43.20
C LYS D 310 -2.11 -14.80 42.18
N HIS D 311 -2.33 -14.37 40.94
CA HIS D 311 -1.24 -14.28 39.94
C HIS D 311 -0.52 -12.94 40.08
N GLU D 312 0.81 -12.95 39.97
CA GLU D 312 1.68 -11.75 40.12
C GLU D 312 1.83 -11.15 38.71
N VAL D 313 0.79 -10.48 38.23
CA VAL D 313 0.75 -10.04 36.82
C VAL D 313 1.97 -9.16 36.57
N PRO D 314 2.78 -9.48 35.54
CA PRO D 314 3.96 -8.68 35.27
C PRO D 314 3.62 -7.30 34.71
N LYS D 315 4.51 -6.35 34.98
CA LYS D 315 4.36 -4.93 34.54
C LYS D 315 4.99 -4.91 33.15
N LEU D 316 4.24 -5.24 32.13
CA LEU D 316 4.70 -5.29 30.73
C LEU D 316 3.87 -4.32 29.93
N ASN D 317 4.52 -3.54 29.09
CA ASN D 317 3.82 -2.79 28.05
C ASN D 317 3.29 -3.77 26.99
N ILE D 318 2.37 -3.29 26.17
CA ILE D 318 1.96 -3.96 24.92
C ILE D 318 3.20 -4.38 24.14
N PRO D 319 3.20 -5.57 23.55
CA PRO D 319 4.41 -6.00 22.82
C PRO D 319 4.40 -5.48 21.39
N MET D 320 4.77 -4.21 21.29
CA MET D 320 4.90 -3.49 20.01
C MET D 320 6.28 -2.85 19.91
N GLY D 321 6.84 -2.99 18.73
CA GLY D 321 8.19 -2.49 18.50
C GLY D 321 9.22 -3.45 19.03
N LEU D 322 10.46 -3.02 18.95
CA LEU D 322 11.60 -3.93 19.21
CA LEU D 322 11.64 -3.89 19.23
C LEU D 322 11.77 -4.08 20.74
N ASP D 323 11.98 -3.04 21.48
CA ASP D 323 12.23 -3.13 22.94
C ASP D 323 11.10 -3.83 23.69
N TRP D 324 9.86 -3.50 23.37
CA TRP D 324 8.74 -4.07 24.14
C TRP D 324 8.43 -5.50 23.71
N THR D 325 8.77 -5.89 22.49
CA THR D 325 8.66 -7.32 22.11
C THR D 325 9.75 -8.10 22.85
N ASP D 326 10.95 -7.54 22.87
CA ASP D 326 12.08 -8.18 23.62
C ASP D 326 11.64 -8.35 25.08
N GLU D 327 11.06 -7.34 25.71
CA GLU D 327 10.71 -7.41 27.13
C GLU D 327 9.67 -8.50 27.36
N PHE D 328 8.68 -8.56 26.50
CA PHE D 328 7.60 -9.56 26.53
C PHE D 328 8.22 -10.96 26.52
N LEU D 329 9.05 -11.22 25.53
CA LEU D 329 9.67 -12.57 25.38
C LEU D 329 10.57 -12.88 26.58
N MET D 330 11.34 -11.92 27.11
CA MET D 330 12.22 -12.21 28.28
C MET D 330 11.37 -12.53 29.48
N LYS D 331 10.25 -11.86 29.64
CA LYS D 331 9.40 -12.13 30.80
C LYS D 331 8.70 -13.46 30.67
N VAL D 332 8.23 -13.81 29.47
CA VAL D 332 7.63 -15.14 29.19
C VAL D 332 8.70 -16.20 29.45
N SER D 333 9.94 -15.97 29.03
CA SER D 333 11.05 -16.91 29.26
C SER D 333 11.23 -17.13 30.78
N GLU D 334 11.25 -16.06 31.56
CA GLU D 334 11.42 -16.11 33.02
C GLU D 334 10.30 -16.97 33.62
N ILE D 335 9.05 -16.63 33.33
CA ILE D 335 7.87 -17.32 33.92
C ILE D 335 7.86 -18.81 33.56
N SER D 336 8.10 -19.17 32.29
CA SER D 336 7.87 -20.52 31.71
C SER D 336 9.11 -21.40 31.91
N GLY D 337 10.28 -20.82 32.10
CA GLY D 337 11.56 -21.55 32.07
C GLY D 337 11.96 -22.00 30.68
N GLN D 338 11.33 -21.50 29.61
CA GLN D 338 11.69 -21.82 28.21
C GLN D 338 12.64 -20.73 27.75
N PRO D 339 13.79 -21.08 27.15
CA PRO D 339 14.67 -20.09 26.55
C PRO D 339 13.99 -19.45 25.34
N ILE D 340 14.43 -18.25 25.01
CA ILE D 340 13.98 -17.69 23.71
C ILE D 340 14.65 -18.47 22.59
N PRO D 341 13.89 -19.04 21.66
CA PRO D 341 14.44 -19.93 20.63
C PRO D 341 15.14 -19.24 19.47
N ALA D 342 15.98 -19.98 18.77
CA ALA D 342 16.76 -19.47 17.63
C ALA D 342 15.81 -18.78 16.63
N SER D 343 14.62 -19.33 16.39
CA SER D 343 13.70 -18.82 15.34
C SER D 343 13.34 -17.36 15.69
N LEU D 344 13.04 -17.07 16.95
CA LEU D 344 12.57 -15.71 17.31
C LEU D 344 13.81 -14.78 17.36
N THR D 345 14.95 -15.31 17.77
CA THR D 345 16.18 -14.48 17.76
C THR D 345 16.47 -14.03 16.31
N LYS D 346 16.32 -14.93 15.35
CA LYS D 346 16.59 -14.62 13.91
C LYS D 346 15.54 -13.62 13.41
N GLU D 347 14.25 -13.83 13.76
CA GLU D 347 13.19 -12.89 13.33
C GLU D 347 13.48 -11.49 13.88
N ARG D 348 13.89 -11.39 15.13
CA ARG D 348 14.26 -10.12 15.74
C ARG D 348 15.33 -9.44 14.89
N GLY D 349 16.38 -10.18 14.53
CA GLY D 349 17.50 -9.59 13.78
C GLY D 349 17.11 -9.24 12.35
N ARG D 350 16.12 -9.87 11.77
CA ARG D 350 15.56 -9.51 10.47
C ARG D 350 14.81 -8.18 10.61
N LEU D 351 14.07 -7.96 11.67
CA LEU D 351 13.46 -6.65 11.92
C LEU D 351 14.56 -5.62 12.04
N VAL D 352 15.60 -5.86 12.83
CA VAL D 352 16.66 -4.86 12.99
C VAL D 352 17.32 -4.60 11.63
N ASP D 353 17.52 -5.62 10.82
CA ASP D 353 18.05 -5.42 9.45
C ASP D 353 17.16 -4.42 8.71
N MET D 354 15.84 -4.64 8.74
CA MET D 354 14.92 -3.75 7.98
C MET D 354 15.05 -2.34 8.54
N MET D 355 15.19 -2.14 9.85
CA MET D 355 15.39 -0.82 10.45
C MET D 355 16.66 -0.20 9.86
N THR D 356 17.74 -0.98 9.77
CA THR D 356 18.99 -0.40 9.25
C THR D 356 18.78 0.03 7.78
N ASP D 357 18.05 -0.77 7.04
CA ASP D 357 17.86 -0.58 5.60
C ASP D 357 16.99 0.65 5.30
N SER D 358 16.06 0.95 6.19
CA SER D 358 15.04 1.97 5.93
C SER D 358 15.22 3.24 6.75
N HIS D 359 16.21 3.30 7.62
CA HIS D 359 16.31 4.42 8.59
C HIS D 359 16.47 5.77 7.92
N THR D 360 17.04 5.87 6.72
CA THR D 360 17.33 7.20 6.16
C THR D 360 16.05 7.88 5.66
N TRP D 361 15.06 7.12 5.24
CA TRP D 361 13.78 7.71 4.78
C TRP D 361 12.87 8.00 5.98
N LEU D 362 12.95 7.21 7.05
CA LEU D 362 12.12 7.38 8.25
C LEU D 362 12.60 8.55 9.10
N HIS D 363 13.89 8.87 9.06
CA HIS D 363 14.48 9.77 10.05
C HIS D 363 13.78 11.13 10.02
N GLY D 364 13.35 11.60 11.20
CA GLY D 364 12.76 12.94 11.33
C GLY D 364 11.39 13.08 10.81
N LYS D 365 10.79 12.03 10.27
CA LYS D 365 9.43 12.14 9.71
C LYS D 365 8.47 12.39 10.87
N ARG D 366 7.54 13.30 10.64
CA ARG D 366 6.62 13.83 11.66
C ARG D 366 5.23 13.24 11.45
N PHE D 367 4.67 12.70 12.54
CA PHE D 367 3.34 12.01 12.50
C PHE D 367 2.36 12.61 13.50
N ALA D 368 1.13 12.70 13.05
CA ALA D 368 -0.05 12.76 13.95
C ALA D 368 -0.67 11.37 14.00
N LEU D 369 -1.20 10.96 15.15
CA LEU D 369 -1.73 9.60 15.30
C LEU D 369 -2.79 9.59 16.40
N TRP D 370 -3.64 8.57 16.33
CA TRP D 370 -4.68 8.37 17.37
C TRP D 370 -5.08 6.90 17.44
N GLY D 371 -5.89 6.59 18.43
CA GLY D 371 -6.36 5.21 18.66
C GLY D 371 -6.56 4.99 20.14
N ASP D 372 -6.63 3.72 20.51
CA ASP D 372 -6.82 3.33 21.91
C ASP D 372 -5.50 3.40 22.62
N PRO D 373 -5.53 3.50 23.97
CA PRO D 373 -4.33 3.88 24.72
C PRO D 373 -3.12 2.97 24.52
N ASP D 374 -3.32 1.67 24.58
CA ASP D 374 -2.15 0.76 24.47
C ASP D 374 -1.61 0.76 23.05
N PHE D 375 -2.48 0.71 22.07
CA PHE D 375 -2.06 0.81 20.67
C PHE D 375 -1.28 2.11 20.43
N VAL D 376 -1.79 3.22 20.91
CA VAL D 376 -1.14 4.54 20.71
C VAL D 376 0.24 4.53 21.37
N MET D 377 0.36 4.04 22.61
CA MET D 377 1.67 4.13 23.25
C MET D 377 2.69 3.20 22.59
N GLY D 378 2.24 2.05 22.08
CA GLY D 378 3.14 1.16 21.36
C GLY D 378 3.56 1.76 20.04
N LEU D 379 2.64 2.41 19.34
CA LEU D 379 2.99 3.07 18.05
C LEU D 379 4.00 4.18 18.34
N VAL D 380 3.76 5.00 19.37
CA VAL D 380 4.70 6.07 19.75
C VAL D 380 6.07 5.48 20.00
N LYS D 381 6.15 4.42 20.83
CA LYS D 381 7.42 3.81 21.17
C LYS D 381 8.12 3.37 19.91
N PHE D 382 7.43 2.65 19.03
CA PHE D 382 8.09 2.14 17.81
C PHE D 382 8.56 3.28 16.91
N LEU D 383 7.74 4.32 16.78
CA LEU D 383 8.15 5.50 16.00
C LEU D 383 9.45 6.08 16.57
N LEU D 384 9.58 6.19 17.89
CA LEU D 384 10.86 6.71 18.48
C LEU D 384 12.01 5.74 18.12
N GLU D 385 11.78 4.42 18.12
CA GLU D 385 12.84 3.44 17.78
C GLU D 385 13.26 3.59 16.32
N LEU D 386 12.36 4.05 15.46
CA LEU D 386 12.59 4.27 14.02
C LEU D 386 13.25 5.63 13.76
N GLY D 387 13.44 6.46 14.75
CA GLY D 387 13.96 7.81 14.54
C GLY D 387 12.93 8.76 13.97
N CYS D 388 11.65 8.47 14.15
CA CYS D 388 10.54 9.36 13.73
C CYS D 388 10.09 10.24 14.90
N GLU D 389 9.41 11.32 14.58
CA GLU D 389 8.87 12.28 15.58
C GLU D 389 7.36 12.20 15.67
N PRO D 390 6.80 11.58 16.73
CA PRO D 390 5.35 11.51 16.91
C PRO D 390 4.80 12.80 17.52
N VAL D 391 4.54 13.82 16.72
CA VAL D 391 4.34 15.17 17.25
C VAL D 391 2.93 15.41 17.78
N HIS D 392 1.88 14.85 17.21
CA HIS D 392 0.52 14.99 17.75
C HIS D 392 0.04 13.60 18.14
N ILE D 393 -0.09 13.33 19.43
CA ILE D 393 -0.50 12.01 19.96
C ILE D 393 -1.86 12.16 20.61
N LEU D 394 -2.90 11.65 19.98
CA LEU D 394 -4.27 11.88 20.47
C LEU D 394 -4.85 10.57 20.92
N CYS D 395 -5.37 10.55 22.14
CA CYS D 395 -6.12 9.40 22.64
C CYS D 395 -7.40 9.90 23.31
N HIS D 396 -8.50 9.86 22.57
CA HIS D 396 -9.76 10.49 23.07
C HIS D 396 -10.12 9.83 24.42
N ASN D 397 -9.96 8.52 24.52
CA ASN D 397 -10.34 7.68 25.67
C ASN D 397 -9.12 7.48 26.58
N GLY D 398 -8.12 8.34 26.55
CA GLY D 398 -6.95 8.29 27.43
C GLY D 398 -7.27 8.86 28.81
N ASN D 399 -6.39 8.64 29.75
CA ASN D 399 -6.55 9.19 31.09
C ASN D 399 -5.25 9.83 31.53
N LYS D 400 -5.24 10.53 32.63
CA LYS D 400 -4.07 11.29 33.12
C LYS D 400 -2.89 10.33 33.39
N ARG D 401 -3.16 9.17 34.02
CA ARG D 401 -2.04 8.27 34.41
C ARG D 401 -1.36 7.78 33.12
N TRP D 402 -2.15 7.41 32.13
CA TRP D 402 -1.62 7.00 30.80
C TRP D 402 -0.80 8.10 30.18
N LYS D 403 -1.34 9.32 30.16
CA LYS D 403 -0.61 10.49 29.63
C LYS D 403 0.76 10.64 30.29
N LYS D 404 0.80 10.54 31.61
CA LYS D 404 2.08 10.71 32.33
C LYS D 404 3.06 9.64 31.85
N ALA D 405 2.60 8.40 31.66
CA ALA D 405 3.46 7.31 31.15
C ALA D 405 3.98 7.64 29.76
N VAL D 406 3.09 8.10 28.86
CA VAL D 406 3.56 8.41 27.49
C VAL D 406 4.52 9.60 27.52
N ASP D 407 4.20 10.61 28.29
CA ASP D 407 5.10 11.77 28.44
C ASP D 407 6.48 11.30 28.88
N ALA D 408 6.57 10.31 29.77
CA ALA D 408 7.88 9.85 30.29
C ALA D 408 8.66 9.13 29.17
N ILE D 409 7.97 8.33 28.35
CA ILE D 409 8.59 7.68 27.16
C ILE D 409 9.14 8.77 26.22
N LEU D 410 8.36 9.79 25.96
CA LEU D 410 8.79 10.88 25.07
C LEU D 410 10.01 11.60 25.64
N ALA D 411 10.03 11.85 26.95
CA ALA D 411 11.09 12.63 27.62
C ALA D 411 12.42 11.86 27.51
N ALA D 412 12.38 10.53 27.42
CA ALA D 412 13.60 9.69 27.43
C ALA D 412 14.24 9.63 26.04
N SER D 413 13.60 10.11 24.97
CA SER D 413 14.14 10.02 23.59
C SER D 413 14.36 11.41 23.04
N PRO D 414 15.45 11.68 22.32
CA PRO D 414 15.55 12.94 21.56
C PRO D 414 14.49 13.13 20.49
N TYR D 415 13.88 12.04 20.05
CA TYR D 415 12.81 12.07 19.05
C TYR D 415 11.47 12.46 19.65
N GLY D 416 11.41 12.68 20.97
CA GLY D 416 10.14 13.06 21.61
C GLY D 416 10.06 14.54 21.84
N LYS D 417 11.08 15.33 21.48
CA LYS D 417 11.19 16.74 21.90
C LYS D 417 10.01 17.60 21.41
N ASN D 418 9.41 17.28 20.26
CA ASN D 418 8.40 18.17 19.63
C ASN D 418 7.00 17.54 19.75
N ALA D 419 6.83 16.59 20.64
CA ALA D 419 5.60 15.80 20.78
C ALA D 419 4.75 16.32 21.94
N THR D 420 3.48 16.24 21.76
CA THR D 420 2.43 16.55 22.75
C THR D 420 1.42 15.40 22.74
N VAL D 421 1.01 15.00 23.93
CA VAL D 421 -0.05 13.98 24.16
C VAL D 421 -1.32 14.72 24.57
N TYR D 422 -2.40 14.34 23.91
CA TYR D 422 -3.74 14.91 24.11
C TYR D 422 -4.66 13.78 24.55
N ILE D 423 -5.41 14.03 25.63
CA ILE D 423 -6.45 13.12 26.13
C ILE D 423 -7.78 13.88 26.12
N GLY D 424 -8.88 13.18 25.89
CA GLY D 424 -10.19 13.80 25.89
C GLY D 424 -10.45 14.66 24.66
N LYS D 425 -9.56 14.70 23.73
CA LYS D 425 -9.70 15.52 22.51
C LYS D 425 -10.10 14.61 21.34
N ASP D 426 -10.79 15.20 20.36
CA ASP D 426 -11.37 14.46 19.25
C ASP D 426 -10.73 14.79 17.91
N LEU D 427 -11.31 14.24 16.83
CA LEU D 427 -10.66 14.41 15.50
C LEU D 427 -10.90 15.81 14.94
N TRP D 428 -11.84 16.59 15.51
CA TRP D 428 -11.94 18.01 15.13
C TRP D 428 -10.83 18.81 15.79
N HIS D 429 -10.44 18.45 17.02
CA HIS D 429 -9.21 19.00 17.62
C HIS D 429 -7.99 18.60 16.74
N LEU D 430 -7.87 17.33 16.40
CA LEU D 430 -6.69 16.89 15.64
C LEU D 430 -6.60 17.62 14.29
N ARG D 431 -7.74 17.82 13.63
CA ARG D 431 -7.76 18.58 12.35
C ARG D 431 -7.05 19.94 12.53
N SER D 432 -7.33 20.64 13.64
CA SER D 432 -6.69 21.96 13.87
C SER D 432 -5.16 21.75 13.96
N LEU D 433 -4.71 20.78 14.74
CA LEU D 433 -3.27 20.56 14.92
C LEU D 433 -2.58 20.29 13.59
N VAL D 434 -3.20 19.56 12.67
CA VAL D 434 -2.48 19.21 11.44
C VAL D 434 -2.48 20.37 10.48
N PHE D 435 -3.29 21.41 10.73
CA PHE D 435 -3.17 22.67 10.00
C PHE D 435 -2.11 23.57 10.63
N THR D 436 -2.14 23.76 11.93
CA THR D 436 -1.29 24.76 12.65
C THR D 436 0.14 24.29 12.82
N ASP D 437 0.34 22.98 12.89
CA ASP D 437 1.66 22.38 13.11
C ASP D 437 1.72 21.13 12.24
N LYS D 438 1.86 21.38 10.96
CA LYS D 438 1.63 20.35 9.93
C LYS D 438 2.65 19.23 10.08
N PRO D 439 2.21 17.99 10.23
CA PRO D 439 3.10 16.85 10.16
C PRO D 439 3.22 16.33 8.72
N ASP D 440 4.06 15.31 8.55
CA ASP D 440 4.21 14.67 7.22
C ASP D 440 3.03 13.74 6.90
N PHE D 441 2.55 12.98 7.92
CA PHE D 441 1.48 12.00 7.70
C PHE D 441 0.66 11.89 8.97
N MET D 442 -0.55 11.36 8.83
CA MET D 442 -1.36 10.86 9.96
C MET D 442 -1.31 9.33 9.94
N ILE D 443 -1.28 8.73 11.11
CA ILE D 443 -1.53 7.27 11.27
C ILE D 443 -2.82 7.12 12.08
N GLY D 444 -3.87 6.60 11.44
CA GLY D 444 -5.18 6.56 12.11
C GLY D 444 -6.14 5.67 11.40
N ASN D 445 -7.40 5.74 11.83
CA ASN D 445 -8.48 4.95 11.25
C ASN D 445 -9.15 5.70 10.10
N SER D 446 -10.17 5.09 9.51
CA SER D 446 -10.80 5.64 8.28
C SER D 446 -11.40 7.03 8.46
N TYR D 447 -11.68 7.44 9.70
CA TYR D 447 -12.25 8.78 9.91
C TYR D 447 -11.20 9.86 9.64
N GLY D 448 -9.93 9.46 9.60
CA GLY D 448 -8.85 10.36 9.16
C GLY D 448 -8.96 10.83 7.74
N LYS D 449 -9.70 10.11 6.88
CA LYS D 449 -9.75 10.49 5.46
C LYS D 449 -10.33 11.87 5.33
N PHE D 450 -11.24 12.25 6.21
CA PHE D 450 -11.90 13.57 6.12
C PHE D 450 -10.94 14.68 6.48
N ILE D 451 -10.01 14.40 7.38
CA ILE D 451 -8.96 15.38 7.71
C ILE D 451 -8.07 15.53 6.46
N GLN D 452 -7.65 14.44 5.83
CA GLN D 452 -6.80 14.52 4.63
C GLN D 452 -7.52 15.40 3.60
N ARG D 453 -8.82 15.11 3.37
CA ARG D 453 -9.64 15.92 2.43
C ARG D 453 -9.51 17.41 2.78
N ASP D 454 -9.75 17.74 4.04
CA ASP D 454 -9.72 19.14 4.49
C ASP D 454 -8.38 19.76 4.19
N THR D 455 -7.28 19.06 4.50
CA THR D 455 -5.92 19.64 4.31
C THR D 455 -5.69 19.86 2.82
N LEU D 456 -6.05 18.95 1.96
CA LEU D 456 -5.86 19.15 0.52
C LEU D 456 -6.60 20.40 0.03
N HIS D 457 -7.79 20.65 0.58
CA HIS D 457 -8.59 21.82 0.15
C HIS D 457 -7.81 23.10 0.39
N LYS D 458 -7.02 23.19 1.46
CA LYS D 458 -6.18 24.40 1.65
CA LYS D 458 -6.16 24.39 1.67
C LYS D 458 -5.11 24.46 0.57
N GLY D 459 -4.57 23.34 0.13
CA GLY D 459 -3.67 23.27 -1.04
C GLY D 459 -2.85 21.98 -1.01
N LYS D 460 -2.34 21.55 -2.17
CA LYS D 460 -1.57 20.30 -2.23
C LYS D 460 -0.42 20.35 -1.23
N GLU D 461 0.24 21.50 -1.10
CA GLU D 461 1.40 21.62 -0.18
C GLU D 461 1.01 21.45 1.29
N PHE D 462 -0.26 21.54 1.62
CA PHE D 462 -0.75 21.43 3.01
C PHE D 462 -1.33 20.03 3.27
N GLU D 463 -1.51 19.22 2.22
CA GLU D 463 -2.18 17.93 2.37
C GLU D 463 -1.38 17.02 3.28
N VAL D 464 -2.05 16.35 4.23
CA VAL D 464 -1.44 15.40 5.17
C VAL D 464 -2.02 14.05 4.85
N PRO D 465 -1.29 13.15 4.16
CA PRO D 465 -1.88 11.85 3.81
C PRO D 465 -2.10 10.96 5.04
N LEU D 466 -3.16 10.20 4.97
CA LEU D 466 -3.52 9.21 5.98
C LEU D 466 -2.87 7.86 5.67
N ILE D 467 -2.29 7.29 6.70
CA ILE D 467 -1.83 5.89 6.74
C ILE D 467 -2.77 5.12 7.67
N ARG D 468 -3.49 4.16 7.13
CA ARG D 468 -4.58 3.50 7.89
C ARG D 468 -4.05 2.37 8.77
N ILE D 469 -3.94 2.65 10.08
CA ILE D 469 -3.59 1.65 11.11
C ILE D 469 -4.49 1.97 12.31
N GLY D 470 -5.30 1.01 12.74
CA GLY D 470 -6.23 1.22 13.85
C GLY D 470 -7.58 0.61 13.57
N PHE D 471 -8.59 1.19 14.19
CA PHE D 471 -9.94 0.64 14.08
C PHE D 471 -10.92 1.80 14.19
N PRO D 472 -11.99 1.86 13.38
CA PRO D 472 -12.28 0.96 12.26
C PRO D 472 -11.57 1.40 10.98
N ILE D 473 -11.29 0.40 10.13
CA ILE D 473 -10.87 0.64 8.74
C ILE D 473 -11.93 0.08 7.81
N PHE D 474 -12.67 1.00 7.20
CA PHE D 474 -13.87 0.66 6.42
C PHE D 474 -13.72 0.87 4.91
N ASP D 475 -12.69 1.60 4.48
CA ASP D 475 -12.56 2.10 3.10
C ASP D 475 -11.40 1.47 2.36
N ARG D 476 -10.84 0.41 2.93
CA ARG D 476 -9.87 -0.47 2.30
C ARG D 476 -10.29 -1.89 2.66
N HIS D 477 -9.86 -2.87 1.87
CA HIS D 477 -10.26 -4.25 2.06
C HIS D 477 -9.13 -5.05 2.71
N HIS D 478 -9.48 -5.85 3.70
CA HIS D 478 -8.65 -6.95 4.25
C HIS D 478 -7.48 -6.44 5.07
N LEU D 479 -7.50 -5.18 5.49
CA LEU D 479 -6.41 -4.73 6.36
C LEU D 479 -6.57 -5.32 7.75
N HIS D 480 -7.73 -5.82 8.09
CA HIS D 480 -7.93 -6.49 9.40
C HIS D 480 -7.11 -7.79 9.51
N ARG D 481 -6.59 -8.29 8.41
CA ARG D 481 -5.70 -9.48 8.43
C ARG D 481 -4.28 -9.15 8.91
N SER D 482 -3.93 -7.88 9.01
CA SER D 482 -2.57 -7.43 9.32
C SER D 482 -2.20 -7.76 10.75
N THR D 483 -0.96 -7.42 11.07
CA THR D 483 -0.34 -7.58 12.37
C THR D 483 0.31 -6.27 12.84
N THR D 484 0.15 -5.92 14.09
CA THR D 484 0.87 -4.78 14.71
C THR D 484 1.74 -5.18 15.91
N LEU D 485 1.50 -6.38 16.48
CA LEU D 485 2.29 -6.85 17.64
C LEU D 485 3.55 -7.63 17.19
N GLY D 486 4.50 -7.68 18.11
CA GLY D 486 5.68 -8.53 17.97
C GLY D 486 6.61 -8.05 16.89
N TYR D 487 7.60 -8.86 16.56
CA TYR D 487 8.55 -8.45 15.50
C TYR D 487 7.83 -8.45 14.14
N GLU D 488 6.88 -9.37 13.93
CA GLU D 488 6.15 -9.44 12.67
C GLU D 488 5.33 -8.15 12.48
N GLY D 489 4.67 -7.69 13.54
CA GLY D 489 3.87 -6.45 13.43
C GLY D 489 4.79 -5.26 13.19
N ALA D 490 5.93 -5.24 13.88
CA ALA D 490 6.89 -4.15 13.69
C ALA D 490 7.36 -4.10 12.23
N MET D 491 7.66 -5.28 11.65
CA MET D 491 8.07 -5.35 10.23
C MET D 491 6.98 -4.80 9.34
N GLN D 492 5.73 -5.18 9.61
CA GLN D 492 4.60 -4.70 8.78
C GLN D 492 4.44 -3.18 8.94
N ILE D 493 4.51 -2.67 10.17
CA ILE D 493 4.35 -1.21 10.36
C ILE D 493 5.50 -0.47 9.68
N LEU D 494 6.73 -0.89 9.84
CA LEU D 494 7.91 -0.25 9.22
C LEU D 494 7.72 -0.20 7.71
N THR D 495 7.33 -1.32 7.11
CA THR D 495 7.19 -1.42 5.65
C THR D 495 6.09 -0.44 5.20
N THR D 496 4.94 -0.44 5.89
CA THR D 496 3.83 0.48 5.55
C THR D 496 4.31 1.94 5.65
N LEU D 497 5.01 2.30 6.70
CA LEU D 497 5.43 3.69 6.89
C LEU D 497 6.44 4.10 5.81
N VAL D 498 7.51 3.32 5.62
CA VAL D 498 8.55 3.77 4.66
C VAL D 498 7.94 3.81 3.25
N ASN D 499 7.06 2.90 2.85
CA ASN D 499 6.52 2.90 1.47
C ASN D 499 5.48 4.01 1.33
N SER D 500 4.80 4.42 2.42
CA SER D 500 3.93 5.62 2.38
C SER D 500 4.75 6.87 2.09
N ILE D 501 5.89 6.97 2.75
CA ILE D 501 6.84 8.09 2.54
C ILE D 501 7.27 8.07 1.06
N LEU D 502 7.68 6.92 0.56
CA LEU D 502 8.22 6.87 -0.83
C LEU D 502 7.12 7.06 -1.85
N GLU D 503 5.91 6.56 -1.61
CA GLU D 503 4.74 6.81 -2.51
C GLU D 503 4.48 8.32 -2.63
N ARG D 504 4.51 9.02 -1.48
CA ARG D 504 4.24 10.47 -1.52
C ARG D 504 5.38 11.19 -2.22
N LEU D 505 6.63 10.80 -1.96
CA LEU D 505 7.77 11.46 -2.63
C LEU D 505 7.64 11.23 -4.14
N ASP D 506 7.29 10.02 -4.60
CA ASP D 506 7.08 9.79 -6.03
C ASP D 506 5.97 10.71 -6.55
N GLU D 507 4.87 10.93 -5.82
CA GLU D 507 3.82 11.84 -6.31
C GLU D 507 4.40 13.24 -6.45
N GLU D 508 5.18 13.69 -5.48
CA GLU D 508 5.69 15.06 -5.47
C GLU D 508 6.77 15.28 -6.54
N THR D 509 7.39 14.20 -7.04
CA THR D 509 8.49 14.27 -8.02
C THR D 509 8.06 13.73 -9.38
N ARG D 510 6.77 13.59 -9.63
CA ARG D 510 6.28 12.98 -10.89
C ARG D 510 6.16 14.04 -12.00
N GLY D 511 6.34 15.31 -11.71
CA GLY D 511 6.04 16.38 -12.66
C GLY D 511 7.13 16.55 -13.69
N MET D 512 6.81 16.25 -14.93
CA MET D 512 7.71 16.25 -16.09
CA MET D 512 7.89 16.20 -15.96
C MET D 512 8.45 17.59 -16.19
N GLN D 513 9.76 17.61 -16.14
CA GLN D 513 10.59 18.82 -16.36
C GLN D 513 10.36 19.84 -15.25
N ALA D 514 9.78 19.47 -14.15
CA ALA D 514 9.48 20.37 -13.03
C ALA D 514 10.12 19.77 -11.75
N THR D 515 9.66 18.62 -11.30
CA THR D 515 10.16 17.99 -10.05
C THR D 515 10.74 16.63 -10.35
N ASP D 516 10.64 16.13 -11.61
CA ASP D 516 11.09 14.73 -11.87
C ASP D 516 12.60 14.60 -11.98
N TYR D 517 13.35 15.68 -11.75
CA TYR D 517 14.81 15.52 -11.56
C TYR D 517 15.08 14.57 -10.40
N ASN D 518 14.20 14.51 -9.40
CA ASN D 518 14.30 13.63 -8.22
C ASN D 518 13.36 12.41 -8.29
N HIS D 519 12.93 12.02 -9.48
CA HIS D 519 12.03 10.85 -9.63
C HIS D 519 12.92 9.60 -9.77
N ASP D 520 13.67 9.25 -8.75
CA ASP D 520 14.71 8.20 -8.85
C ASP D 520 14.11 6.81 -9.05
N LEU D 521 14.74 6.00 -9.90
CA LEU D 521 14.43 4.58 -10.01
C LEU D 521 14.72 3.87 -8.67
N VAL D 522 15.86 4.20 -8.07
CA VAL D 522 16.40 3.50 -6.87
C VAL D 522 16.22 4.40 -5.64
N ARG D 523 15.60 3.89 -4.59
CA ARG D 523 15.47 4.59 -3.29
C ARG D 523 15.84 3.64 -2.15
#